data_3OM6
#
_entry.id   3OM6
#
_cell.length_a   93.786
_cell.length_b   100.018
_cell.length_c   95.544
_cell.angle_alpha   90.000
_cell.angle_beta   90.590
_cell.angle_gamma   90.000
#
_symmetry.space_group_name_H-M   'P 1 21 1'
#
loop_
_entity.id
_entity.type
_entity.pdbx_description
1 polymer Levansucrase
2 non-polymer 'CALCIUM ION'
3 non-polymer 'SULFATE ION'
4 non-polymer 'TRIETHYLENE GLYCOL'
5 water water
#
_entity_poly.entity_id   1
_entity_poly.type   'polypeptide(L)'
_entity_poly.pdbx_seq_one_letter_code
;AKGNDSKDFNNSYGISHITRDNMVKIPQQQNSDQFKVPAFDESTIKNIASAKGKNASGNTIDLDVWDSWPLQNADGTVAT
YHGYQIVFALAGDPKDSNDTSVYLFYKKAGDKSIDSWKNAGRVFKDSDKFVPNDPHLKNQTQEWSGSGTLTKDGKVRLFY
TDYSGKQYGKQTLTTAQVNMSQPNDNTLKVDGVEDYKSIFDGDGKIYQTVQQFIDEGGADTGDNHTLRDPHYIEDNGHKY
LVFEANTGTEDGYQGEDSLYNRAYYGGNNPFFQSEKKKLLEGSNKEKASLANGALGIIELNDDYTLKKVMKPLITSNTVT
DEIERANIFKKDGKWYLFTDSRGSKMTIDGIGQDDVYMLGYVSNTLTGKYKPLNDTGLVLHMDLDPNDKTFTYSHFAVPQ
TKGDNVVITSYMTNRGFYEDNHSTFAPSFLVNIDGSKTSVVKDRVLEQGQLTVDED
;
_entity_poly.pdbx_strand_id   A,B,C,D
#
loop_
_chem_comp.id
_chem_comp.type
_chem_comp.name
_chem_comp.formula
CA non-polymer 'CALCIUM ION' 'Ca 2'
PGE non-polymer 'TRIETHYLENE GLYCOL' 'C6 H14 O4'
SO4 non-polymer 'SULFATE ION' 'O4 S -2'
#
# COMPACT_ATOMS: atom_id res chain seq x y z
N SER A 6 2.02 34.18 0.56
CA SER A 6 1.48 34.00 1.94
C SER A 6 0.47 32.84 1.99
N LYS A 7 -0.22 32.71 3.13
CA LYS A 7 -1.24 31.68 3.31
C LYS A 7 -2.54 32.00 2.57
N ASP A 8 -2.69 33.26 2.16
CA ASP A 8 -3.85 33.69 1.36
C ASP A 8 -3.83 33.05 -0.03
N PHE A 9 -5.01 32.63 -0.49
CA PHE A 9 -5.15 32.04 -1.83
C PHE A 9 -6.57 32.20 -2.36
N ASN A 10 -6.77 31.85 -3.62
CA ASN A 10 -8.08 31.89 -4.25
C ASN A 10 -8.33 30.61 -5.05
N ASN A 11 -9.20 29.76 -4.51
CA ASN A 11 -9.58 28.50 -5.14
C ASN A 11 -11.09 28.32 -5.21
N SER A 12 -11.65 28.43 -6.42
CA SER A 12 -13.08 28.28 -6.62
C SER A 12 -13.48 26.81 -6.79
N TYR A 13 -12.53 25.99 -7.24
CA TYR A 13 -12.74 24.55 -7.50
C TYR A 13 -13.75 24.30 -8.64
N GLY A 14 -13.88 25.31 -9.51
CA GLY A 14 -14.78 25.23 -10.67
C GLY A 14 -16.25 25.27 -10.33
N ILE A 15 -16.57 25.66 -9.10
CA ILE A 15 -17.94 25.64 -8.59
C ILE A 15 -18.34 26.97 -7.95
N SER A 16 -19.65 27.19 -7.81
CA SER A 16 -20.19 28.40 -7.20
C SER A 16 -20.07 28.35 -5.67
N HIS A 17 -20.17 29.52 -5.04
CA HIS A 17 -20.02 29.62 -3.59
C HIS A 17 -20.96 30.65 -2.96
N ILE A 18 -21.52 30.29 -1.80
CA ILE A 18 -22.26 31.22 -0.97
C ILE A 18 -21.24 32.04 -0.19
N THR A 19 -21.02 33.28 -0.64
CA THR A 19 -19.92 34.10 -0.13
C THR A 19 -20.29 34.86 1.13
N ARG A 20 -19.28 35.14 1.95
CA ARG A 20 -19.46 35.88 3.20
C ARG A 20 -19.92 37.31 2.98
N ASP A 21 -19.45 37.92 1.89
CA ASP A 21 -19.83 39.30 1.53
C ASP A 21 -21.33 39.45 1.27
N ASN A 22 -21.92 38.46 0.60
CA ASN A 22 -23.35 38.46 0.35
C ASN A 22 -24.17 38.19 1.61
N MET A 23 -23.63 37.34 2.49
CA MET A 23 -24.30 36.96 3.73
C MET A 23 -24.32 38.06 4.80
N VAL A 24 -23.28 38.89 4.83
CA VAL A 24 -23.21 40.00 5.78
C VAL A 24 -24.16 41.15 5.41
N LYS A 25 -24.59 41.16 4.15
CA LYS A 25 -25.50 42.19 3.63
C LYS A 25 -26.97 41.87 3.89
N ILE A 26 -27.27 40.61 4.23
CA ILE A 26 -28.65 40.16 4.45
C ILE A 26 -29.36 40.85 5.63
N PRO A 27 -28.69 40.99 6.80
CA PRO A 27 -29.37 41.62 7.94
C PRO A 27 -29.98 43.00 7.65
N GLN A 28 -29.24 43.85 6.93
CA GLN A 28 -29.72 45.20 6.59
C GLN A 28 -30.68 45.20 5.40
N GLN A 29 -30.86 44.03 4.78
CA GLN A 29 -31.73 43.86 3.63
C GLN A 29 -33.04 43.16 4.01
N GLN A 30 -32.97 42.27 5.00
CA GLN A 30 -34.03 41.31 5.30
C GLN A 30 -35.36 41.86 5.80
N ASN A 31 -35.32 42.96 6.55
CA ASN A 31 -36.52 43.55 7.15
C ASN A 31 -37.42 44.23 6.10
N SER A 32 -38.08 43.40 5.30
CA SER A 32 -38.92 43.85 4.19
C SER A 32 -39.91 42.76 3.82
N ASP A 33 -41.13 43.17 3.48
CA ASP A 33 -42.19 42.23 3.08
C ASP A 33 -41.92 41.55 1.74
N GLN A 34 -40.87 41.99 1.05
CA GLN A 34 -40.37 41.33 -0.14
C GLN A 34 -39.79 39.95 0.22
N PHE A 35 -39.26 39.84 1.44
CA PHE A 35 -38.58 38.63 1.88
C PHE A 35 -39.23 37.96 3.10
N LYS A 36 -39.91 38.75 3.91
CA LYS A 36 -40.53 38.26 5.15
C LYS A 36 -41.56 37.16 4.86
N VAL A 37 -41.45 36.05 5.59
CA VAL A 37 -42.46 35.00 5.55
C VAL A 37 -43.77 35.59 6.07
N PRO A 38 -44.86 35.46 5.29
CA PRO A 38 -46.16 36.03 5.66
C PRO A 38 -46.58 35.68 7.08
N ALA A 39 -47.21 36.63 7.76
CA ALA A 39 -47.80 36.39 9.07
C ALA A 39 -49.06 35.54 8.87
N PHE A 40 -49.13 34.43 9.62
CA PHE A 40 -50.25 33.51 9.49
C PHE A 40 -51.30 33.71 10.58
N ASP A 41 -52.56 33.58 10.20
CA ASP A 41 -53.68 33.73 11.13
C ASP A 41 -53.74 32.54 12.07
N GLU A 42 -53.55 32.82 13.37
CA GLU A 42 -53.38 31.79 14.38
C GLU A 42 -54.65 31.03 14.72
N SER A 43 -55.80 31.69 14.60
CA SER A 43 -57.10 31.11 14.96
C SER A 43 -57.55 30.01 14.01
N THR A 44 -57.11 30.09 12.76
CA THR A 44 -57.55 29.16 11.71
C THR A 44 -56.61 27.97 11.51
N ILE A 45 -55.56 27.89 12.31
CA ILE A 45 -54.58 26.81 12.22
C ILE A 45 -55.13 25.52 12.84
N LYS A 46 -55.13 24.45 12.06
CA LYS A 46 -55.65 23.15 12.49
C LYS A 46 -54.61 22.05 12.28
N ASN A 47 -54.74 20.98 13.04
CA ASN A 47 -53.95 19.77 12.82
C ASN A 47 -54.42 19.05 11.56
N ILE A 48 -53.58 18.19 11.01
CA ILE A 48 -54.02 17.29 9.95
C ILE A 48 -54.90 16.22 10.61
N ALA A 49 -56.16 16.17 10.20
CA ALA A 49 -57.15 15.29 10.83
C ALA A 49 -56.84 13.81 10.67
N SER A 50 -56.28 13.45 9.51
CA SER A 50 -55.93 12.06 9.21
C SER A 50 -54.56 11.65 9.75
N ALA A 51 -53.86 12.58 10.39
CA ALA A 51 -52.53 12.32 10.96
C ALA A 51 -52.59 11.44 12.22
N LYS A 52 -53.34 10.35 12.13
CA LYS A 52 -53.44 9.36 13.19
C LYS A 52 -52.42 8.26 12.92
N GLY A 53 -51.87 7.69 13.99
CA GLY A 53 -50.88 6.62 13.89
C GLY A 53 -50.65 5.91 15.19
N LYS A 54 -49.93 4.78 15.12
CA LYS A 54 -49.61 4.00 16.31
C LYS A 54 -48.21 4.33 16.85
N ASN A 55 -48.13 4.64 18.14
CA ASN A 55 -46.85 4.89 18.80
C ASN A 55 -46.06 3.59 19.01
N ALA A 56 -44.82 3.72 19.46
CA ALA A 56 -43.94 2.57 19.69
C ALA A 56 -44.49 1.59 20.73
N SER A 57 -45.52 2.03 21.44
CA SER A 57 -46.19 1.21 22.44
C SER A 57 -47.33 0.40 21.83
N GLY A 58 -47.99 0.94 20.82
CA GLY A 58 -49.09 0.28 20.13
C GLY A 58 -50.39 1.05 20.16
N ASN A 59 -50.44 2.11 20.99
CA ASN A 59 -51.64 2.93 21.15
C ASN A 59 -51.79 3.97 20.03
N THR A 60 -53.02 4.16 19.56
CA THR A 60 -53.30 5.14 18.52
C THR A 60 -53.21 6.57 19.08
N ILE A 61 -52.44 7.42 18.38
CA ILE A 61 -52.21 8.80 18.81
C ILE A 61 -52.14 9.75 17.61
N ASP A 62 -52.24 11.05 17.90
CA ASP A 62 -52.04 12.09 16.90
C ASP A 62 -50.55 12.27 16.62
N LEU A 63 -50.20 12.32 15.35
CA LEU A 63 -48.80 12.41 14.92
C LEU A 63 -48.37 13.85 14.70
N ASP A 64 -47.09 14.13 14.94
CA ASP A 64 -46.48 15.38 14.53
C ASP A 64 -45.95 15.21 13.11
N VAL A 65 -46.44 16.03 12.19
CA VAL A 65 -46.06 15.96 10.78
C VAL A 65 -45.09 17.08 10.46
N TRP A 66 -43.92 16.70 9.94
CA TRP A 66 -42.83 17.64 9.69
C TRP A 66 -42.58 17.84 8.20
N ASP A 67 -41.31 17.68 7.79
CA ASP A 67 -40.88 17.86 6.41
C ASP A 67 -41.76 17.10 5.44
N SER A 68 -42.28 17.81 4.44
CA SER A 68 -43.15 17.20 3.42
C SER A 68 -42.79 17.61 2.01
N TRP A 69 -42.98 16.69 1.07
CA TRP A 69 -42.75 16.95 -0.35
C TRP A 69 -43.84 16.30 -1.21
N PRO A 70 -44.28 17.01 -2.26
CA PRO A 70 -45.33 16.46 -3.12
C PRO A 70 -44.80 15.53 -4.21
N LEU A 71 -45.64 14.61 -4.68
CA LEU A 71 -45.33 13.80 -5.84
C LEU A 71 -45.26 14.72 -7.06
N GLN A 72 -44.10 14.74 -7.71
CA GLN A 72 -43.82 15.72 -8.75
C GLN A 72 -43.68 15.08 -10.13
N ASN A 73 -44.05 15.84 -11.15
CA ASN A 73 -43.68 15.54 -12.53
C ASN A 73 -42.19 15.83 -12.70
N ALA A 74 -41.58 15.23 -13.72
CA ALA A 74 -40.15 15.33 -13.96
C ALA A 74 -39.60 16.76 -14.01
N ASP A 75 -40.42 17.70 -14.49
CA ASP A 75 -40.02 19.10 -14.59
C ASP A 75 -40.20 19.88 -13.27
N GLY A 76 -40.84 19.25 -12.28
CA GLY A 76 -41.01 19.86 -10.97
C GLY A 76 -42.45 20.16 -10.58
N THR A 77 -43.33 20.21 -11.58
CA THR A 77 -44.75 20.48 -11.35
C THR A 77 -45.44 19.35 -10.59
N VAL A 78 -46.52 19.68 -9.87
CA VAL A 78 -47.24 18.70 -9.06
C VAL A 78 -47.94 17.66 -9.93
N ALA A 79 -47.62 16.40 -9.69
CA ALA A 79 -48.17 15.28 -10.44
C ALA A 79 -49.64 15.02 -10.10
N THR A 80 -50.32 14.34 -11.02
CA THR A 80 -51.69 13.91 -10.80
C THR A 80 -51.74 12.39 -10.94
N TYR A 81 -52.04 11.71 -9.83
CA TYR A 81 -52.08 10.25 -9.79
C TYR A 81 -53.52 9.77 -9.60
N HIS A 82 -54.12 9.28 -10.69
CA HIS A 82 -55.51 8.80 -10.70
C HIS A 82 -56.50 9.82 -10.10
N GLY A 83 -56.27 11.10 -10.39
CA GLY A 83 -57.11 12.19 -9.89
C GLY A 83 -56.72 12.67 -8.51
N TYR A 84 -55.58 12.21 -8.00
CA TYR A 84 -55.11 12.60 -6.67
C TYR A 84 -53.79 13.37 -6.71
N GLN A 85 -53.65 14.31 -5.77
CA GLN A 85 -52.35 14.88 -5.45
C GLN A 85 -51.79 14.10 -4.26
N ILE A 86 -50.50 13.79 -4.30
CA ILE A 86 -49.87 12.98 -3.26
C ILE A 86 -48.76 13.75 -2.56
N VAL A 87 -48.77 13.74 -1.23
CA VAL A 87 -47.70 14.32 -0.43
C VAL A 87 -47.05 13.26 0.45
N PHE A 88 -45.72 13.16 0.37
CA PHE A 88 -44.95 12.36 1.30
C PHE A 88 -44.51 13.26 2.45
N ALA A 89 -44.62 12.76 3.67
CA ALA A 89 -44.29 13.57 4.86
C ALA A 89 -43.66 12.74 5.97
N LEU A 90 -42.63 13.30 6.60
CA LEU A 90 -42.03 12.71 7.79
C LEU A 90 -42.97 12.94 8.98
N ALA A 91 -43.25 11.88 9.72
CA ALA A 91 -44.12 11.96 10.90
C ALA A 91 -43.73 10.95 11.97
N GLY A 92 -44.15 11.20 13.20
CA GLY A 92 -43.86 10.30 14.31
C GLY A 92 -44.39 10.79 15.65
N ASP A 93 -44.01 10.08 16.70
CA ASP A 93 -44.40 10.41 18.07
C ASP A 93 -43.24 11.09 18.81
N PRO A 94 -43.47 12.32 19.32
CA PRO A 94 -42.49 13.05 20.13
C PRO A 94 -42.12 12.35 21.45
N LYS A 95 -42.99 11.46 21.92
CA LYS A 95 -42.72 10.65 23.12
C LYS A 95 -41.71 9.54 22.79
N ASP A 96 -41.40 9.41 21.51
CA ASP A 96 -40.31 8.59 21.02
C ASP A 96 -39.42 9.50 20.17
N SER A 97 -38.97 10.59 20.80
CA SER A 97 -38.33 11.75 20.15
C SER A 97 -37.57 11.50 18.85
N ASN A 98 -36.64 10.52 18.89
CA ASN A 98 -35.75 10.18 17.78
C ASN A 98 -36.30 9.21 16.72
N ASP A 99 -37.47 9.51 16.21
CA ASP A 99 -38.05 8.64 15.18
C ASP A 99 -38.91 9.35 14.14
N THR A 100 -38.47 9.31 12.90
CA THR A 100 -39.24 9.85 11.77
C THR A 100 -39.49 8.77 10.73
N SER A 101 -40.75 8.64 10.32
CA SER A 101 -41.14 7.70 9.27
C SER A 101 -41.88 8.42 8.16
N VAL A 102 -41.68 7.97 6.92
CA VAL A 102 -42.32 8.57 5.76
C VAL A 102 -43.76 8.08 5.63
N TYR A 103 -44.71 9.02 5.69
CA TYR A 103 -46.13 8.74 5.51
C TYR A 103 -46.60 9.25 4.16
N LEU A 104 -47.65 8.63 3.62
CA LEU A 104 -48.22 9.07 2.35
C LEU A 104 -49.61 9.68 2.57
N PHE A 105 -49.71 10.97 2.26
CA PHE A 105 -50.98 11.70 2.33
C PHE A 105 -51.51 11.95 0.91
N TYR A 106 -52.81 11.85 0.75
CA TYR A 106 -53.44 12.03 -0.56
C TYR A 106 -54.74 12.84 -0.49
N LYS A 107 -55.01 13.59 -1.55
CA LYS A 107 -56.18 14.45 -1.64
C LYS A 107 -56.69 14.52 -3.08
N LYS A 108 -58.01 14.48 -3.24
CA LYS A 108 -58.64 14.68 -4.55
C LYS A 108 -58.34 16.08 -5.08
N ALA A 109 -58.12 16.17 -6.39
CA ALA A 109 -57.70 17.42 -7.03
C ALA A 109 -58.68 18.59 -6.83
N GLY A 110 -59.96 18.27 -6.72
CA GLY A 110 -61.00 19.29 -6.52
C GLY A 110 -61.04 19.87 -5.12
N ASP A 111 -60.79 19.01 -4.12
CA ASP A 111 -60.78 19.40 -2.71
C ASP A 111 -59.64 20.37 -2.40
N LYS A 112 -59.80 21.17 -1.35
CA LYS A 112 -58.84 22.23 -1.01
C LYS A 112 -58.43 22.29 0.46
N SER A 113 -59.33 21.90 1.36
CA SER A 113 -59.11 22.04 2.80
C SER A 113 -58.07 21.07 3.37
N ILE A 114 -57.58 21.37 4.57
CA ILE A 114 -56.64 20.51 5.28
C ILE A 114 -57.31 19.20 5.74
N ASP A 115 -58.62 19.27 5.98
CA ASP A 115 -59.42 18.10 6.36
C ASP A 115 -59.59 17.11 5.21
N SER A 116 -59.32 17.57 3.99
CA SER A 116 -59.44 16.75 2.79
C SER A 116 -58.25 15.81 2.57
N TRP A 117 -57.14 16.09 3.24
CA TRP A 117 -55.95 15.26 3.16
C TRP A 117 -56.12 13.95 3.92
N LYS A 118 -56.21 12.85 3.17
CA LYS A 118 -56.36 11.52 3.76
C LYS A 118 -55.01 10.82 3.88
N ASN A 119 -54.90 9.89 4.83
CA ASN A 119 -53.65 9.21 5.14
C ASN A 119 -53.65 7.75 4.74
N ALA A 120 -52.73 7.39 3.85
CA ALA A 120 -52.55 6.00 3.41
C ALA A 120 -51.65 5.21 4.36
N GLY A 121 -51.07 5.91 5.33
CA GLY A 121 -50.17 5.30 6.31
C GLY A 121 -48.71 5.42 5.92
N ARG A 122 -47.86 4.65 6.60
CA ARG A 122 -46.42 4.62 6.31
C ARG A 122 -46.15 4.00 4.94
N VAL A 123 -45.14 4.52 4.26
CA VAL A 123 -44.69 3.97 2.98
C VAL A 123 -44.03 2.61 3.19
N PHE A 124 -43.20 2.53 4.24
CA PHE A 124 -42.46 1.30 4.56
C PHE A 124 -42.96 0.68 5.86
N LYS A 125 -42.93 -0.64 5.90
CA LYS A 125 -43.08 -1.38 7.15
C LYS A 125 -41.70 -1.44 7.80
N ASP A 126 -41.68 -1.73 9.10
CA ASP A 126 -40.40 -1.90 9.81
C ASP A 126 -39.58 -3.05 9.24
N SER A 127 -40.24 -3.93 8.50
CA SER A 127 -39.65 -5.12 7.90
C SER A 127 -39.00 -4.88 6.54
N ASP A 128 -39.48 -3.86 5.83
CA ASP A 128 -39.08 -3.58 4.44
C ASP A 128 -37.58 -3.36 4.23
N LYS A 129 -36.92 -2.74 5.21
CA LYS A 129 -35.50 -2.43 5.11
C LYS A 129 -34.57 -3.65 5.16
N PHE A 130 -35.09 -4.75 5.71
CA PHE A 130 -34.29 -5.97 5.88
C PHE A 130 -34.47 -6.98 4.74
N VAL A 131 -35.42 -6.70 3.85
CA VAL A 131 -35.75 -7.62 2.74
C VAL A 131 -34.70 -7.69 1.61
N PRO A 132 -34.34 -6.54 1.00
CA PRO A 132 -33.47 -6.62 -0.18
C PRO A 132 -32.01 -6.85 0.18
N ASN A 133 -31.20 -7.23 -0.80
CA ASN A 133 -29.77 -7.35 -0.58
C ASN A 133 -29.15 -5.96 -0.78
N ASP A 134 -28.83 -5.30 0.32
CA ASP A 134 -28.34 -3.93 0.35
C ASP A 134 -27.22 -3.78 1.38
N PRO A 135 -26.19 -2.96 1.06
CA PRO A 135 -25.08 -2.77 1.99
C PRO A 135 -25.37 -1.83 3.17
N HIS A 136 -26.52 -1.16 3.16
CA HIS A 136 -26.81 -0.13 4.18
C HIS A 136 -28.17 -0.24 4.88
N LEU A 137 -29.19 -0.69 4.14
CA LEU A 137 -30.58 -0.61 4.60
C LEU A 137 -30.89 -1.28 5.95
N LYS A 138 -30.22 -2.40 6.25
CA LYS A 138 -30.46 -3.09 7.52
C LYS A 138 -29.96 -2.32 8.75
N ASN A 139 -29.22 -1.25 8.52
CA ASN A 139 -28.68 -0.41 9.59
C ASN A 139 -29.51 0.86 9.85
N GLN A 140 -30.57 1.03 9.06
CA GLN A 140 -31.43 2.22 9.13
C GLN A 140 -32.16 2.36 10.47
N THR A 141 -32.02 3.53 11.09
CA THR A 141 -32.73 3.85 12.32
C THR A 141 -33.86 4.84 12.08
N GLN A 142 -33.67 5.74 11.12
CA GLN A 142 -34.65 6.77 10.79
C GLN A 142 -34.80 6.97 9.28
N GLU A 143 -36.02 7.32 8.87
CA GLU A 143 -36.31 7.69 7.49
C GLU A 143 -36.35 9.21 7.39
N TRP A 144 -35.47 9.77 6.55
CA TRP A 144 -35.36 11.22 6.41
C TRP A 144 -35.81 11.72 5.03
N SER A 145 -35.78 13.03 4.82
CA SER A 145 -36.41 13.68 3.66
C SER A 145 -35.80 13.35 2.30
N GLY A 146 -36.58 13.63 1.25
CA GLY A 146 -36.16 13.43 -0.13
C GLY A 146 -37.16 14.00 -1.12
N SER A 147 -37.46 13.24 -2.17
CA SER A 147 -38.40 13.65 -3.20
C SER A 147 -39.20 12.49 -3.79
N GLY A 148 -40.30 12.81 -4.47
CA GLY A 148 -41.12 11.81 -5.15
C GLY A 148 -41.41 12.21 -6.59
N THR A 149 -41.21 11.27 -7.50
CA THR A 149 -41.47 11.51 -8.93
C THR A 149 -42.42 10.49 -9.53
N LEU A 150 -43.31 10.96 -10.40
CA LEU A 150 -44.20 10.10 -11.17
C LEU A 150 -43.54 9.79 -12.52
N THR A 151 -43.14 8.53 -12.69
CA THR A 151 -42.40 8.09 -13.87
C THR A 151 -43.25 8.13 -15.14
N LYS A 152 -42.59 7.98 -16.29
CA LYS A 152 -43.25 7.88 -17.59
C LYS A 152 -44.12 6.61 -17.69
N ASP A 153 -43.78 5.61 -16.88
CA ASP A 153 -44.53 4.37 -16.79
C ASP A 153 -45.68 4.50 -15.78
N GLY A 154 -45.79 5.67 -15.15
CA GLY A 154 -46.85 5.94 -14.18
C GLY A 154 -46.65 5.25 -12.85
N LYS A 155 -45.40 5.06 -12.47
CA LYS A 155 -45.05 4.43 -11.19
C LYS A 155 -44.63 5.49 -10.19
N VAL A 156 -45.01 5.28 -8.93
CA VAL A 156 -44.64 6.19 -7.85
C VAL A 156 -43.21 5.88 -7.39
N ARG A 157 -42.28 6.74 -7.78
CA ARG A 157 -40.87 6.55 -7.45
C ARG A 157 -40.44 7.50 -6.34
N LEU A 158 -40.02 6.91 -5.22
CA LEU A 158 -39.62 7.65 -4.04
C LEU A 158 -38.11 7.74 -3.92
N PHE A 159 -37.64 8.90 -3.46
CA PHE A 159 -36.25 9.09 -3.06
C PHE A 159 -36.27 9.67 -1.66
N TYR A 160 -35.53 9.05 -0.74
CA TYR A 160 -35.46 9.51 0.64
C TYR A 160 -34.09 9.23 1.24
N THR A 161 -33.88 9.65 2.48
CA THR A 161 -32.61 9.46 3.17
C THR A 161 -32.66 8.35 4.20
N ASP A 162 -31.79 7.36 4.03
CA ASP A 162 -31.56 6.33 5.04
C ASP A 162 -30.60 6.89 6.08
N TYR A 163 -31.13 7.11 7.29
CA TYR A 163 -30.31 7.59 8.41
C TYR A 163 -30.02 6.46 9.37
N SER A 164 -28.75 6.33 9.75
CA SER A 164 -28.32 5.30 10.69
C SER A 164 -27.68 5.93 11.94
N GLY A 165 -28.46 5.96 13.02
CA GLY A 165 -27.98 6.47 14.31
C GLY A 165 -27.01 5.53 14.99
N LYS A 166 -27.08 4.26 14.60
CA LYS A 166 -26.20 3.22 15.10
C LYS A 166 -24.86 3.18 14.38
N GLN A 167 -24.78 3.90 13.27
CA GLN A 167 -23.55 4.01 12.49
C GLN A 167 -23.09 5.46 12.37
N TYR A 168 -23.01 6.13 13.52
CA TYR A 168 -22.45 7.49 13.66
C TYR A 168 -23.15 8.55 12.81
N GLY A 169 -24.42 8.33 12.51
CA GLY A 169 -25.20 9.26 11.69
C GLY A 169 -24.94 9.10 10.19
N LYS A 170 -24.80 7.85 9.74
CA LYS A 170 -24.57 7.55 8.34
C LYS A 170 -25.84 7.82 7.51
N GLN A 171 -25.69 8.64 6.48
CA GLN A 171 -26.81 9.03 5.63
C GLN A 171 -26.58 8.54 4.19
N THR A 172 -27.53 7.75 3.70
CA THR A 172 -27.43 7.17 2.35
C THR A 172 -28.66 7.55 1.51
N LEU A 173 -28.40 8.02 0.30
CA LEU A 173 -29.46 8.33 -0.66
C LEU A 173 -30.08 7.02 -1.17
N THR A 174 -31.37 6.86 -0.91
CA THR A 174 -32.06 5.60 -1.14
C THR A 174 -33.28 5.81 -2.03
N THR A 175 -33.60 4.79 -2.82
CA THR A 175 -34.79 4.83 -3.67
C THR A 175 -35.69 3.61 -3.50
N ALA A 176 -36.95 3.78 -3.88
CA ALA A 176 -37.93 2.68 -3.87
C ALA A 176 -39.12 3.03 -4.76
N GLN A 177 -39.70 2.02 -5.39
CA GLN A 177 -40.95 2.15 -6.11
C GLN A 177 -42.09 1.86 -5.15
N VAL A 178 -43.00 2.81 -5.00
CA VAL A 178 -44.13 2.66 -4.09
C VAL A 178 -45.35 2.13 -4.85
N ASN A 179 -45.67 0.86 -4.62
CA ASN A 179 -46.79 0.21 -5.30
C ASN A 179 -48.13 0.63 -4.70
N MET A 180 -49.00 1.16 -5.55
CA MET A 180 -50.29 1.71 -5.12
C MET A 180 -51.47 0.91 -5.67
N SER A 181 -52.63 1.06 -5.04
CA SER A 181 -53.88 0.48 -5.50
C SER A 181 -55.07 1.31 -5.02
N GLN A 182 -56.20 1.16 -5.70
CA GLN A 182 -57.45 1.81 -5.31
C GLN A 182 -58.46 0.74 -4.89
N PRO A 183 -58.59 0.50 -3.57
CA PRO A 183 -59.61 -0.43 -3.06
C PRO A 183 -61.02 0.03 -3.38
N ASN A 184 -61.25 1.34 -3.32
CA ASN A 184 -62.51 1.94 -3.76
C ASN A 184 -62.30 3.21 -4.59
N ASP A 185 -63.39 3.91 -4.90
CA ASP A 185 -63.35 5.10 -5.75
C ASP A 185 -62.82 6.37 -5.09
N ASN A 186 -62.63 6.33 -3.77
CA ASN A 186 -62.10 7.47 -3.03
C ASN A 186 -60.98 7.14 -2.03
N THR A 187 -60.26 6.05 -2.29
CA THR A 187 -59.18 5.60 -1.41
C THR A 187 -57.95 5.12 -2.18
N LEU A 188 -56.79 5.60 -1.74
CA LEU A 188 -55.50 5.08 -2.19
C LEU A 188 -54.88 4.22 -1.10
N LYS A 189 -54.27 3.10 -1.50
CA LYS A 189 -53.66 2.17 -0.56
C LYS A 189 -52.21 1.88 -0.94
N VAL A 190 -51.33 1.89 0.06
CA VAL A 190 -49.94 1.45 -0.12
C VAL A 190 -49.91 -0.07 -0.03
N ASP A 191 -49.57 -0.71 -1.15
CA ASP A 191 -49.51 -2.16 -1.25
C ASP A 191 -48.20 -2.70 -0.66
N GLY A 192 -47.12 -1.99 -0.95
CA GLY A 192 -45.77 -2.38 -0.53
C GLY A 192 -44.75 -1.69 -1.42
N VAL A 193 -43.47 -2.06 -1.24
CA VAL A 193 -42.38 -1.44 -2.01
C VAL A 193 -41.54 -2.46 -2.78
N GLU A 194 -40.93 -2.00 -3.86
CA GLU A 194 -39.96 -2.78 -4.64
C GLU A 194 -38.89 -1.88 -5.24
N ASP A 195 -37.85 -2.49 -5.81
CA ASP A 195 -36.65 -1.78 -6.27
C ASP A 195 -36.06 -0.91 -5.13
N TYR A 196 -36.11 -1.46 -3.92
CA TYR A 196 -35.70 -0.78 -2.71
C TYR A 196 -34.20 -1.00 -2.51
N LYS A 197 -33.42 0.06 -2.73
CA LYS A 197 -31.96 -0.04 -2.75
C LYS A 197 -31.24 1.28 -2.47
N SER A 198 -30.00 1.17 -2.00
CA SER A 198 -29.12 2.33 -1.80
C SER A 198 -28.49 2.76 -3.11
N ILE A 199 -28.22 4.06 -3.23
CA ILE A 199 -27.60 4.62 -4.43
C ILE A 199 -26.21 5.20 -4.13
N PHE A 200 -26.13 6.08 -3.14
CA PHE A 200 -24.90 6.84 -2.88
C PHE A 200 -24.79 7.28 -1.42
N ASP A 201 -23.59 7.16 -0.85
CA ASP A 201 -23.34 7.58 0.54
C ASP A 201 -22.03 8.38 0.71
N GLY A 202 -21.54 8.96 -0.37
CA GLY A 202 -20.31 9.75 -0.33
C GLY A 202 -19.13 9.01 -0.94
N ASP A 203 -18.21 9.77 -1.55
CA ASP A 203 -17.04 9.20 -2.22
C ASP A 203 -15.73 9.53 -1.50
N GLY A 204 -15.71 10.63 -0.77
CA GLY A 204 -14.53 11.05 -0.02
C GLY A 204 -13.77 12.21 -0.66
N LYS A 205 -13.76 12.22 -2.00
CA LYS A 205 -13.05 13.26 -2.76
C LYS A 205 -13.95 14.44 -3.12
N ILE A 206 -15.17 14.13 -3.55
CA ILE A 206 -16.13 15.17 -3.96
C ILE A 206 -17.12 15.44 -2.83
N TYR A 207 -17.54 14.37 -2.15
CA TYR A 207 -18.46 14.49 -1.01
C TYR A 207 -17.95 13.72 0.20
N GLN A 208 -18.07 14.35 1.37
CA GLN A 208 -17.59 13.79 2.63
C GLN A 208 -18.33 12.50 2.99
N THR A 209 -17.56 11.50 3.41
CA THR A 209 -18.13 10.26 3.94
C THR A 209 -18.28 10.36 5.45
N VAL A 210 -19.05 9.44 6.03
CA VAL A 210 -19.23 9.38 7.48
C VAL A 210 -17.94 8.93 8.17
N GLN A 211 -17.11 8.17 7.45
CA GLN A 211 -15.84 7.67 7.98
C GLN A 211 -14.85 8.82 8.23
N GLN A 212 -14.79 9.75 7.29
CA GLN A 212 -13.95 10.95 7.43
C GLN A 212 -14.43 11.84 8.58
N PHE A 213 -15.74 11.89 8.77
CA PHE A 213 -16.35 12.60 9.90
C PHE A 213 -15.83 12.04 11.23
N ILE A 214 -15.91 10.71 11.38
CA ILE A 214 -15.40 10.03 12.55
C ILE A 214 -13.89 10.25 12.71
N ASP A 215 -13.15 9.99 11.63
CA ASP A 215 -11.68 10.04 11.64
C ASP A 215 -11.08 11.39 12.05
N GLU A 216 -11.78 12.48 11.76
CA GLU A 216 -11.33 13.81 12.19
C GLU A 216 -11.84 14.19 13.58
N GLY A 217 -12.51 13.26 14.26
CA GLY A 217 -13.04 13.49 15.60
C GLY A 217 -14.27 14.37 15.59
N GLY A 218 -15.19 14.06 14.68
CA GLY A 218 -16.39 14.88 14.46
C GLY A 218 -17.36 14.96 15.63
N ALA A 219 -17.42 13.88 16.42
CA ALA A 219 -18.36 13.79 17.54
C ALA A 219 -18.09 14.78 18.67
N ASP A 220 -16.85 15.26 18.74
CA ASP A 220 -16.44 16.22 19.78
C ASP A 220 -16.25 17.63 19.25
N THR A 221 -15.69 17.75 18.05
CA THR A 221 -15.37 19.04 17.44
C THR A 221 -16.61 19.88 17.10
N GLY A 222 -17.76 19.23 16.98
CA GLY A 222 -19.00 19.89 16.62
C GLY A 222 -19.21 19.95 15.12
N ASP A 223 -18.64 18.98 14.42
CA ASP A 223 -18.77 18.86 12.98
C ASP A 223 -20.16 18.32 12.63
N ASN A 224 -20.68 18.71 11.48
CA ASN A 224 -21.97 18.24 11.02
C ASN A 224 -21.88 17.51 9.69
N HIS A 225 -22.00 16.19 9.74
CA HIS A 225 -21.99 15.37 8.53
C HIS A 225 -23.39 15.23 7.95
N THR A 226 -23.53 15.56 6.67
CA THR A 226 -24.82 15.48 5.98
C THR A 226 -24.68 14.82 4.61
N LEU A 227 -25.63 13.95 4.29
CA LEU A 227 -25.81 13.43 2.93
C LEU A 227 -27.27 13.04 2.76
N ARG A 228 -28.12 14.04 2.55
CA ARG A 228 -29.56 13.88 2.65
C ARG A 228 -30.37 14.77 1.69
N ASP A 229 -31.69 14.65 1.80
CA ASP A 229 -32.65 15.44 1.03
C ASP A 229 -32.46 15.36 -0.51
N PRO A 230 -32.45 14.15 -1.07
CA PRO A 230 -32.26 14.02 -2.52
C PRO A 230 -33.48 14.49 -3.33
N HIS A 231 -33.25 15.39 -4.28
CA HIS A 231 -34.31 15.94 -5.10
C HIS A 231 -34.15 15.58 -6.58
N TYR A 232 -35.09 14.80 -7.09
CA TYR A 232 -35.07 14.32 -8.47
C TYR A 232 -35.37 15.44 -9.48
N ILE A 233 -34.61 15.45 -10.57
CA ILE A 233 -34.78 16.42 -11.67
C ILE A 233 -34.29 15.83 -12.99
N GLU A 234 -34.89 16.29 -14.09
CA GLU A 234 -34.51 15.84 -15.43
C GLU A 234 -34.07 16.99 -16.33
N ASP A 235 -33.01 16.74 -17.11
CA ASP A 235 -32.50 17.72 -18.08
C ASP A 235 -31.83 17.00 -19.25
N ASN A 236 -32.24 17.35 -20.46
CA ASN A 236 -31.67 16.82 -21.70
C ASN A 236 -31.61 15.29 -21.78
N GLY A 237 -32.62 14.63 -21.21
CA GLY A 237 -32.70 13.17 -21.21
C GLY A 237 -31.98 12.50 -20.07
N HIS A 238 -31.18 13.25 -19.33
CA HIS A 238 -30.45 12.74 -18.18
C HIS A 238 -31.27 12.88 -16.89
N LYS A 239 -31.01 11.98 -15.94
CA LYS A 239 -31.71 11.98 -14.65
C LYS A 239 -30.75 12.30 -13.52
N TYR A 240 -31.14 13.22 -12.64
CA TYR A 240 -30.26 13.67 -11.56
C TYR A 240 -30.93 13.67 -10.17
N LEU A 241 -30.10 13.57 -9.15
CA LEU A 241 -30.51 13.88 -7.77
C LEU A 241 -29.65 15.01 -7.22
N VAL A 242 -30.31 16.07 -6.76
CA VAL A 242 -29.61 17.17 -6.08
C VAL A 242 -29.90 17.06 -4.58
N PHE A 243 -28.85 17.13 -3.76
CA PHE A 243 -28.92 16.75 -2.35
C PHE A 243 -28.00 17.58 -1.46
N GLU A 244 -28.35 17.64 -0.17
CA GLU A 244 -27.50 18.27 0.84
C GLU A 244 -26.30 17.37 1.14
N ALA A 245 -25.10 17.95 1.08
CA ALA A 245 -23.88 17.22 1.35
C ALA A 245 -22.80 18.11 1.98
N ASN A 246 -21.61 17.54 2.13
CA ASN A 246 -20.44 18.27 2.58
C ASN A 246 -19.28 17.97 1.65
N THR A 247 -18.40 18.95 1.44
CA THR A 247 -17.31 18.81 0.48
C THR A 247 -16.33 17.70 0.89
N GLY A 248 -15.72 17.09 -0.12
CA GLY A 248 -14.68 16.08 0.09
C GLY A 248 -13.30 16.71 0.10
N THR A 249 -12.27 15.86 0.05
CA THR A 249 -10.88 16.32 0.21
C THR A 249 -10.34 17.16 -0.95
N GLU A 250 -10.98 17.08 -2.12
CA GLU A 250 -10.42 17.70 -3.32
C GLU A 250 -11.20 18.88 -3.92
N ASP A 251 -12.40 19.15 -3.41
CA ASP A 251 -13.19 20.27 -3.90
C ASP A 251 -13.43 21.37 -2.85
N GLY A 252 -12.42 21.58 -2.00
CA GLY A 252 -12.49 22.60 -0.95
C GLY A 252 -12.91 22.03 0.39
N TYR A 253 -12.03 21.23 0.97
CA TYR A 253 -12.31 20.53 2.23
C TYR A 253 -12.37 21.48 3.43
N GLN A 254 -13.03 21.03 4.48
CA GLN A 254 -13.08 21.75 5.75
C GLN A 254 -11.70 21.81 6.41
N GLY A 255 -11.54 22.73 7.35
CA GLY A 255 -10.26 22.93 8.03
C GLY A 255 -9.87 24.40 8.07
N GLU A 256 -8.70 24.67 8.64
CA GLU A 256 -8.24 26.04 8.87
C GLU A 256 -7.90 26.80 7.59
N ASP A 257 -7.36 26.08 6.60
CA ASP A 257 -6.94 26.69 5.33
C ASP A 257 -8.10 27.37 4.59
N SER A 258 -9.30 26.84 4.74
CA SER A 258 -10.49 27.39 4.09
C SER A 258 -10.74 28.86 4.46
N LEU A 259 -10.32 29.24 5.67
CA LEU A 259 -10.46 30.62 6.15
C LEU A 259 -9.53 31.59 5.40
N TYR A 260 -8.57 31.04 4.66
CA TYR A 260 -7.65 31.85 3.87
C TYR A 260 -8.05 31.93 2.40
N ASN A 261 -9.05 31.13 2.01
CA ASN A 261 -9.51 31.08 0.61
C ASN A 261 -10.46 32.22 0.28
N ARG A 262 -9.98 33.16 -0.54
CA ARG A 262 -10.74 34.36 -0.93
C ARG A 262 -12.07 34.06 -1.63
N ALA A 263 -12.15 32.91 -2.31
CA ALA A 263 -13.35 32.51 -3.05
C ALA A 263 -14.59 32.34 -2.17
N TYR A 264 -14.38 32.04 -0.88
CA TYR A 264 -15.48 31.88 0.05
C TYR A 264 -15.93 33.20 0.67
N TYR A 265 -15.11 34.24 0.49
CA TYR A 265 -15.38 35.55 1.10
C TYR A 265 -16.13 36.49 0.16
N GLY A 266 -15.62 36.63 -1.06
CA GLY A 266 -16.12 37.63 -2.00
C GLY A 266 -15.70 39.03 -1.58
N GLY A 267 -16.30 40.04 -2.20
CA GLY A 267 -15.99 41.44 -1.89
C GLY A 267 -14.56 41.85 -2.20
N ASN A 268 -14.12 42.93 -1.57
CA ASN A 268 -12.76 43.44 -1.76
C ASN A 268 -11.73 42.83 -0.80
N ASN A 269 -10.46 43.14 -1.02
CA ASN A 269 -9.38 42.67 -0.15
C ASN A 269 -9.49 43.15 1.29
N PRO A 270 -9.80 44.45 1.51
CA PRO A 270 -10.07 44.93 2.87
C PRO A 270 -11.11 44.10 3.63
N PHE A 271 -12.21 43.75 2.95
CA PHE A 271 -13.24 42.91 3.54
C PHE A 271 -12.68 41.54 3.91
N PHE A 272 -11.96 40.93 2.97
CA PHE A 272 -11.32 39.62 3.19
C PHE A 272 -10.38 39.65 4.39
N GLN A 273 -9.47 40.63 4.42
CA GLN A 273 -8.50 40.75 5.50
C GLN A 273 -9.15 40.98 6.87
N SER A 274 -10.16 41.85 6.91
CA SER A 274 -10.86 42.17 8.16
C SER A 274 -11.72 41.01 8.66
N GLU A 275 -12.49 40.41 7.74
CA GLU A 275 -13.38 39.29 8.05
C GLU A 275 -12.59 38.03 8.45
N LYS A 276 -11.46 37.79 7.78
CA LYS A 276 -10.58 36.66 8.07
C LYS A 276 -9.93 36.81 9.44
N LYS A 277 -9.43 38.02 9.73
CA LYS A 277 -8.80 38.35 11.00
C LYS A 277 -9.74 38.09 12.19
N LYS A 278 -10.99 38.55 12.05
CA LYS A 278 -12.01 38.37 13.08
C LYS A 278 -12.33 36.89 13.27
N LEU A 279 -12.28 36.15 12.16
CA LEU A 279 -12.63 34.72 12.16
C LEU A 279 -11.52 33.87 12.79
N LEU A 280 -10.27 34.24 12.55
CA LEU A 280 -9.12 33.51 13.09
C LEU A 280 -8.90 33.74 14.59
N GLU A 281 -9.30 34.92 15.06
CA GLU A 281 -9.16 35.28 16.48
C GLU A 281 -10.28 34.72 17.34
N GLY A 282 -11.51 34.78 16.82
CA GLY A 282 -12.72 34.57 17.62
C GLY A 282 -13.06 33.14 17.99
N SER A 283 -14.16 33.00 18.75
CA SER A 283 -14.66 31.71 19.20
C SER A 283 -15.42 30.97 18.10
N ASN A 284 -15.61 31.63 16.96
CA ASN A 284 -16.24 31.02 15.79
C ASN A 284 -15.22 30.41 14.83
N LYS A 285 -13.95 30.40 15.23
CA LYS A 285 -12.85 29.87 14.41
C LYS A 285 -13.08 28.42 13.98
N GLU A 286 -13.33 27.55 14.96
CA GLU A 286 -13.58 26.14 14.70
C GLU A 286 -14.85 25.94 13.89
N LYS A 287 -15.91 26.64 14.28
CA LYS A 287 -17.21 26.56 13.61
C LYS A 287 -17.10 26.89 12.12
N ALA A 288 -16.44 28.01 11.80
CA ALA A 288 -16.22 28.41 10.42
C ALA A 288 -15.30 27.44 9.66
N SER A 289 -14.28 26.93 10.35
CA SER A 289 -13.34 25.97 9.75
C SER A 289 -14.03 24.66 9.39
N LEU A 290 -14.93 24.20 10.24
CA LEU A 290 -15.65 22.96 10.02
C LEU A 290 -16.80 23.12 9.03
N ALA A 291 -17.24 24.36 8.82
CA ALA A 291 -18.34 24.67 7.91
C ALA A 291 -17.96 24.42 6.46
N ASN A 292 -18.48 23.33 5.89
CA ASN A 292 -18.24 23.01 4.47
C ASN A 292 -19.46 22.39 3.77
N GLY A 293 -20.63 22.98 4.00
CA GLY A 293 -21.86 22.54 3.34
C GLY A 293 -21.80 22.62 1.84
N ALA A 294 -22.53 21.73 1.16
CA ALA A 294 -22.56 21.71 -0.31
C ALA A 294 -23.91 21.19 -0.83
N LEU A 295 -24.31 21.71 -1.98
CA LEU A 295 -25.44 21.16 -2.71
C LEU A 295 -24.90 20.33 -3.86
N GLY A 296 -24.88 19.02 -3.66
CA GLY A 296 -24.30 18.08 -4.61
C GLY A 296 -25.26 17.62 -5.68
N ILE A 297 -24.70 17.04 -6.74
CA ILE A 297 -25.48 16.48 -7.85
C ILE A 297 -24.85 15.18 -8.34
N ILE A 298 -25.69 14.16 -8.52
CA ILE A 298 -25.26 12.89 -9.12
C ILE A 298 -26.20 12.50 -10.26
N GLU A 299 -25.65 11.87 -11.28
CA GLU A 299 -26.47 11.35 -12.39
C GLU A 299 -26.86 9.90 -12.10
N LEU A 300 -28.08 9.54 -12.50
CA LEU A 300 -28.59 8.19 -12.27
C LEU A 300 -28.81 7.45 -13.59
N ASN A 301 -28.69 6.13 -13.53
CA ASN A 301 -29.09 5.25 -14.63
C ASN A 301 -30.60 5.17 -14.74
N ASP A 302 -31.09 4.49 -15.77
CA ASP A 302 -32.53 4.31 -15.98
C ASP A 302 -33.18 3.43 -14.91
N ASP A 303 -32.40 2.53 -14.32
CA ASP A 303 -32.87 1.70 -13.21
C ASP A 303 -32.68 2.39 -11.85
N TYR A 304 -32.25 3.65 -11.91
CA TYR A 304 -32.08 4.53 -10.74
C TYR A 304 -30.85 4.23 -9.87
N THR A 305 -29.91 3.45 -10.42
CA THR A 305 -28.60 3.27 -9.78
C THR A 305 -27.70 4.45 -10.11
N LEU A 306 -26.60 4.58 -9.38
CA LEU A 306 -25.63 5.66 -9.61
C LEU A 306 -24.92 5.50 -10.95
N LYS A 307 -24.91 6.57 -11.74
CA LYS A 307 -24.20 6.59 -13.01
C LYS A 307 -22.87 7.35 -12.88
N LYS A 308 -22.95 8.59 -12.42
CA LYS A 308 -21.76 9.44 -12.29
C LYS A 308 -21.86 10.39 -11.09
N VAL A 309 -20.78 10.45 -10.31
CA VAL A 309 -20.66 11.38 -9.19
C VAL A 309 -20.07 12.69 -9.72
N MET A 310 -20.88 13.74 -9.69
CA MET A 310 -20.50 15.04 -10.26
C MET A 310 -20.05 16.01 -9.19
N LYS A 311 -19.31 17.05 -9.60
CA LYS A 311 -18.91 18.14 -8.70
C LYS A 311 -20.15 18.88 -8.18
N PRO A 312 -20.05 19.49 -6.98
CA PRO A 312 -21.20 20.17 -6.38
C PRO A 312 -21.64 21.39 -7.18
N LEU A 313 -22.92 21.75 -7.07
CA LEU A 313 -23.45 22.94 -7.72
C LEU A 313 -22.99 24.22 -7.02
N ILE A 314 -22.97 24.16 -5.68
CA ILE A 314 -22.60 25.30 -4.85
C ILE A 314 -22.15 24.82 -3.46
N THR A 315 -21.28 25.58 -2.81
CA THR A 315 -20.86 25.30 -1.44
C THR A 315 -21.08 26.48 -0.51
N SER A 316 -21.10 26.21 0.78
CA SER A 316 -21.23 27.26 1.81
C SER A 316 -20.04 27.22 2.77
N ASN A 317 -18.84 26.97 2.24
CA ASN A 317 -17.63 26.91 3.04
C ASN A 317 -17.44 28.16 3.91
N THR A 318 -17.10 27.94 5.16
CA THR A 318 -16.91 28.98 6.19
C THR A 318 -18.22 29.63 6.64
N VAL A 319 -19.25 29.57 5.81
CA VAL A 319 -20.53 30.21 6.10
C VAL A 319 -21.40 29.33 7.01
N THR A 320 -21.64 28.09 6.58
CA THR A 320 -22.40 27.12 7.38
C THR A 320 -22.07 25.68 6.96
N ASP A 321 -22.30 24.75 7.87
CA ASP A 321 -22.07 23.33 7.62
C ASP A 321 -23.38 22.64 7.22
N GLU A 322 -24.46 23.41 7.21
CA GLU A 322 -25.80 22.85 6.99
C GLU A 322 -26.65 23.71 6.05
N ILE A 323 -26.73 23.28 4.79
CA ILE A 323 -27.64 23.89 3.82
C ILE A 323 -28.69 22.86 3.38
N GLU A 324 -29.92 23.06 3.85
CA GLU A 324 -30.94 22.00 3.84
C GLU A 324 -31.99 22.12 2.73
N ARG A 325 -32.73 21.02 2.54
CA ARG A 325 -33.79 20.90 1.53
C ARG A 325 -33.37 21.42 0.16
N ALA A 326 -32.48 20.67 -0.50
CA ALA A 326 -32.01 21.03 -1.83
C ALA A 326 -33.18 21.02 -2.81
N ASN A 327 -33.36 22.14 -3.52
CA ASN A 327 -34.43 22.27 -4.50
C ASN A 327 -33.93 22.90 -5.78
N ILE A 328 -34.31 22.32 -6.91
CA ILE A 328 -33.92 22.81 -8.23
C ILE A 328 -35.02 22.58 -9.27
N PHE A 329 -35.25 23.60 -10.10
CA PHE A 329 -36.22 23.50 -11.20
C PHE A 329 -35.92 24.53 -12.29
N LYS A 330 -36.36 24.21 -13.51
CA LYS A 330 -36.16 25.08 -14.66
C LYS A 330 -37.35 26.02 -14.84
N LYS A 331 -37.06 27.29 -15.07
CA LYS A 331 -38.09 28.31 -15.30
C LYS A 331 -37.57 29.39 -16.23
N ASP A 332 -38.38 29.74 -17.23
CA ASP A 332 -38.02 30.74 -18.26
C ASP A 332 -36.64 30.51 -18.87
N GLY A 333 -36.31 29.25 -19.12
CA GLY A 333 -35.01 28.87 -19.68
C GLY A 333 -33.84 28.91 -18.71
N LYS A 334 -34.07 29.34 -17.48
CA LYS A 334 -33.01 29.42 -16.48
C LYS A 334 -33.22 28.39 -15.38
N TRP A 335 -32.12 28.02 -14.74
CA TRP A 335 -32.14 27.04 -13.65
C TRP A 335 -32.09 27.72 -12.29
N TYR A 336 -33.06 27.41 -11.44
CA TYR A 336 -33.16 28.00 -10.11
C TYR A 336 -32.85 26.99 -9.01
N LEU A 337 -31.97 27.38 -8.08
CA LEU A 337 -31.53 26.51 -7.00
C LEU A 337 -31.83 27.13 -5.64
N PHE A 338 -32.40 26.35 -4.74
CA PHE A 338 -32.83 26.85 -3.43
C PHE A 338 -32.32 26.01 -2.27
N THR A 339 -32.11 26.66 -1.14
CA THR A 339 -31.68 25.99 0.09
C THR A 339 -32.20 26.67 1.34
N ASP A 340 -32.58 25.87 2.34
CA ASP A 340 -32.93 26.38 3.66
C ASP A 340 -31.70 26.41 4.55
N SER A 341 -31.57 27.47 5.34
CA SER A 341 -30.41 27.65 6.21
C SER A 341 -30.79 28.22 7.57
N ARG A 342 -30.22 27.63 8.62
CA ARG A 342 -30.40 28.10 9.99
C ARG A 342 -29.34 29.13 10.36
N GLY A 343 -29.78 30.27 10.88
CA GLY A 343 -28.89 31.33 11.34
C GLY A 343 -28.02 30.90 12.50
N SER A 344 -28.53 29.96 13.30
CA SER A 344 -27.80 29.41 14.44
C SER A 344 -26.57 28.58 14.01
N LYS A 345 -26.61 28.10 12.76
CA LYS A 345 -25.50 27.33 12.20
C LYS A 345 -24.49 28.20 11.46
N MET A 346 -24.90 29.42 11.13
CA MET A 346 -24.06 30.35 10.37
C MET A 346 -23.05 31.07 11.26
N THR A 347 -22.01 31.63 10.64
CA THR A 347 -20.93 32.30 11.36
C THR A 347 -20.87 33.79 11.01
N ILE A 348 -21.99 34.34 10.55
CA ILE A 348 -22.02 35.70 10.00
C ILE A 348 -22.52 36.73 11.01
N ASP A 349 -21.82 37.86 11.08
CA ASP A 349 -22.20 38.99 11.93
C ASP A 349 -23.56 39.55 11.50
N GLY A 350 -24.45 39.73 12.47
CA GLY A 350 -25.79 40.27 12.20
C GLY A 350 -26.87 39.22 12.10
N ILE A 351 -26.48 37.97 11.86
CA ILE A 351 -27.43 36.86 11.77
C ILE A 351 -27.41 36.05 13.07
N GLY A 352 -28.59 35.90 13.68
CA GLY A 352 -28.71 35.28 15.00
C GLY A 352 -29.42 33.94 15.06
N GLN A 353 -29.72 33.50 16.27
CA GLN A 353 -30.32 32.19 16.53
C GLN A 353 -31.74 32.04 16.01
N ASP A 354 -32.49 33.13 15.98
CA ASP A 354 -33.89 33.11 15.55
C ASP A 354 -34.09 33.16 14.03
N ASP A 355 -33.05 33.60 13.32
CA ASP A 355 -33.14 33.77 11.86
C ASP A 355 -33.11 32.44 11.10
N VAL A 356 -34.16 32.21 10.31
CA VAL A 356 -34.23 31.05 9.43
C VAL A 356 -34.46 31.55 8.00
N TYR A 357 -33.71 31.00 7.05
CA TYR A 357 -33.71 31.50 5.68
C TYR A 357 -34.03 30.46 4.62
N MET A 358 -34.61 30.92 3.51
CA MET A 358 -34.50 30.21 2.25
C MET A 358 -33.66 31.06 1.30
N LEU A 359 -32.61 30.46 0.76
CA LEU A 359 -31.71 31.15 -0.16
C LEU A 359 -31.92 30.63 -1.58
N GLY A 360 -31.64 31.48 -2.57
CA GLY A 360 -31.91 31.15 -3.97
C GLY A 360 -30.85 31.61 -4.95
N TYR A 361 -30.63 30.82 -5.99
CA TYR A 361 -29.55 31.04 -6.95
C TYR A 361 -29.98 30.70 -8.38
N VAL A 362 -29.52 31.50 -9.34
CA VAL A 362 -29.92 31.35 -10.75
C VAL A 362 -28.71 31.07 -11.67
N SER A 363 -28.89 30.11 -12.57
CA SER A 363 -27.88 29.78 -13.57
C SER A 363 -28.50 29.60 -14.96
N ASN A 364 -27.70 29.80 -16.00
CA ASN A 364 -28.13 29.61 -17.38
C ASN A 364 -28.11 28.14 -17.81
N THR A 365 -27.34 27.33 -17.07
CA THR A 365 -27.30 25.88 -17.28
C THR A 365 -27.40 25.16 -15.93
N LEU A 366 -27.74 23.88 -15.96
CA LEU A 366 -27.91 23.06 -14.76
C LEU A 366 -26.67 23.04 -13.87
N THR A 367 -25.50 22.94 -14.50
CA THR A 367 -24.23 22.83 -13.77
C THR A 367 -23.35 24.09 -13.91
N GLY A 368 -23.92 25.15 -14.49
CA GLY A 368 -23.19 26.40 -14.69
C GLY A 368 -22.99 27.22 -13.42
N LYS A 369 -22.59 28.47 -13.59
CA LYS A 369 -22.34 29.37 -12.46
C LYS A 369 -23.65 29.89 -11.86
N TYR A 370 -23.85 29.61 -10.57
CA TYR A 370 -25.04 30.05 -9.87
C TYR A 370 -24.85 31.40 -9.17
N LYS A 371 -25.61 32.38 -9.64
CA LYS A 371 -25.56 33.74 -9.12
C LYS A 371 -26.69 33.97 -8.13
N PRO A 372 -26.42 34.73 -7.04
CA PRO A 372 -27.41 34.97 -5.98
C PRO A 372 -28.63 35.78 -6.44
N LEU A 373 -29.82 35.31 -6.07
CA LEU A 373 -31.06 36.04 -6.34
C LEU A 373 -31.17 37.22 -5.39
N ASN A 374 -31.71 38.33 -5.90
CA ASN A 374 -31.86 39.57 -5.13
C ASN A 374 -30.52 40.10 -4.57
N ASP A 375 -29.45 39.88 -5.35
CA ASP A 375 -28.09 40.36 -5.05
C ASP A 375 -27.33 39.54 -3.99
N THR A 376 -28.03 39.13 -2.94
CA THR A 376 -27.41 38.47 -1.79
C THR A 376 -27.68 36.96 -1.72
N GLY A 377 -28.74 36.51 -2.37
CA GLY A 377 -29.17 35.11 -2.29
C GLY A 377 -30.41 34.94 -1.43
N LEU A 378 -30.76 35.97 -0.67
CA LEU A 378 -31.93 35.96 0.21
C LEU A 378 -33.24 35.89 -0.58
N VAL A 379 -34.10 34.94 -0.20
CA VAL A 379 -35.43 34.82 -0.80
C VAL A 379 -36.52 34.89 0.29
N LEU A 380 -36.30 34.18 1.39
CA LEU A 380 -37.25 34.16 2.50
C LEU A 380 -36.58 34.35 3.85
N HIS A 381 -37.24 35.08 4.74
CA HIS A 381 -36.76 35.30 6.09
C HIS A 381 -37.86 35.00 7.12
N MET A 382 -37.56 34.05 8.01
CA MET A 382 -38.46 33.64 9.07
C MET A 382 -37.70 33.78 10.38
N ASP A 383 -38.18 34.67 11.26
CA ASP A 383 -37.48 34.95 12.52
C ASP A 383 -38.36 34.79 13.76
N LEU A 384 -39.49 34.10 13.59
CA LEU A 384 -40.39 33.81 14.71
C LEU A 384 -39.74 32.85 15.69
N ASP A 385 -39.94 33.11 16.97
CA ASP A 385 -39.43 32.28 18.05
C ASP A 385 -39.97 30.84 17.93
N PRO A 386 -39.11 29.84 18.21
CA PRO A 386 -39.51 28.42 18.16
C PRO A 386 -40.72 28.07 19.04
N ASN A 387 -41.01 28.92 20.02
CA ASN A 387 -42.16 28.74 20.91
C ASN A 387 -43.47 29.25 20.33
N ASP A 388 -43.40 30.13 19.34
CA ASP A 388 -44.58 30.65 18.65
C ASP A 388 -45.36 29.54 17.97
N LYS A 389 -46.69 29.65 18.01
CA LYS A 389 -47.58 28.69 17.36
C LYS A 389 -47.36 28.63 15.85
N THR A 390 -47.19 29.79 15.22
CA THR A 390 -47.07 29.87 13.76
C THR A 390 -45.63 29.82 13.23
N PHE A 391 -44.72 29.27 14.04
CA PHE A 391 -43.35 28.99 13.62
C PHE A 391 -43.37 28.06 12.42
N THR A 392 -42.63 28.40 11.37
CA THR A 392 -42.55 27.56 10.17
C THR A 392 -41.12 27.13 9.84
N TYR A 393 -40.99 26.00 9.15
CA TYR A 393 -39.69 25.42 8.82
C TYR A 393 -39.79 24.53 7.57
N SER A 394 -38.65 24.28 6.94
CA SER A 394 -38.54 23.40 5.76
C SER A 394 -39.26 23.97 4.53
N HIS A 395 -39.07 25.28 4.32
CA HIS A 395 -39.68 26.01 3.20
C HIS A 395 -39.23 25.46 1.85
N PHE A 396 -40.20 25.13 1.00
CA PHE A 396 -39.95 24.46 -0.27
C PHE A 396 -40.75 25.11 -1.39
N ALA A 397 -40.05 25.50 -2.45
CA ALA A 397 -40.67 26.16 -3.60
C ALA A 397 -41.19 25.14 -4.61
N VAL A 398 -42.50 25.20 -4.85
CA VAL A 398 -43.16 24.28 -5.77
C VAL A 398 -43.50 24.99 -7.08
N PRO A 399 -42.92 24.54 -8.21
CA PRO A 399 -43.15 25.16 -9.51
C PRO A 399 -44.56 24.89 -10.03
N GLN A 400 -45.07 25.81 -10.85
CA GLN A 400 -46.44 25.73 -11.36
C GLN A 400 -46.47 25.57 -12.88
N THR A 401 -47.61 25.10 -13.40
CA THR A 401 -47.80 24.92 -14.84
C THR A 401 -47.75 26.24 -15.61
N LYS A 402 -48.44 27.25 -15.09
CA LYS A 402 -48.47 28.59 -15.70
C LYS A 402 -48.28 29.68 -14.66
N GLY A 403 -47.88 30.86 -15.13
CA GLY A 403 -47.63 32.00 -14.24
C GLY A 403 -46.19 32.08 -13.76
N ASP A 404 -45.85 33.21 -13.14
CA ASP A 404 -44.50 33.45 -12.65
C ASP A 404 -44.35 33.12 -11.16
N ASN A 405 -45.46 32.79 -10.52
CA ASN A 405 -45.48 32.52 -9.09
C ASN A 405 -45.17 31.06 -8.75
N VAL A 406 -44.41 30.87 -7.67
CA VAL A 406 -44.16 29.55 -7.12
C VAL A 406 -44.85 29.41 -5.76
N VAL A 407 -45.34 28.21 -5.45
CA VAL A 407 -46.00 27.95 -4.18
C VAL A 407 -44.98 27.51 -3.14
N ILE A 408 -44.97 28.20 -2.01
CA ILE A 408 -44.09 27.85 -0.90
C ILE A 408 -44.82 26.99 0.13
N THR A 409 -44.35 25.76 0.31
CA THR A 409 -44.85 24.89 1.37
C THR A 409 -43.86 24.89 2.52
N SER A 410 -44.37 24.60 3.72
CA SER A 410 -43.54 24.43 4.92
C SER A 410 -44.37 23.72 5.98
N TYR A 411 -43.72 23.21 7.02
CA TYR A 411 -44.45 22.65 8.15
C TYR A 411 -44.53 23.64 9.32
N MET A 412 -45.68 23.65 9.98
CA MET A 412 -45.89 24.53 11.13
C MET A 412 -45.86 23.70 12.41
N THR A 413 -44.90 24.01 13.28
CA THR A 413 -44.68 23.27 14.52
C THR A 413 -45.90 23.23 15.44
N ASN A 414 -46.63 24.35 15.48
CA ASN A 414 -47.95 24.41 16.13
C ASN A 414 -47.95 24.03 17.62
N ARG A 415 -46.87 24.39 18.33
CA ARG A 415 -46.73 24.07 19.75
C ARG A 415 -47.38 25.10 20.67
N GLY A 416 -48.70 25.26 20.55
CA GLY A 416 -49.45 26.15 21.42
C GLY A 416 -49.81 25.49 22.73
N PHE A 417 -50.25 26.29 23.71
CA PHE A 417 -50.68 25.77 25.01
C PHE A 417 -52.06 25.13 24.92
N TYR A 418 -52.85 25.55 23.93
CA TYR A 418 -54.19 25.00 23.71
C TYR A 418 -54.28 24.25 22.38
N GLU A 419 -55.34 23.46 22.23
CA GLU A 419 -55.65 22.72 21.00
C GLU A 419 -56.07 23.72 19.90
N ASP A 420 -55.60 23.53 18.66
CA ASP A 420 -54.75 22.41 18.22
C ASP A 420 -53.29 22.59 18.58
N ASN A 421 -52.56 21.47 18.67
CA ASN A 421 -51.19 21.47 19.18
C ASN A 421 -50.22 20.44 18.58
N HIS A 422 -50.42 20.10 17.31
CA HIS A 422 -49.53 19.15 16.62
C HIS A 422 -48.90 19.73 15.36
N SER A 423 -47.64 19.39 15.12
CA SER A 423 -46.91 19.82 13.93
C SER A 423 -47.69 19.43 12.67
N THR A 424 -48.00 20.43 11.86
CA THR A 424 -48.96 20.27 10.76
C THR A 424 -48.50 20.98 9.48
N PHE A 425 -49.32 20.87 8.43
CA PHE A 425 -49.10 21.63 7.19
C PHE A 425 -49.29 23.11 7.47
N ALA A 426 -48.27 23.92 7.19
CA ALA A 426 -48.40 25.36 7.28
C ALA A 426 -49.25 25.87 6.12
N PRO A 427 -49.94 27.02 6.29
CA PRO A 427 -50.58 27.65 5.14
C PRO A 427 -49.53 27.98 4.08
N SER A 428 -49.84 27.64 2.83
CA SER A 428 -48.93 27.93 1.73
C SER A 428 -49.07 29.39 1.30
N PHE A 429 -48.07 29.90 0.60
CA PHE A 429 -48.11 31.25 0.04
C PHE A 429 -47.34 31.32 -1.28
N LEU A 430 -47.43 32.47 -1.94
CA LEU A 430 -46.85 32.62 -3.28
C LEU A 430 -45.61 33.52 -3.29
N VAL A 431 -44.66 33.17 -4.16
CA VAL A 431 -43.46 33.98 -4.39
C VAL A 431 -43.27 34.17 -5.90
N ASN A 432 -43.19 35.44 -6.30
CA ASN A 432 -42.99 35.81 -7.69
C ASN A 432 -41.52 35.68 -8.09
N ILE A 433 -41.28 35.10 -9.25
CA ILE A 433 -39.92 34.97 -9.81
C ILE A 433 -39.80 35.76 -11.10
N ASP A 434 -38.89 36.73 -11.11
CA ASP A 434 -38.65 37.55 -12.30
C ASP A 434 -37.15 37.77 -12.50
N GLY A 435 -36.55 36.97 -13.38
CA GLY A 435 -35.11 37.02 -13.65
C GLY A 435 -34.32 36.55 -12.45
N SER A 436 -33.47 37.43 -11.94
CA SER A 436 -32.71 37.16 -10.71
C SER A 436 -33.32 37.87 -9.49
N LYS A 437 -34.61 38.20 -9.60
CA LYS A 437 -35.34 38.90 -8.54
C LYS A 437 -36.54 38.09 -8.07
N THR A 438 -36.71 38.01 -6.75
CA THR A 438 -37.86 37.30 -6.14
C THR A 438 -38.57 38.17 -5.12
N SER A 439 -39.89 37.98 -5.01
CA SER A 439 -40.70 38.72 -4.05
C SER A 439 -41.90 37.91 -3.56
N VAL A 440 -42.18 38.01 -2.26
CA VAL A 440 -43.37 37.40 -1.66
C VAL A 440 -44.61 38.17 -2.14
N VAL A 441 -45.61 37.44 -2.62
CA VAL A 441 -46.87 38.04 -3.02
C VAL A 441 -47.69 38.37 -1.77
N LYS A 442 -47.99 39.67 -1.59
CA LYS A 442 -48.62 40.16 -0.37
C LYS A 442 -50.09 39.80 -0.27
N ASP A 443 -50.50 39.38 0.92
CA ASP A 443 -51.88 38.99 1.25
C ASP A 443 -52.47 37.95 0.32
N ARG A 444 -51.66 36.97 -0.06
CA ARG A 444 -52.14 35.80 -0.80
C ARG A 444 -51.80 34.52 -0.03
N VAL A 445 -52.32 34.43 1.18
CA VAL A 445 -52.13 33.26 2.03
C VAL A 445 -53.11 32.17 1.63
N LEU A 446 -52.57 31.01 1.27
CA LEU A 446 -53.36 29.89 0.77
C LEU A 446 -53.74 28.93 1.90
N GLU A 447 -54.47 27.87 1.55
CA GLU A 447 -54.87 26.83 2.50
C GLU A 447 -53.66 26.05 3.02
N GLN A 448 -53.80 25.46 4.21
CA GLN A 448 -52.75 24.66 4.82
C GLN A 448 -52.36 23.47 3.93
N GLY A 449 -51.11 23.46 3.48
CA GLY A 449 -50.60 22.36 2.66
C GLY A 449 -51.05 22.36 1.22
N GLN A 450 -51.51 23.52 0.73
CA GLN A 450 -51.92 23.68 -0.66
C GLN A 450 -50.72 23.60 -1.59
N LEU A 451 -50.87 22.87 -2.69
CA LEU A 451 -49.76 22.60 -3.61
C LEU A 451 -49.83 23.42 -4.89
N THR A 452 -51.04 23.66 -5.39
CA THR A 452 -51.24 24.41 -6.64
C THR A 452 -52.31 25.48 -6.50
N VAL A 453 -52.33 26.42 -7.45
CA VAL A 453 -53.31 27.48 -7.48
C VAL A 453 -54.07 27.55 -8.80
N SER B 6 10.57 10.21 40.35
CA SER B 6 10.45 10.29 38.86
C SER B 6 8.99 10.14 38.41
N LYS B 7 8.78 9.60 37.21
CA LYS B 7 7.45 9.34 36.69
C LYS B 7 6.88 8.02 37.21
N ASP B 8 7.76 7.18 37.78
CA ASP B 8 7.35 5.90 38.37
C ASP B 8 6.62 6.08 39.69
N PHE B 9 5.54 5.32 39.87
CA PHE B 9 4.75 5.35 41.11
C PHE B 9 4.07 4.01 41.41
N ASN B 10 3.37 3.95 42.55
CA ASN B 10 2.73 2.73 43.01
C ASN B 10 1.38 3.02 43.69
N ASN B 11 0.31 2.97 42.91
CA ASN B 11 -1.05 3.14 43.42
C ASN B 11 -1.89 1.88 43.20
N SER B 12 -2.27 1.23 44.28
CA SER B 12 -3.08 0.01 44.21
C SER B 12 -4.59 0.30 44.25
N TYR B 13 -4.95 1.47 44.77
CA TYR B 13 -6.34 1.93 44.90
C TYR B 13 -7.22 1.03 45.77
N GLY B 14 -6.58 0.30 46.67
CA GLY B 14 -7.28 -0.60 47.61
C GLY B 14 -7.99 -1.77 46.96
N ILE B 15 -7.62 -2.06 45.71
CA ILE B 15 -8.27 -3.09 44.91
C ILE B 15 -7.26 -4.02 44.25
N SER B 16 -7.71 -5.23 43.91
CA SER B 16 -6.86 -6.22 43.24
C SER B 16 -6.61 -5.86 41.78
N HIS B 17 -5.55 -6.43 41.21
CA HIS B 17 -5.19 -6.16 39.82
C HIS B 17 -4.71 -7.40 39.08
N ILE B 18 -5.14 -7.52 37.82
CA ILE B 18 -4.61 -8.52 36.91
C ILE B 18 -3.27 -7.98 36.39
N THR B 19 -2.19 -8.55 36.92
CA THR B 19 -0.85 -8.01 36.69
C THR B 19 -0.19 -8.56 35.43
N ARG B 20 0.74 -7.78 34.87
CA ARG B 20 1.50 -8.19 33.69
C ARG B 20 2.38 -9.40 33.99
N ASP B 21 2.86 -9.49 35.24
CA ASP B 21 3.73 -10.58 35.69
C ASP B 21 3.06 -11.95 35.60
N ASN B 22 1.79 -12.01 36.01
CA ASN B 22 1.03 -13.26 35.92
C ASN B 22 0.60 -13.61 34.50
N MET B 23 0.37 -12.58 33.69
CA MET B 23 -0.08 -12.74 32.31
C MET B 23 1.02 -13.28 31.38
N VAL B 24 2.26 -12.84 31.58
CA VAL B 24 3.39 -13.28 30.75
C VAL B 24 3.81 -14.73 31.01
N LYS B 25 3.32 -15.29 32.12
CA LYS B 25 3.62 -16.68 32.51
C LYS B 25 2.69 -17.67 31.81
N ILE B 26 1.55 -17.18 31.32
CA ILE B 26 0.52 -18.01 30.68
C ILE B 26 0.99 -18.79 29.43
N PRO B 27 1.71 -18.14 28.49
CA PRO B 27 2.20 -18.85 27.30
C PRO B 27 2.93 -20.17 27.59
N GLN B 28 3.76 -20.19 28.62
CA GLN B 28 4.49 -21.40 29.02
C GLN B 28 3.61 -22.41 29.75
N GLN B 29 2.49 -21.94 30.29
CA GLN B 29 1.62 -22.74 31.15
C GLN B 29 0.43 -23.35 30.41
N GLN B 30 -0.06 -22.64 29.39
CA GLN B 30 -1.36 -22.93 28.76
C GLN B 30 -1.48 -24.22 27.94
N ASN B 31 -0.38 -24.66 27.33
CA ASN B 31 -0.42 -25.84 26.45
C ASN B 31 -0.52 -27.15 27.22
N SER B 32 -1.65 -27.33 27.90
CA SER B 32 -1.92 -28.50 28.72
C SER B 32 -3.42 -28.79 28.76
N ASP B 33 -3.78 -30.06 28.94
CA ASP B 33 -5.18 -30.48 29.04
C ASP B 33 -5.83 -30.08 30.36
N GLN B 34 -5.01 -29.64 31.31
CA GLN B 34 -5.47 -29.10 32.58
C GLN B 34 -6.26 -27.80 32.37
N PHE B 35 -5.98 -27.11 31.26
CA PHE B 35 -6.56 -25.81 30.97
C PHE B 35 -7.30 -25.77 29.64
N LYS B 36 -6.90 -26.64 28.71
CA LYS B 36 -7.45 -26.65 27.35
C LYS B 36 -8.93 -27.03 27.34
N VAL B 37 -9.73 -26.22 26.65
CA VAL B 37 -11.14 -26.53 26.40
C VAL B 37 -11.16 -27.85 25.62
N PRO B 38 -11.90 -28.86 26.13
CA PRO B 38 -11.95 -30.17 25.49
C PRO B 38 -12.30 -30.12 24.01
N ALA B 39 -11.72 -31.02 23.24
CA ALA B 39 -12.07 -31.16 21.83
C ALA B 39 -13.49 -31.70 21.71
N PHE B 40 -14.29 -31.05 20.88
CA PHE B 40 -15.68 -31.44 20.71
C PHE B 40 -15.87 -32.24 19.43
N ASP B 41 -16.78 -33.21 19.50
CA ASP B 41 -17.09 -34.08 18.37
C ASP B 41 -17.96 -33.31 17.39
N GLU B 42 -17.41 -33.06 16.20
CA GLU B 42 -18.04 -32.16 15.23
C GLU B 42 -19.31 -32.73 14.60
N SER B 43 -19.33 -34.04 14.38
CA SER B 43 -20.46 -34.73 13.75
C SER B 43 -21.71 -34.79 14.63
N THR B 44 -21.52 -34.59 15.94
CA THR B 44 -22.61 -34.70 16.91
C THR B 44 -23.27 -33.35 17.23
N ILE B 45 -22.67 -32.26 16.75
CA ILE B 45 -23.16 -30.91 17.04
C ILE B 45 -24.47 -30.61 16.29
N LYS B 46 -25.47 -30.19 17.05
CA LYS B 46 -26.79 -29.88 16.50
C LYS B 46 -27.20 -28.44 16.82
N ASN B 47 -27.99 -27.86 15.91
CA ASN B 47 -28.69 -26.60 16.19
C ASN B 47 -29.75 -26.85 17.26
N ILE B 48 -30.09 -25.81 18.01
CA ILE B 48 -31.23 -25.88 18.93
C ILE B 48 -32.50 -25.94 18.09
N ALA B 49 -33.23 -27.05 18.20
CA ALA B 49 -34.41 -27.31 17.38
C ALA B 49 -35.54 -26.31 17.61
N SER B 50 -35.71 -25.91 18.86
CA SER B 50 -36.76 -24.96 19.24
C SER B 50 -36.37 -23.50 18.95
N ALA B 51 -35.12 -23.27 18.57
CA ALA B 51 -34.64 -21.92 18.26
C ALA B 51 -35.20 -21.41 16.92
N LYS B 52 -36.53 -21.36 16.86
CA LYS B 52 -37.26 -20.81 15.72
C LYS B 52 -37.87 -19.47 16.14
N GLY B 53 -37.85 -18.52 15.22
CA GLY B 53 -38.40 -17.19 15.49
C GLY B 53 -38.75 -16.43 14.22
N LYS B 54 -39.61 -15.44 14.37
CA LYS B 54 -39.98 -14.58 13.25
C LYS B 54 -38.87 -13.58 12.99
N ASN B 55 -38.32 -13.62 11.77
CA ASN B 55 -37.33 -12.64 11.35
C ASN B 55 -37.94 -11.25 11.19
N ALA B 56 -37.08 -10.24 11.06
CA ALA B 56 -37.52 -8.86 10.88
C ALA B 56 -38.56 -8.72 9.77
N SER B 57 -38.39 -9.51 8.71
CA SER B 57 -39.25 -9.45 7.52
C SER B 57 -40.54 -10.28 7.61
N GLY B 58 -40.85 -10.78 8.80
CA GLY B 58 -42.13 -11.46 9.04
C GLY B 58 -42.12 -12.98 8.98
N ASN B 59 -41.18 -13.54 8.22
CA ASN B 59 -41.10 -14.99 8.02
C ASN B 59 -40.43 -15.73 9.18
N THR B 60 -40.67 -17.04 9.26
CA THR B 60 -40.09 -17.87 10.33
C THR B 60 -38.82 -18.60 9.86
N ILE B 61 -37.76 -18.47 10.66
CA ILE B 61 -36.45 -19.04 10.34
C ILE B 61 -35.73 -19.60 11.57
N ASP B 62 -34.57 -20.22 11.34
CA ASP B 62 -33.70 -20.68 12.43
C ASP B 62 -32.89 -19.51 12.99
N LEU B 63 -32.74 -19.49 14.31
CA LEU B 63 -32.04 -18.40 15.00
C LEU B 63 -30.62 -18.78 15.40
N ASP B 64 -29.73 -17.78 15.35
CA ASP B 64 -28.39 -17.90 15.92
C ASP B 64 -28.47 -17.60 17.41
N VAL B 65 -27.99 -18.53 18.23
CA VAL B 65 -28.08 -18.40 19.69
C VAL B 65 -26.68 -18.24 20.31
N TRP B 66 -26.48 -17.12 20.99
CA TRP B 66 -25.18 -16.78 21.57
C TRP B 66 -25.17 -16.88 23.09
N ASP B 67 -24.69 -15.83 23.75
CA ASP B 67 -24.59 -15.77 25.21
C ASP B 67 -25.85 -16.32 25.90
N SER B 68 -25.65 -17.32 26.77
CA SER B 68 -26.77 -17.91 27.51
C SER B 68 -26.44 -18.08 28.98
N TRP B 69 -27.45 -17.87 29.83
CA TRP B 69 -27.29 -17.99 31.28
C TRP B 69 -28.51 -18.64 31.93
N PRO B 70 -28.28 -19.53 32.92
CA PRO B 70 -29.40 -20.23 33.54
C PRO B 70 -30.10 -19.38 34.59
N LEU B 71 -31.34 -19.75 34.92
CA LEU B 71 -32.02 -19.22 36.09
C LEU B 71 -31.38 -19.87 37.31
N GLN B 72 -30.85 -19.04 38.20
CA GLN B 72 -30.06 -19.53 39.32
C GLN B 72 -30.73 -19.30 40.67
N ASN B 73 -30.42 -20.17 41.63
CA ASN B 73 -30.69 -19.90 43.03
C ASN B 73 -29.69 -18.84 43.51
N ALA B 74 -29.99 -18.22 44.64
CA ALA B 74 -29.14 -17.15 45.19
C ALA B 74 -27.66 -17.53 45.31
N ASP B 75 -27.41 -18.80 45.66
CA ASP B 75 -26.04 -19.30 45.84
C ASP B 75 -25.32 -19.60 44.53
N GLY B 76 -26.05 -19.56 43.42
CA GLY B 76 -25.46 -19.78 42.09
C GLY B 76 -25.88 -21.08 41.42
N THR B 77 -26.38 -22.02 42.22
CA THR B 77 -26.86 -23.31 41.70
C THR B 77 -28.10 -23.12 40.84
N VAL B 78 -28.29 -24.03 39.88
CA VAL B 78 -29.39 -23.94 38.91
C VAL B 78 -30.75 -24.13 39.58
N ALA B 79 -31.64 -23.16 39.37
CA ALA B 79 -32.98 -23.19 39.94
C ALA B 79 -33.90 -24.19 39.22
N THR B 80 -34.97 -24.57 39.92
CA THR B 80 -36.02 -25.41 39.34
C THR B 80 -37.35 -24.68 39.49
N TYR B 81 -37.88 -24.20 38.36
CA TYR B 81 -39.13 -23.44 38.35
C TYR B 81 -40.28 -24.31 37.85
N HIS B 82 -41.15 -24.71 38.78
CA HIS B 82 -42.30 -25.59 38.50
C HIS B 82 -41.93 -26.84 37.68
N GLY B 83 -40.83 -27.47 38.08
CA GLY B 83 -40.36 -28.69 37.43
C GLY B 83 -39.48 -28.47 36.21
N TYR B 84 -39.11 -27.22 35.95
CA TYR B 84 -38.30 -26.87 34.78
C TYR B 84 -36.97 -26.22 35.15
N GLN B 85 -35.99 -26.41 34.27
CA GLN B 85 -34.78 -25.58 34.27
C GLN B 85 -34.95 -24.54 33.18
N ILE B 86 -34.53 -23.31 33.46
CA ILE B 86 -34.73 -22.19 32.53
C ILE B 86 -33.39 -21.56 32.14
N VAL B 87 -33.21 -21.32 30.84
CA VAL B 87 -32.02 -20.63 30.34
C VAL B 87 -32.40 -19.43 29.47
N PHE B 88 -31.89 -18.26 29.85
CA PHE B 88 -32.03 -17.05 29.06
C PHE B 88 -30.88 -17.01 28.06
N ALA B 89 -31.19 -16.61 26.83
CA ALA B 89 -30.19 -16.61 25.77
C ALA B 89 -30.35 -15.46 24.77
N LEU B 90 -29.24 -14.85 24.40
CA LEU B 90 -29.23 -13.84 23.33
C LEU B 90 -29.35 -14.57 21.98
N ALA B 91 -30.32 -14.14 21.18
CA ALA B 91 -30.55 -14.74 19.86
C ALA B 91 -31.02 -13.72 18.83
N GLY B 92 -30.85 -14.06 17.56
CA GLY B 92 -31.25 -13.21 16.44
C GLY B 92 -30.94 -13.81 15.09
N ASP B 93 -31.16 -13.00 14.04
CA ASP B 93 -30.93 -13.43 12.66
C ASP B 93 -29.77 -12.62 12.06
N PRO B 94 -28.69 -13.32 11.65
CA PRO B 94 -27.48 -12.70 11.09
C PRO B 94 -27.69 -11.92 9.78
N LYS B 95 -28.84 -12.15 9.12
CA LYS B 95 -29.23 -11.35 7.96
C LYS B 95 -29.56 -9.92 8.40
N ASP B 96 -29.88 -9.78 9.69
CA ASP B 96 -29.98 -8.49 10.36
C ASP B 96 -28.82 -8.46 11.34
N SER B 97 -27.62 -8.20 10.82
CA SER B 97 -26.36 -8.45 11.51
C SER B 97 -26.18 -7.77 12.87
N ASN B 98 -25.78 -8.58 13.85
CA ASN B 98 -25.60 -8.13 15.21
C ASN B 98 -26.82 -7.43 15.84
N ASP B 99 -27.96 -8.13 15.81
CA ASP B 99 -29.18 -7.68 16.45
C ASP B 99 -29.64 -8.76 17.42
N THR B 100 -29.52 -8.47 18.73
CA THR B 100 -29.76 -9.48 19.76
C THR B 100 -30.97 -9.18 20.64
N SER B 101 -31.65 -10.25 21.07
CA SER B 101 -32.76 -10.16 22.00
C SER B 101 -32.71 -11.32 22.99
N VAL B 102 -33.21 -11.08 24.20
CA VAL B 102 -33.22 -12.11 25.25
C VAL B 102 -34.40 -13.07 25.03
N TYR B 103 -34.06 -14.35 24.83
CA TYR B 103 -35.06 -15.41 24.68
C TYR B 103 -35.09 -16.29 25.93
N LEU B 104 -36.24 -16.90 26.20
CA LEU B 104 -36.41 -17.76 27.37
C LEU B 104 -36.58 -19.22 26.96
N PHE B 105 -35.53 -20.01 27.15
CA PHE B 105 -35.56 -21.44 26.89
C PHE B 105 -35.84 -22.22 28.16
N TYR B 106 -36.55 -23.34 28.03
CA TYR B 106 -36.91 -24.16 29.19
C TYR B 106 -36.92 -25.66 28.89
N LYS B 107 -36.54 -26.44 29.89
CA LYS B 107 -36.40 -27.89 29.76
C LYS B 107 -36.80 -28.56 31.07
N LYS B 108 -37.47 -29.71 30.95
CA LYS B 108 -37.81 -30.54 32.11
C LYS B 108 -36.54 -30.87 32.89
N ALA B 109 -36.60 -30.67 34.21
CA ALA B 109 -35.42 -30.79 35.10
C ALA B 109 -34.59 -32.05 34.86
N GLY B 110 -35.26 -33.19 34.71
CA GLY B 110 -34.59 -34.47 34.50
C GLY B 110 -34.03 -34.70 33.11
N ASP B 111 -34.47 -33.90 32.13
CA ASP B 111 -33.98 -34.02 30.76
C ASP B 111 -32.59 -33.41 30.59
N LYS B 112 -31.89 -33.81 29.53
CA LYS B 112 -30.48 -33.47 29.34
C LYS B 112 -30.13 -33.07 27.90
N SER B 113 -30.86 -33.62 26.94
CA SER B 113 -30.57 -33.41 25.52
C SER B 113 -30.90 -32.01 25.03
N ILE B 114 -30.29 -31.62 23.92
CA ILE B 114 -30.53 -30.32 23.28
C ILE B 114 -31.95 -30.22 22.70
N ASP B 115 -32.47 -31.35 22.23
CA ASP B 115 -33.82 -31.42 21.64
C ASP B 115 -34.92 -31.25 22.68
N SER B 116 -34.57 -31.47 23.96
CA SER B 116 -35.50 -31.31 25.07
C SER B 116 -35.80 -29.85 25.39
N TRP B 117 -34.90 -28.96 24.98
CA TRP B 117 -35.04 -27.53 25.20
C TRP B 117 -36.18 -26.93 24.37
N LYS B 118 -37.17 -26.36 25.05
CA LYS B 118 -38.30 -25.71 24.40
C LYS B 118 -38.15 -24.19 24.48
N ASN B 119 -38.76 -23.50 23.52
CA ASN B 119 -38.64 -22.04 23.40
C ASN B 119 -39.94 -21.32 23.73
N ALA B 120 -39.87 -20.41 24.70
CA ALA B 120 -41.04 -19.62 25.12
C ALA B 120 -41.05 -18.24 24.49
N GLY B 121 -40.16 -18.03 23.52
CA GLY B 121 -40.07 -16.76 22.79
C GLY B 121 -39.31 -15.69 23.54
N ARG B 122 -39.41 -14.46 23.05
CA ARG B 122 -38.73 -13.31 23.64
C ARG B 122 -39.34 -12.92 24.99
N VAL B 123 -38.48 -12.56 25.94
CA VAL B 123 -38.90 -12.05 27.24
C VAL B 123 -39.63 -10.72 27.08
N PHE B 124 -39.10 -9.86 26.20
CA PHE B 124 -39.65 -8.53 25.98
C PHE B 124 -40.24 -8.37 24.57
N LYS B 125 -41.36 -7.67 24.49
CA LYS B 125 -41.91 -7.23 23.21
C LYS B 125 -41.19 -5.94 22.80
N ASP B 126 -41.26 -5.60 21.52
CA ASP B 126 -40.65 -4.38 20.99
C ASP B 126 -41.24 -3.09 21.59
N SER B 127 -42.32 -3.25 22.35
CA SER B 127 -43.04 -2.12 22.95
C SER B 127 -42.80 -1.97 24.45
N ASP B 128 -42.22 -3.00 25.08
CA ASP B 128 -42.02 -3.04 26.53
C ASP B 128 -41.07 -1.97 27.08
N LYS B 129 -40.11 -1.54 26.25
CA LYS B 129 -39.10 -0.56 26.67
C LYS B 129 -39.62 0.90 26.67
N PHE B 130 -40.79 1.11 26.07
CA PHE B 130 -41.38 2.45 25.97
C PHE B 130 -42.49 2.70 27.00
N VAL B 131 -42.85 1.66 27.75
CA VAL B 131 -43.95 1.75 28.72
C VAL B 131 -43.59 2.50 30.02
N PRO B 132 -42.59 2.00 30.78
CA PRO B 132 -42.35 2.61 32.09
C PRO B 132 -41.60 3.95 32.01
N ASN B 133 -41.69 4.75 33.08
CA ASN B 133 -40.97 6.00 33.18
C ASN B 133 -39.50 5.75 33.47
N ASP B 134 -38.67 5.80 32.42
CA ASP B 134 -37.26 5.45 32.53
C ASP B 134 -36.37 6.44 31.76
N PRO B 135 -35.22 6.82 32.36
CA PRO B 135 -34.30 7.74 31.69
C PRO B 135 -33.43 7.10 30.61
N HIS B 136 -33.51 5.78 30.45
CA HIS B 136 -32.62 5.06 29.53
C HIS B 136 -33.32 4.07 28.58
N LEU B 137 -34.38 3.43 29.06
CA LEU B 137 -35.00 2.31 28.34
C LEU B 137 -35.54 2.61 26.93
N LYS B 138 -36.00 3.84 26.71
CA LYS B 138 -36.56 4.24 25.41
C LYS B 138 -35.52 4.30 24.28
N ASN B 139 -34.25 4.49 24.64
CA ASN B 139 -33.17 4.59 23.67
C ASN B 139 -32.51 3.25 23.34
N GLN B 140 -32.98 2.19 23.98
CA GLN B 140 -32.43 0.83 23.81
C GLN B 140 -32.55 0.34 22.37
N THR B 141 -31.42 -0.13 21.82
CA THR B 141 -31.38 -0.70 20.48
C THR B 141 -31.11 -2.21 20.51
N GLN B 142 -30.39 -2.66 21.55
CA GLN B 142 -30.06 -4.08 21.71
C GLN B 142 -30.16 -4.54 23.16
N GLU B 143 -30.55 -5.80 23.34
CA GLU B 143 -30.59 -6.43 24.64
C GLU B 143 -29.36 -7.31 24.79
N TRP B 144 -28.50 -7.01 25.76
CA TRP B 144 -27.28 -7.77 25.97
C TRP B 144 -27.29 -8.63 27.23
N SER B 145 -26.20 -9.38 27.45
CA SER B 145 -26.11 -10.41 28.49
C SER B 145 -26.33 -9.92 29.92
N GLY B 146 -26.69 -10.86 30.79
CA GLY B 146 -26.88 -10.59 32.21
C GLY B 146 -26.98 -11.88 33.02
N SER B 147 -27.90 -11.89 33.98
CA SER B 147 -28.12 -13.07 34.83
C SER B 147 -29.58 -13.20 35.24
N GLY B 148 -29.93 -14.36 35.80
CA GLY B 148 -31.30 -14.62 36.26
C GLY B 148 -31.31 -15.29 37.61
N THR B 149 -32.23 -14.86 38.47
CA THR B 149 -32.35 -15.42 39.81
C THR B 149 -33.80 -15.79 40.18
N LEU B 150 -33.96 -16.86 40.95
CA LEU B 150 -35.26 -17.24 41.49
C LEU B 150 -35.39 -16.69 42.91
N THR B 151 -36.36 -15.79 43.09
CA THR B 151 -36.58 -15.12 44.37
C THR B 151 -37.20 -16.05 45.41
N LYS B 152 -37.14 -15.64 46.67
CA LYS B 152 -37.79 -16.37 47.77
C LYS B 152 -39.31 -16.41 47.58
N ASP B 153 -39.84 -15.39 46.91
CA ASP B 153 -41.26 -15.30 46.57
C ASP B 153 -41.62 -16.21 45.38
N GLY B 154 -40.61 -16.85 44.80
CA GLY B 154 -40.80 -17.76 43.68
C GLY B 154 -41.03 -17.04 42.36
N LYS B 155 -40.48 -15.83 42.24
CA LYS B 155 -40.61 -15.04 41.02
C LYS B 155 -39.34 -15.09 40.18
N VAL B 156 -39.50 -14.91 38.87
CA VAL B 156 -38.38 -14.90 37.94
C VAL B 156 -37.84 -13.48 37.81
N ARG B 157 -36.63 -13.26 38.34
CA ARG B 157 -36.01 -11.94 38.36
C ARG B 157 -34.81 -11.88 37.41
N LEU B 158 -34.97 -11.13 36.33
CA LEU B 158 -33.99 -11.05 35.26
C LEU B 158 -33.11 -9.81 35.38
N PHE B 159 -31.83 -9.99 35.07
CA PHE B 159 -30.89 -8.89 34.93
C PHE B 159 -30.23 -8.98 33.55
N TYR B 160 -30.13 -7.84 32.86
CA TYR B 160 -29.53 -7.78 31.53
C TYR B 160 -28.98 -6.38 31.25
N THR B 161 -28.35 -6.22 30.09
CA THR B 161 -27.77 -4.92 29.71
C THR B 161 -28.58 -4.20 28.64
N ASP B 162 -28.96 -2.96 28.96
CA ASP B 162 -29.58 -2.05 28.02
C ASP B 162 -28.50 -1.39 27.17
N TYR B 163 -28.39 -1.83 25.91
CA TYR B 163 -27.43 -1.24 24.97
C TYR B 163 -28.13 -0.28 24.02
N SER B 164 -27.56 0.92 23.88
CA SER B 164 -28.10 1.96 23.01
C SER B 164 -27.10 2.34 21.93
N GLY B 165 -27.29 1.79 20.73
CA GLY B 165 -26.41 2.04 19.59
C GLY B 165 -26.52 3.46 19.06
N LYS B 166 -27.68 4.07 19.23
CA LYS B 166 -27.93 5.44 18.79
C LYS B 166 -27.36 6.48 19.75
N GLN B 167 -26.93 6.02 20.93
CA GLN B 167 -26.33 6.90 21.94
C GLN B 167 -24.90 6.51 22.27
N TYR B 168 -24.08 6.40 21.22
CA TYR B 168 -22.62 6.16 21.34
C TYR B 168 -22.25 4.85 22.05
N GLY B 169 -23.19 3.93 22.16
CA GLY B 169 -22.95 2.64 22.80
C GLY B 169 -23.16 2.63 24.29
N LYS B 170 -24.10 3.45 24.77
CA LYS B 170 -24.43 3.55 26.19
C LYS B 170 -24.93 2.21 26.72
N GLN B 171 -24.43 1.82 27.89
CA GLN B 171 -24.77 0.53 28.49
C GLN B 171 -25.24 0.68 29.93
N THR B 172 -26.42 0.13 30.20
CA THR B 172 -27.09 0.28 31.49
C THR B 172 -27.46 -1.08 32.09
N LEU B 173 -27.12 -1.29 33.36
CA LEU B 173 -27.56 -2.46 34.11
C LEU B 173 -29.06 -2.31 34.36
N THR B 174 -29.83 -3.31 33.93
CA THR B 174 -31.29 -3.21 33.91
C THR B 174 -31.93 -4.46 34.50
N THR B 175 -33.06 -4.28 35.19
CA THR B 175 -33.77 -5.39 35.81
C THR B 175 -35.26 -5.45 35.46
N ALA B 176 -35.82 -6.65 35.49
CA ALA B 176 -37.24 -6.88 35.23
C ALA B 176 -37.74 -8.18 35.84
N GLN B 177 -39.03 -8.20 36.21
CA GLN B 177 -39.68 -9.42 36.65
C GLN B 177 -40.40 -10.06 35.46
N VAL B 178 -40.10 -11.33 35.20
CA VAL B 178 -40.71 -12.06 34.10
C VAL B 178 -41.89 -12.87 34.63
N ASN B 179 -43.10 -12.49 34.20
CA ASN B 179 -44.32 -13.17 34.62
C ASN B 179 -44.57 -14.42 33.78
N MET B 180 -44.75 -15.55 34.45
CA MET B 180 -44.87 -16.84 33.78
C MET B 180 -46.19 -17.55 34.07
N SER B 181 -46.67 -18.32 33.09
CA SER B 181 -47.83 -19.19 33.26
C SER B 181 -47.61 -20.53 32.56
N GLN B 182 -48.49 -21.50 32.85
CA GLN B 182 -48.43 -22.82 32.24
C GLN B 182 -49.75 -23.14 31.54
N PRO B 183 -49.82 -22.94 30.21
CA PRO B 183 -51.02 -23.28 29.43
C PRO B 183 -51.38 -24.77 29.49
N ASN B 184 -50.35 -25.62 29.46
CA ASN B 184 -50.51 -27.05 29.69
C ASN B 184 -49.38 -27.62 30.56
N ASP B 185 -49.37 -28.94 30.76
CA ASP B 185 -48.40 -29.58 31.63
C ASP B 185 -46.97 -29.65 31.07
N ASN B 186 -46.82 -29.36 29.78
CA ASN B 186 -45.51 -29.39 29.12
C ASN B 186 -45.02 -28.04 28.57
N THR B 187 -45.73 -26.96 28.90
CA THR B 187 -45.43 -25.64 28.33
C THR B 187 -45.31 -24.54 29.38
N LEU B 188 -44.32 -23.67 29.17
CA LEU B 188 -44.18 -22.42 29.92
C LEU B 188 -44.41 -21.23 28.98
N LYS B 189 -45.15 -20.23 29.46
CA LYS B 189 -45.50 -19.07 28.65
C LYS B 189 -45.12 -17.77 29.34
N VAL B 190 -44.43 -16.89 28.60
CA VAL B 190 -44.13 -15.55 29.07
C VAL B 190 -45.38 -14.68 28.89
N ASP B 191 -45.99 -14.31 30.01
CA ASP B 191 -47.21 -13.49 30.01
C ASP B 191 -46.89 -12.02 29.76
N GLY B 192 -45.80 -11.56 30.35
CA GLY B 192 -45.39 -10.16 30.27
C GLY B 192 -44.37 -9.81 31.34
N VAL B 193 -43.98 -8.54 31.38
CA VAL B 193 -42.98 -8.07 32.35
C VAL B 193 -43.52 -6.95 33.26
N GLU B 194 -42.91 -6.82 34.44
CA GLU B 194 -43.16 -5.72 35.35
C GLU B 194 -41.92 -5.41 36.18
N ASP B 195 -41.95 -4.30 36.91
CA ASP B 195 -40.78 -3.77 37.64
C ASP B 195 -39.58 -3.66 36.70
N TYR B 196 -39.84 -3.04 35.55
CA TYR B 196 -38.87 -2.94 34.45
C TYR B 196 -38.20 -1.56 34.50
N LYS B 197 -36.98 -1.53 35.03
CA LYS B 197 -36.30 -0.27 35.34
C LYS B 197 -34.78 -0.32 35.19
N SER B 198 -34.19 0.85 34.95
CA SER B 198 -32.74 1.01 34.92
C SER B 198 -32.16 1.00 36.33
N ILE B 199 -30.91 0.55 36.47
CA ILE B 199 -30.24 0.52 37.77
C ILE B 199 -29.01 1.43 37.80
N PHE B 200 -28.08 1.21 36.86
CA PHE B 200 -26.78 1.89 36.88
C PHE B 200 -26.18 1.96 35.48
N ASP B 201 -25.56 3.09 35.16
CA ASP B 201 -24.90 3.28 33.86
C ASP B 201 -23.53 3.97 33.96
N GLY B 202 -23.03 4.10 35.18
CA GLY B 202 -21.71 4.72 35.41
C GLY B 202 -21.79 6.00 36.22
N ASP B 203 -20.78 6.21 37.06
CA ASP B 203 -20.72 7.40 37.91
C ASP B 203 -19.67 8.41 37.43
N GLY B 204 -18.58 7.90 36.86
CA GLY B 204 -17.49 8.75 36.35
C GLY B 204 -16.23 8.69 37.19
N LYS B 205 -16.38 8.42 38.49
CA LYS B 205 -15.26 8.38 39.42
C LYS B 205 -14.77 6.97 39.69
N ILE B 206 -15.71 6.03 39.85
CA ILE B 206 -15.38 4.64 40.10
C ILE B 206 -15.48 3.86 38.78
N TYR B 207 -16.53 4.13 38.01
CA TYR B 207 -16.71 3.48 36.71
C TYR B 207 -16.89 4.50 35.59
N GLN B 208 -16.22 4.26 34.47
CA GLN B 208 -16.29 5.12 33.29
C GLN B 208 -17.71 5.21 32.75
N THR B 209 -18.12 6.44 32.39
CA THR B 209 -19.41 6.67 31.75
C THR B 209 -19.21 6.74 30.24
N VAL B 210 -20.29 6.58 29.50
CA VAL B 210 -20.24 6.68 28.04
C VAL B 210 -19.86 8.09 27.58
N GLN B 211 -20.24 9.10 28.36
CA GLN B 211 -19.94 10.49 28.04
C GLN B 211 -18.44 10.78 28.12
N GLN B 212 -17.78 10.19 29.11
CA GLN B 212 -16.32 10.28 29.24
C GLN B 212 -15.63 9.59 28.07
N PHE B 213 -16.19 8.46 27.64
CA PHE B 213 -15.70 7.69 26.49
C PHE B 213 -15.76 8.50 25.20
N ILE B 214 -16.88 9.17 24.96
CA ILE B 214 -17.05 10.05 23.80
C ILE B 214 -16.03 11.19 23.87
N ASP B 215 -15.92 11.80 25.04
CA ASP B 215 -15.14 13.02 25.25
C ASP B 215 -13.65 12.90 24.92
N GLU B 216 -13.05 11.77 25.27
CA GLU B 216 -11.64 11.51 24.93
C GLU B 216 -11.45 11.12 23.46
N GLY B 217 -12.55 10.89 22.75
CA GLY B 217 -12.51 10.54 21.34
C GLY B 217 -12.42 9.05 21.10
N GLY B 218 -13.24 8.29 21.82
CA GLY B 218 -13.22 6.82 21.78
C GLY B 218 -13.61 6.20 20.45
N ALA B 219 -14.23 6.99 19.57
CA ALA B 219 -14.64 6.52 18.25
C ALA B 219 -13.46 6.39 17.27
N ASP B 220 -12.29 6.86 17.70
CA ASP B 220 -11.10 6.84 16.87
C ASP B 220 -9.95 6.01 17.45
N THR B 221 -9.64 6.28 18.71
CA THR B 221 -8.43 5.78 19.36
C THR B 221 -8.39 4.26 19.55
N GLY B 222 -9.55 3.62 19.45
CA GLY B 222 -9.67 2.19 19.69
C GLY B 222 -9.96 1.91 21.15
N ASP B 223 -10.58 2.89 21.82
CA ASP B 223 -11.04 2.73 23.19
C ASP B 223 -12.35 1.95 23.20
N ASN B 224 -12.55 1.14 24.22
CA ASN B 224 -13.75 0.32 24.33
C ASN B 224 -14.48 0.57 25.65
N HIS B 225 -15.66 1.16 25.55
CA HIS B 225 -16.49 1.44 26.72
C HIS B 225 -17.43 0.28 27.02
N THR B 226 -17.40 -0.18 28.27
CA THR B 226 -18.22 -1.30 28.71
C THR B 226 -18.89 -1.02 30.06
N LEU B 227 -20.15 -1.43 30.17
CA LEU B 227 -20.86 -1.48 31.46
C LEU B 227 -21.99 -2.50 31.30
N ARG B 228 -21.61 -3.77 31.32
CA ARG B 228 -22.51 -4.85 30.93
C ARG B 228 -22.29 -6.14 31.71
N ASP B 229 -23.05 -7.16 31.34
CA ASP B 229 -22.95 -8.50 31.91
C ASP B 229 -23.19 -8.54 33.44
N PRO B 230 -24.33 -8.02 33.93
CA PRO B 230 -24.57 -8.04 35.37
C PRO B 230 -24.83 -9.45 35.91
N HIS B 231 -24.13 -9.80 36.98
CA HIS B 231 -24.30 -11.09 37.63
C HIS B 231 -24.76 -10.94 39.08
N TYR B 232 -25.92 -11.53 39.37
CA TYR B 232 -26.57 -11.40 40.67
C TYR B 232 -25.97 -12.35 41.72
N ILE B 233 -25.70 -11.80 42.90
CA ILE B 233 -25.17 -12.58 44.03
C ILE B 233 -25.67 -11.98 45.36
N GLU B 234 -25.79 -12.84 46.38
CA GLU B 234 -26.16 -12.40 47.72
C GLU B 234 -25.09 -12.79 48.74
N ASP B 235 -24.88 -11.93 49.73
CA ASP B 235 -23.94 -12.18 50.83
C ASP B 235 -24.34 -11.38 52.07
N ASN B 236 -24.50 -12.10 53.19
CA ASN B 236 -24.86 -11.52 54.49
C ASN B 236 -26.17 -10.72 54.46
N GLY B 237 -27.17 -11.27 53.77
CA GLY B 237 -28.49 -10.64 53.65
C GLY B 237 -28.58 -9.52 52.64
N HIS B 238 -27.46 -9.23 51.97
CA HIS B 238 -27.40 -8.13 51.00
C HIS B 238 -27.39 -8.63 49.56
N LYS B 239 -27.91 -7.80 48.65
CA LYS B 239 -27.96 -8.12 47.23
C LYS B 239 -26.92 -7.33 46.45
N TYR B 240 -26.25 -7.98 45.51
CA TYR B 240 -25.19 -7.35 44.73
C TYR B 240 -25.27 -7.70 43.24
N LEU B 241 -24.65 -6.86 42.42
CA LEU B 241 -24.44 -7.15 41.01
C LEU B 241 -22.96 -7.00 40.66
N VAL B 242 -22.39 -8.04 40.06
CA VAL B 242 -21.01 -7.99 39.56
C VAL B 242 -21.06 -7.92 38.04
N PHE B 243 -20.30 -6.99 37.47
CA PHE B 243 -20.42 -6.63 36.05
C PHE B 243 -19.09 -6.20 35.41
N GLU B 244 -19.05 -6.26 34.09
CA GLU B 244 -17.90 -5.74 33.35
C GLU B 244 -18.00 -4.23 33.21
N ALA B 245 -16.91 -3.54 33.52
CA ALA B 245 -16.84 -2.09 33.40
C ALA B 245 -15.43 -1.63 33.06
N ASN B 246 -15.24 -0.31 33.11
CA ASN B 246 -13.93 0.31 32.98
C ASN B 246 -13.74 1.29 34.14
N THR B 247 -12.50 1.46 34.58
CA THR B 247 -12.20 2.34 35.73
C THR B 247 -12.58 3.80 35.45
N GLY B 248 -12.96 4.50 36.51
CA GLY B 248 -13.24 5.93 36.45
C GLY B 248 -12.01 6.76 36.76
N THR B 249 -12.21 8.07 36.89
CA THR B 249 -11.11 9.02 37.07
C THR B 249 -10.36 8.92 38.40
N GLU B 250 -10.90 8.16 39.35
CA GLU B 250 -10.34 8.14 40.71
C GLU B 250 -9.92 6.77 41.25
N ASP B 251 -10.01 5.74 40.42
CA ASP B 251 -9.53 4.40 40.78
C ASP B 251 -8.56 3.80 39.74
N GLY B 252 -7.76 4.67 39.13
CA GLY B 252 -6.77 4.24 38.14
C GLY B 252 -7.27 4.39 36.72
N TYR B 253 -7.45 5.63 36.30
CA TYR B 253 -7.98 5.94 34.97
C TYR B 253 -6.99 5.60 33.86
N GLN B 254 -7.53 5.36 32.66
CA GLN B 254 -6.74 5.11 31.46
C GLN B 254 -5.85 6.29 31.11
N GLY B 255 -4.88 6.06 30.24
CA GLY B 255 -3.94 7.10 29.84
C GLY B 255 -2.50 6.61 29.95
N GLU B 256 -1.55 7.46 29.59
CA GLU B 256 -0.14 7.07 29.54
C GLU B 256 0.48 6.81 30.91
N ASP B 257 0.01 7.55 31.92
CA ASP B 257 0.56 7.45 33.28
C ASP B 257 0.37 6.08 33.92
N SER B 258 -0.68 5.36 33.48
CA SER B 258 -0.95 4.01 33.96
C SER B 258 0.20 3.04 33.68
N LEU B 259 0.99 3.34 32.66
CA LEU B 259 2.14 2.52 32.28
C LEU B 259 3.31 2.66 33.27
N TYR B 260 3.21 3.65 34.16
CA TYR B 260 4.25 3.92 35.15
C TYR B 260 3.83 3.47 36.56
N ASN B 261 2.68 2.82 36.65
CA ASN B 261 2.16 2.32 37.93
C ASN B 261 2.56 0.86 38.18
N ARG B 262 3.48 0.68 39.11
CA ARG B 262 4.03 -0.63 39.48
C ARG B 262 2.97 -1.67 39.87
N ALA B 263 1.82 -1.19 40.35
CA ALA B 263 0.73 -2.06 40.80
C ALA B 263 0.12 -2.91 39.68
N TYR B 264 0.22 -2.44 38.43
CA TYR B 264 -0.32 -3.19 37.29
C TYR B 264 0.68 -4.17 36.72
N TYR B 265 1.94 -4.04 37.13
CA TYR B 265 3.02 -4.88 36.62
C TYR B 265 3.27 -6.12 37.49
N GLY B 266 3.34 -5.91 38.79
CA GLY B 266 3.68 -6.98 39.74
C GLY B 266 5.15 -7.34 39.66
N GLY B 267 5.50 -8.48 40.26
CA GLY B 267 6.87 -9.00 40.24
C GLY B 267 7.89 -8.08 40.90
N ASN B 268 9.14 -8.20 40.45
CA ASN B 268 10.23 -7.37 40.97
C ASN B 268 10.46 -6.09 40.15
N ASN B 269 11.34 -5.22 40.64
CA ASN B 269 11.70 -3.98 39.95
C ASN B 269 12.34 -4.18 38.57
N PRO B 270 13.30 -5.14 38.45
CA PRO B 270 13.86 -5.43 37.12
C PRO B 270 12.82 -5.86 36.08
N PHE B 271 11.81 -6.60 36.50
CA PHE B 271 10.71 -6.97 35.62
C PHE B 271 9.92 -5.72 35.20
N PHE B 272 9.52 -4.93 36.20
CA PHE B 272 8.79 -3.69 35.97
C PHE B 272 9.51 -2.77 34.99
N GLN B 273 10.81 -2.57 35.21
CA GLN B 273 11.62 -1.68 34.37
C GLN B 273 11.77 -2.15 32.93
N SER B 274 11.94 -3.46 32.74
CA SER B 274 12.09 -4.04 31.41
C SER B 274 10.75 -4.12 30.67
N GLU B 275 9.70 -4.49 31.40
CA GLU B 275 8.34 -4.59 30.83
C GLU B 275 7.81 -3.21 30.45
N LYS B 276 8.01 -2.22 31.32
CA LYS B 276 7.61 -0.84 31.06
C LYS B 276 8.36 -0.28 29.85
N LYS B 277 9.66 -0.56 29.77
CA LYS B 277 10.49 -0.15 28.65
C LYS B 277 9.93 -0.66 27.33
N LYS B 278 9.77 -1.99 27.22
CA LYS B 278 9.27 -2.63 25.99
C LYS B 278 7.86 -2.15 25.59
N LEU B 279 7.05 -1.82 26.58
CA LEU B 279 5.68 -1.34 26.35
C LEU B 279 5.65 0.10 25.86
N LEU B 280 6.52 0.94 26.41
CA LEU B 280 6.65 2.36 26.01
C LEU B 280 7.30 2.56 24.64
N GLU B 281 7.78 1.47 24.05
N GLU B 281 7.76 1.45 24.05
CA GLU B 281 8.49 1.56 22.77
CA GLU B 281 8.55 1.48 22.82
C GLU B 281 7.63 1.08 21.61
C GLU B 281 7.81 0.92 21.60
N GLY B 282 6.88 0.00 21.85
CA GLY B 282 6.16 -0.69 20.78
C GLY B 282 4.88 -0.08 20.29
N SER B 283 4.14 -0.86 19.51
CA SER B 283 2.86 -0.46 18.94
C SER B 283 1.69 -0.66 19.91
N ASN B 284 2.00 -1.27 21.07
CA ASN B 284 1.01 -1.47 22.12
C ASN B 284 1.01 -0.38 23.19
N LYS B 285 1.79 0.68 22.96
CA LYS B 285 1.88 1.80 23.89
C LYS B 285 0.53 2.50 24.08
N GLU B 286 -0.16 2.77 22.98
CA GLU B 286 -1.49 3.39 23.03
C GLU B 286 -2.54 2.39 23.53
N LYS B 287 -2.41 1.14 23.08
CA LYS B 287 -3.35 0.07 23.43
C LYS B 287 -3.35 -0.24 24.93
N ALA B 288 -2.16 -0.28 25.53
CA ALA B 288 -2.01 -0.52 26.96
C ALA B 288 -2.46 0.68 27.79
N SER B 289 -2.17 1.88 27.29
CA SER B 289 -2.59 3.13 27.95
C SER B 289 -4.12 3.19 28.10
N LEU B 290 -4.82 2.80 27.04
CA LEU B 290 -6.28 2.85 27.01
C LEU B 290 -6.93 1.69 27.76
N ALA B 291 -6.17 0.60 27.95
CA ALA B 291 -6.65 -0.58 28.65
C ALA B 291 -6.89 -0.31 30.13
N ASN B 292 -8.17 -0.23 30.51
CA ASN B 292 -8.55 -0.02 31.92
C ASN B 292 -9.78 -0.82 32.34
N GLY B 293 -9.86 -2.07 31.88
CA GLY B 293 -10.96 -2.97 32.22
C GLY B 293 -11.06 -3.23 33.71
N ALA B 294 -12.29 -3.44 34.18
CA ALA B 294 -12.54 -3.70 35.59
C ALA B 294 -13.79 -4.55 35.77
N LEU B 295 -13.77 -5.41 36.78
CA LEU B 295 -14.97 -6.14 37.21
C LEU B 295 -15.57 -5.38 38.38
N GLY B 296 -16.69 -4.72 38.13
CA GLY B 296 -17.32 -3.84 39.11
C GLY B 296 -18.34 -4.52 40.00
N ILE B 297 -18.71 -3.84 41.06
CA ILE B 297 -19.73 -4.32 41.99
C ILE B 297 -20.55 -3.16 42.58
N ILE B 298 -21.87 -3.35 42.59
CA ILE B 298 -22.80 -2.42 43.23
C ILE B 298 -23.71 -3.20 44.16
N GLU B 299 -24.13 -2.56 45.25
CA GLU B 299 -25.12 -3.15 46.14
C GLU B 299 -26.51 -2.73 45.69
N LEU B 300 -27.46 -3.64 45.80
CA LEU B 300 -28.85 -3.35 45.47
C LEU B 300 -29.69 -3.21 46.74
N ASN B 301 -30.77 -2.45 46.63
CA ASN B 301 -31.82 -2.48 47.64
C ASN B 301 -32.65 -3.73 47.45
N ASP B 302 -33.59 -3.97 48.35
CA ASP B 302 -34.44 -5.15 48.27
C ASP B 302 -35.43 -5.11 47.09
N ASP B 303 -35.78 -3.90 46.65
CA ASP B 303 -36.64 -3.72 45.49
C ASP B 303 -35.85 -3.62 44.18
N TYR B 304 -34.56 -3.98 44.25
CA TYR B 304 -33.65 -4.05 43.08
C TYR B 304 -33.25 -2.69 42.49
N THR B 305 -33.39 -1.64 43.28
CA THR B 305 -32.84 -0.33 42.92
C THR B 305 -31.40 -0.24 43.41
N LEU B 306 -30.65 0.76 42.94
CA LEU B 306 -29.27 0.95 43.35
C LEU B 306 -29.18 1.45 44.80
N LYS B 307 -28.49 0.69 45.64
CA LYS B 307 -28.24 1.10 47.02
C LYS B 307 -26.93 1.87 47.15
N LYS B 308 -25.85 1.26 46.69
CA LYS B 308 -24.50 1.81 46.82
C LYS B 308 -23.56 1.38 45.71
N VAL B 309 -22.90 2.36 45.09
CA VAL B 309 -21.85 2.10 44.11
C VAL B 309 -20.55 1.82 44.88
N MET B 310 -19.99 0.64 44.65
CA MET B 310 -18.80 0.19 45.38
C MET B 310 -17.58 0.18 44.47
N LYS B 311 -16.38 0.23 45.07
CA LYS B 311 -15.12 0.13 44.34
C LYS B 311 -15.01 -1.24 43.64
N PRO B 312 -14.32 -1.29 42.48
CA PRO B 312 -14.23 -2.55 41.71
C PRO B 312 -13.56 -3.67 42.49
N LEU B 313 -13.89 -4.91 42.14
CA LEU B 313 -13.27 -6.07 42.77
C LEU B 313 -11.84 -6.28 42.25
N ILE B 314 -11.66 -6.08 40.94
CA ILE B 314 -10.37 -6.28 40.27
C ILE B 314 -10.31 -5.48 38.97
N THR B 315 -9.15 -4.96 38.63
CA THR B 315 -8.95 -4.27 37.35
C THR B 315 -7.89 -4.95 36.49
N SER B 316 -7.80 -4.53 35.23
CA SER B 316 -6.82 -5.07 34.31
C SER B 316 -6.11 -3.97 33.50
N ASN B 317 -5.75 -2.88 34.19
CA ASN B 317 -5.02 -1.77 33.55
C ASN B 317 -3.78 -2.25 32.83
N THR B 318 -3.53 -1.69 31.64
CA THR B 318 -2.40 -2.04 30.76
C THR B 318 -2.55 -3.38 30.03
N VAL B 319 -3.23 -4.34 30.67
CA VAL B 319 -3.39 -5.69 30.09
C VAL B 319 -4.49 -5.76 29.05
N THR B 320 -5.70 -5.32 29.41
CA THR B 320 -6.84 -5.32 28.48
C THR B 320 -7.93 -4.31 28.86
N ASP B 321 -8.70 -3.90 27.85
CA ASP B 321 -9.82 -3.00 28.03
C ASP B 321 -11.12 -3.78 28.21
N GLU B 322 -11.04 -5.09 28.00
CA GLU B 322 -12.22 -5.94 27.94
C GLU B 322 -12.07 -7.24 28.74
N ILE B 323 -12.66 -7.26 29.93
CA ILE B 323 -12.79 -8.49 30.72
C ILE B 323 -14.28 -8.83 30.89
N GLU B 324 -14.74 -9.79 30.08
CA GLU B 324 -16.18 -10.06 29.88
C GLU B 324 -16.76 -11.13 30.79
N ARG B 325 -18.07 -11.34 30.65
CA ARG B 325 -18.85 -12.33 31.40
C ARG B 325 -18.39 -12.50 32.85
N ALA B 326 -18.65 -11.47 33.65
CA ALA B 326 -18.32 -11.50 35.07
C ALA B 326 -19.09 -12.61 35.77
N ASN B 327 -18.37 -13.45 36.50
CA ASN B 327 -18.98 -14.57 37.22
C ASN B 327 -18.41 -14.67 38.62
N ILE B 328 -19.29 -14.93 39.59
CA ILE B 328 -18.90 -15.01 41.00
C ILE B 328 -19.84 -15.92 41.81
N PHE B 329 -19.24 -16.81 42.59
CA PHE B 329 -19.99 -17.68 43.52
C PHE B 329 -19.12 -18.08 44.71
N LYS B 330 -19.78 -18.61 45.75
CA LYS B 330 -19.10 -19.01 46.98
C LYS B 330 -18.95 -20.53 47.03
N LYS B 331 -17.70 -20.99 47.14
CA LYS B 331 -17.40 -22.41 47.23
C LYS B 331 -16.42 -22.69 48.38
N ASP B 332 -16.77 -23.64 49.23
CA ASP B 332 -15.95 -24.05 50.39
C ASP B 332 -15.56 -22.89 51.29
N GLY B 333 -16.46 -21.92 51.44
CA GLY B 333 -16.23 -20.74 52.27
C GLY B 333 -15.49 -19.61 51.58
N LYS B 334 -14.97 -19.89 50.38
CA LYS B 334 -14.18 -18.93 49.62
C LYS B 334 -15.02 -18.30 48.50
N TRP B 335 -14.59 -17.14 48.02
CA TRP B 335 -15.28 -16.45 46.92
C TRP B 335 -14.49 -16.56 45.62
N TYR B 336 -15.11 -17.18 44.62
CA TYR B 336 -14.47 -17.39 43.33
C TYR B 336 -14.99 -16.42 42.28
N LEU B 337 -14.06 -15.67 41.70
CA LEU B 337 -14.37 -14.67 40.67
C LEU B 337 -13.78 -15.08 39.32
N PHE B 338 -14.60 -14.99 38.28
CA PHE B 338 -14.20 -15.44 36.94
C PHE B 338 -14.51 -14.37 35.89
N THR B 339 -13.75 -14.41 34.79
CA THR B 339 -13.96 -13.51 33.65
C THR B 339 -13.39 -14.08 32.36
N ASP B 340 -14.06 -13.79 31.24
CA ASP B 340 -13.60 -14.18 29.92
C ASP B 340 -12.82 -13.04 29.27
N SER B 341 -11.72 -13.37 28.61
CA SER B 341 -10.87 -12.35 27.98
C SER B 341 -10.22 -12.82 26.68
N ARG B 342 -10.17 -11.91 25.71
CA ARG B 342 -9.62 -12.19 24.39
C ARG B 342 -8.14 -11.79 24.27
N GLY B 343 -7.35 -12.68 23.69
CA GLY B 343 -5.93 -12.41 23.44
C GLY B 343 -5.71 -11.30 22.43
N SER B 344 -6.68 -11.13 21.53
CA SER B 344 -6.65 -10.07 20.51
C SER B 344 -6.71 -8.68 21.14
N LYS B 345 -7.38 -8.57 22.29
CA LYS B 345 -7.52 -7.30 23.00
C LYS B 345 -6.41 -7.08 24.03
N MET B 346 -5.62 -8.12 24.29
CA MET B 346 -4.54 -8.07 25.28
C MET B 346 -3.24 -7.52 24.69
N THR B 347 -2.33 -7.09 25.56
CA THR B 347 -1.04 -6.50 25.15
C THR B 347 0.14 -7.34 25.63
N ILE B 348 -0.09 -8.64 25.85
CA ILE B 348 0.89 -9.52 26.47
C ILE B 348 1.66 -10.34 25.42
N ASP B 349 2.99 -10.39 25.59
CA ASP B 349 3.86 -11.14 24.69
C ASP B 349 3.63 -12.65 24.79
N GLY B 350 3.52 -13.30 23.63
CA GLY B 350 3.25 -14.73 23.58
C GLY B 350 1.77 -15.08 23.58
N ILE B 351 0.93 -14.05 23.67
CA ILE B 351 -0.52 -14.23 23.61
C ILE B 351 -1.03 -13.52 22.35
N GLY B 352 -1.63 -14.29 21.44
CA GLY B 352 -1.99 -13.81 20.11
C GLY B 352 -3.47 -13.66 19.81
N GLN B 353 -3.78 -13.46 18.54
CA GLN B 353 -5.14 -13.17 18.07
C GLN B 353 -6.14 -14.29 18.31
N ASP B 354 -5.69 -15.54 18.18
CA ASP B 354 -6.58 -16.70 18.29
C ASP B 354 -6.83 -17.14 19.73
N ASP B 355 -6.04 -16.62 20.66
CA ASP B 355 -6.13 -17.00 22.07
C ASP B 355 -7.37 -16.43 22.76
N VAL B 356 -8.14 -17.29 23.42
CA VAL B 356 -9.30 -16.91 24.22
C VAL B 356 -9.21 -17.61 25.58
N TYR B 357 -9.51 -16.88 26.65
CA TYR B 357 -9.33 -17.39 28.01
C TYR B 357 -10.55 -17.21 28.92
N MET B 358 -10.66 -18.10 29.90
CA MET B 358 -11.40 -17.81 31.12
C MET B 358 -10.39 -17.73 32.26
N LEU B 359 -10.39 -16.59 32.94
CA LEU B 359 -9.48 -16.37 34.06
C LEU B 359 -10.25 -16.51 35.38
N GLY B 360 -9.54 -16.88 36.44
CA GLY B 360 -10.16 -17.13 37.74
C GLY B 360 -9.36 -16.62 38.93
N TYR B 361 -10.08 -16.16 39.95
CA TYR B 361 -9.48 -15.55 41.14
C TYR B 361 -10.25 -15.94 42.39
N VAL B 362 -9.55 -15.98 43.53
CA VAL B 362 -10.14 -16.38 44.81
C VAL B 362 -9.85 -15.39 45.94
N SER B 363 -10.83 -15.22 46.84
CA SER B 363 -10.69 -14.35 48.00
C SER B 363 -11.45 -14.92 49.21
N ASN B 364 -10.93 -14.66 50.40
CA ASN B 364 -11.58 -15.05 51.64
C ASN B 364 -12.88 -14.28 51.91
N THR B 365 -12.96 -13.06 51.40
CA THR B 365 -14.13 -12.21 51.56
C THR B 365 -14.62 -11.69 50.20
N LEU B 366 -15.87 -11.24 50.16
CA LEU B 366 -16.50 -10.75 48.93
C LEU B 366 -15.75 -9.59 48.28
N THR B 367 -15.35 -8.61 49.09
CA THR B 367 -14.69 -7.41 48.59
C THR B 367 -13.19 -7.37 48.89
N GLY B 368 -12.67 -8.48 49.42
CA GLY B 368 -11.26 -8.60 49.78
C GLY B 368 -10.34 -8.75 48.58
N LYS B 369 -9.08 -9.08 48.86
CA LYS B 369 -8.06 -9.21 47.83
C LYS B 369 -8.19 -10.53 47.07
N TYR B 370 -8.32 -10.43 45.75
CA TYR B 370 -8.46 -11.61 44.89
C TYR B 370 -7.12 -12.07 44.34
N LYS B 371 -6.78 -13.32 44.62
CA LYS B 371 -5.51 -13.92 44.21
C LYS B 371 -5.73 -14.91 43.06
N PRO B 372 -4.82 -14.92 42.06
CA PRO B 372 -4.99 -15.72 40.85
C PRO B 372 -5.06 -17.24 41.10
N LEU B 373 -5.98 -17.90 40.40
CA LEU B 373 -6.05 -19.36 40.41
C LEU B 373 -4.93 -19.91 39.52
N ASN B 374 -4.32 -21.00 39.95
CA ASN B 374 -3.18 -21.62 39.25
C ASN B 374 -2.00 -20.67 39.06
N ASP B 375 -1.83 -19.76 40.03
CA ASP B 375 -0.69 -18.82 40.11
C ASP B 375 -0.70 -17.67 39.09
N THR B 376 -1.45 -17.84 38.01
CA THR B 376 -1.46 -16.86 36.91
C THR B 376 -2.85 -16.33 36.61
N GLY B 377 -3.87 -17.03 37.09
CA GLY B 377 -5.25 -16.67 36.80
C GLY B 377 -5.88 -17.53 35.72
N LEU B 378 -5.03 -18.28 35.01
N LEU B 378 -5.04 -18.30 35.02
CA LEU B 378 -5.47 -19.15 33.90
CA LEU B 378 -5.46 -19.15 33.90
C LEU B 378 -6.31 -20.32 34.40
C LEU B 378 -6.30 -20.34 34.37
N VAL B 379 -7.51 -20.44 33.85
CA VAL B 379 -8.39 -21.58 34.12
C VAL B 379 -8.73 -22.33 32.82
N LEU B 380 -9.10 -21.59 31.78
CA LEU B 380 -9.46 -22.17 30.49
C LEU B 380 -8.77 -21.50 29.30
N HIS B 381 -8.38 -22.30 28.32
CA HIS B 381 -7.73 -21.78 27.10
C HIS B 381 -8.33 -22.40 25.83
N MET B 382 -8.93 -21.54 25.01
CA MET B 382 -9.53 -21.91 23.73
C MET B 382 -8.80 -21.14 22.65
N ASP B 383 -8.15 -21.85 21.72
CA ASP B 383 -7.36 -21.20 20.67
C ASP B 383 -7.73 -21.61 19.25
N LEU B 384 -8.91 -22.21 19.08
CA LEU B 384 -9.40 -22.60 17.76
C LEU B 384 -9.71 -21.38 16.91
N ASP B 385 -9.50 -21.53 15.60
CA ASP B 385 -9.77 -20.47 14.63
C ASP B 385 -11.26 -20.13 14.61
N PRO B 386 -11.60 -18.83 14.52
CA PRO B 386 -12.99 -18.37 14.44
C PRO B 386 -13.80 -19.00 13.31
N ASN B 387 -13.12 -19.44 12.26
CA ASN B 387 -13.76 -20.13 11.13
C ASN B 387 -14.16 -21.57 11.43
N ASP B 388 -13.57 -22.16 12.47
CA ASP B 388 -13.86 -23.54 12.86
C ASP B 388 -15.28 -23.70 13.38
N LYS B 389 -15.87 -24.87 13.08
CA LYS B 389 -17.23 -25.18 13.51
C LYS B 389 -17.36 -25.24 15.04
N THR B 390 -16.40 -25.86 15.71
CA THR B 390 -16.47 -26.06 17.16
C THR B 390 -15.88 -24.91 17.99
N PHE B 391 -15.70 -23.74 17.36
CA PHE B 391 -15.29 -22.53 18.07
C PHE B 391 -16.31 -22.22 19.16
N THR B 392 -15.84 -22.08 20.40
CA THR B 392 -16.70 -21.71 21.51
C THR B 392 -16.31 -20.36 22.10
N TYR B 393 -17.25 -19.75 22.82
CA TYR B 393 -17.07 -18.41 23.38
C TYR B 393 -18.05 -18.21 24.53
N SER B 394 -17.70 -17.28 25.42
CA SER B 394 -18.55 -16.90 26.56
C SER B 394 -18.69 -18.05 27.57
N HIS B 395 -17.55 -18.65 27.92
CA HIS B 395 -17.49 -19.76 28.87
C HIS B 395 -17.91 -19.30 30.27
N PHE B 396 -18.76 -20.10 30.91
CA PHE B 396 -19.41 -19.71 32.16
C PHE B 396 -19.47 -20.86 33.15
N ALA B 397 -18.92 -20.63 34.35
CA ALA B 397 -18.87 -21.64 35.39
C ALA B 397 -20.15 -21.70 36.22
N VAL B 398 -20.89 -22.79 36.08
CA VAL B 398 -22.13 -23.02 36.82
C VAL B 398 -21.84 -23.91 38.04
N PRO B 399 -21.92 -23.34 39.25
CA PRO B 399 -21.70 -24.11 40.48
C PRO B 399 -22.77 -25.17 40.68
N GLN B 400 -22.39 -26.26 41.36
CA GLN B 400 -23.27 -27.41 41.53
C GLN B 400 -23.69 -27.59 42.98
N THR B 401 -24.73 -28.39 43.21
CA THR B 401 -25.26 -28.65 44.55
C THR B 401 -24.24 -29.37 45.43
N LYS B 402 -23.58 -30.38 44.85
CA LYS B 402 -22.57 -31.16 45.56
C LYS B 402 -21.36 -31.48 44.68
N GLY B 403 -20.20 -31.65 45.31
CA GLY B 403 -18.98 -32.01 44.60
C GLY B 403 -18.06 -30.82 44.35
N ASP B 404 -16.85 -31.12 43.87
CA ASP B 404 -15.84 -30.09 43.59
C ASP B 404 -15.77 -29.73 42.12
N ASN B 405 -16.69 -30.29 41.32
CA ASN B 405 -16.78 -29.97 39.90
C ASN B 405 -17.81 -28.88 39.62
N VAL B 406 -17.47 -28.00 38.68
CA VAL B 406 -18.41 -27.02 38.15
C VAL B 406 -18.67 -27.29 36.66
N VAL B 407 -19.89 -27.01 36.21
CA VAL B 407 -20.24 -27.20 34.80
C VAL B 407 -19.93 -25.93 34.01
N ILE B 408 -19.18 -26.09 32.93
CA ILE B 408 -18.84 -24.99 32.04
C ILE B 408 -19.78 -24.97 30.84
N THR B 409 -20.55 -23.90 30.73
CA THR B 409 -21.40 -23.67 29.57
C THR B 409 -20.78 -22.60 28.68
N SER B 410 -20.99 -22.74 27.37
CA SER B 410 -20.56 -21.75 26.39
C SER B 410 -21.43 -21.87 25.15
N TYR B 411 -21.34 -20.90 24.23
CA TYR B 411 -22.01 -21.03 22.95
C TYR B 411 -21.04 -21.42 21.84
N MET B 412 -21.53 -22.15 20.85
CA MET B 412 -20.73 -22.64 19.75
C MET B 412 -21.20 -21.98 18.46
N THR B 413 -20.32 -21.19 17.85
CA THR B 413 -20.65 -20.41 16.65
C THR B 413 -21.19 -21.26 15.51
N ASN B 414 -20.71 -22.50 15.41
CA ASN B 414 -21.25 -23.52 14.49
C ASN B 414 -21.32 -23.07 13.03
N ARG B 415 -20.44 -22.13 12.65
CA ARG B 415 -20.39 -21.61 11.29
C ARG B 415 -19.75 -22.63 10.34
N GLY B 416 -20.55 -23.55 9.83
CA GLY B 416 -20.05 -24.58 8.93
C GLY B 416 -20.44 -24.34 7.47
N PHE B 417 -19.72 -25.00 6.56
CA PHE B 417 -20.06 -25.00 5.15
C PHE B 417 -21.34 -25.81 4.93
N TYR B 418 -21.59 -26.74 5.85
CA TYR B 418 -22.81 -27.55 5.83
C TYR B 418 -23.70 -27.26 7.06
N GLU B 419 -24.84 -27.94 7.13
CA GLU B 419 -25.78 -27.76 8.23
C GLU B 419 -26.05 -29.09 8.97
N ASP B 420 -26.24 -29.08 10.31
CA ASP B 420 -26.53 -27.89 11.15
C ASP B 420 -25.49 -26.78 11.11
N ASN B 421 -26.00 -25.55 11.22
CA ASN B 421 -25.31 -24.38 10.72
C ASN B 421 -25.35 -23.12 11.58
N HIS B 422 -26.16 -23.14 12.61
CA HIS B 422 -26.40 -21.93 13.41
C HIS B 422 -25.79 -21.98 14.81
N SER B 423 -25.48 -20.81 15.35
CA SER B 423 -24.92 -20.68 16.70
C SER B 423 -25.81 -21.37 17.72
N THR B 424 -25.21 -22.19 18.57
CA THR B 424 -25.96 -23.13 19.40
C THR B 424 -25.32 -23.34 20.78
N PHE B 425 -25.99 -24.10 21.64
CA PHE B 425 -25.41 -24.52 22.91
C PHE B 425 -24.22 -25.44 22.62
N ALA B 426 -23.07 -25.11 23.19
CA ALA B 426 -21.90 -25.95 23.09
C ALA B 426 -22.04 -27.13 24.05
N PRO B 427 -21.39 -28.26 23.74
CA PRO B 427 -21.33 -29.33 24.73
C PRO B 427 -20.69 -28.81 26.01
N SER B 428 -21.37 -29.04 27.13
CA SER B 428 -20.87 -28.62 28.43
C SER B 428 -19.77 -29.57 28.89
N PHE B 429 -18.91 -29.08 29.77
CA PHE B 429 -17.86 -29.91 30.37
C PHE B 429 -17.61 -29.50 31.81
N LEU B 430 -16.77 -30.28 32.50
CA LEU B 430 -16.53 -30.09 33.92
C LEU B 430 -15.13 -29.57 34.23
N VAL B 431 -15.06 -28.76 35.29
CA VAL B 431 -13.78 -28.26 35.82
C VAL B 431 -13.76 -28.49 37.33
N ASN B 432 -12.72 -29.17 37.80
CA ASN B 432 -12.53 -29.39 39.24
C ASN B 432 -11.93 -28.16 39.90
N ILE B 433 -12.48 -27.79 41.06
CA ILE B 433 -11.95 -26.69 41.86
C ILE B 433 -11.50 -27.23 43.21
N ASP B 434 -10.20 -27.09 43.49
CA ASP B 434 -9.65 -27.44 44.81
C ASP B 434 -8.69 -26.36 45.29
N GLY B 435 -9.15 -25.58 46.27
CA GLY B 435 -8.39 -24.46 46.81
C GLY B 435 -8.17 -23.38 45.78
N SER B 436 -6.90 -23.13 45.46
CA SER B 436 -6.52 -22.13 44.45
C SER B 436 -6.12 -22.79 43.13
N LYS B 437 -6.47 -24.06 42.97
CA LYS B 437 -6.08 -24.84 41.80
C LYS B 437 -7.31 -25.36 41.02
N THR B 438 -7.22 -25.33 39.69
CA THR B 438 -8.31 -25.81 38.83
C THR B 438 -7.81 -26.82 37.80
N SER B 439 -8.71 -27.69 37.35
CA SER B 439 -8.38 -28.72 36.35
C SER B 439 -9.59 -29.12 35.53
N VAL B 440 -9.43 -29.12 34.21
CA VAL B 440 -10.45 -29.64 33.30
C VAL B 440 -10.55 -31.15 33.47
N VAL B 441 -11.77 -31.65 33.59
CA VAL B 441 -12.00 -33.10 33.66
C VAL B 441 -11.94 -33.67 32.25
N LYS B 442 -10.90 -34.47 31.99
CA LYS B 442 -10.64 -35.02 30.67
C LYS B 442 -11.66 -36.08 30.24
N ASP B 443 -11.93 -36.11 28.93
CA ASP B 443 -12.75 -37.14 28.29
C ASP B 443 -14.12 -37.40 28.93
N ARG B 444 -14.73 -36.34 29.45
CA ARG B 444 -16.06 -36.42 30.01
C ARG B 444 -16.92 -35.27 29.50
N VAL B 445 -17.12 -35.23 28.20
CA VAL B 445 -17.90 -34.18 27.54
C VAL B 445 -19.39 -34.45 27.70
N LEU B 446 -20.11 -33.45 28.20
CA LEU B 446 -21.53 -33.59 28.48
C LEU B 446 -22.40 -33.18 27.29
N GLU B 447 -23.71 -33.11 27.50
CA GLU B 447 -24.69 -32.72 26.49
C GLU B 447 -24.53 -31.26 26.09
N GLN B 448 -24.99 -30.92 24.89
CA GLN B 448 -25.06 -29.53 24.44
C GLN B 448 -26.05 -28.74 25.30
N GLY B 449 -25.53 -27.85 26.14
CA GLY B 449 -26.35 -27.00 26.98
C GLY B 449 -26.71 -27.58 28.34
N GLN B 450 -26.15 -28.74 28.69
CA GLN B 450 -26.40 -29.35 30.00
C GLN B 450 -25.86 -28.46 31.11
N LEU B 451 -26.65 -28.30 32.17
CA LEU B 451 -26.32 -27.37 33.26
C LEU B 451 -25.91 -28.06 34.54
N THR B 452 -26.47 -29.24 34.80
CA THR B 452 -26.28 -29.94 36.07
C THR B 452 -25.79 -31.38 35.90
N VAL B 453 -25.01 -31.85 36.89
CA VAL B 453 -24.53 -33.23 36.94
C VAL B 453 -24.82 -33.92 38.26
N SER C 6 2.22 35.08 -29.72
CA SER C 6 2.65 35.58 -28.38
C SER C 6 3.76 34.70 -27.78
N LYS C 7 4.08 34.92 -26.51
CA LYS C 7 5.11 34.15 -25.83
C LYS C 7 4.65 32.77 -25.35
N ASP C 8 3.33 32.57 -25.28
CA ASP C 8 2.76 31.30 -24.82
C ASP C 8 3.19 30.11 -25.66
N PHE C 9 3.64 29.05 -24.99
CA PHE C 9 4.05 27.81 -25.64
C PHE C 9 3.85 26.60 -24.74
N ASN C 10 4.09 25.41 -25.29
CA ASN C 10 3.93 24.16 -24.56
C ASN C 10 4.98 23.12 -24.95
N ASN C 11 5.92 22.90 -24.04
CA ASN C 11 6.97 21.89 -24.22
C ASN C 11 7.19 21.15 -22.90
N SER C 12 6.89 19.85 -22.91
CA SER C 12 7.04 19.01 -21.71
C SER C 12 8.39 18.32 -21.67
N TYR C 13 9.14 18.42 -22.76
CA TYR C 13 10.49 17.85 -22.91
C TYR C 13 10.55 16.32 -22.73
N GLY C 14 9.42 15.66 -22.97
CA GLY C 14 9.31 14.21 -22.83
C GLY C 14 9.38 13.70 -21.42
N ILE C 15 9.26 14.60 -20.45
CA ILE C 15 9.35 14.26 -19.02
C ILE C 15 8.11 14.73 -18.26
N SER C 16 7.96 14.23 -17.03
CA SER C 16 6.84 14.62 -16.17
C SER C 16 7.12 15.93 -15.45
N HIS C 17 6.08 16.55 -14.90
CA HIS C 17 6.20 17.84 -14.23
C HIS C 17 5.30 17.95 -13.00
N ILE C 18 5.84 18.55 -11.95
CA ILE C 18 5.04 18.96 -10.79
C ILE C 18 4.37 20.27 -11.18
N THR C 19 3.08 20.20 -11.49
CA THR C 19 2.34 21.32 -12.07
C THR C 19 1.75 22.25 -11.00
N ARG C 20 1.51 23.50 -11.40
CA ARG C 20 0.91 24.51 -10.53
C ARG C 20 -0.55 24.20 -10.22
N ASP C 21 -1.23 23.54 -11.15
CA ASP C 21 -2.64 23.14 -10.97
C ASP C 21 -2.80 22.15 -9.80
N ASN C 22 -1.88 21.20 -9.71
CA ASN C 22 -1.87 20.22 -8.63
C ASN C 22 -1.42 20.82 -7.29
N MET C 23 -0.52 21.80 -7.36
CA MET C 23 0.03 22.43 -6.16
C MET C 23 -0.93 23.39 -5.46
N VAL C 24 -1.72 24.13 -6.24
CA VAL C 24 -2.71 25.06 -5.67
C VAL C 24 -3.90 24.34 -5.04
N LYS C 25 -4.00 23.04 -5.26
CA LYS C 25 -5.07 22.21 -4.69
C LYS C 25 -4.64 21.54 -3.37
N ILE C 26 -3.37 21.67 -3.01
CA ILE C 26 -2.85 21.15 -1.75
C ILE C 26 -3.43 21.86 -0.50
N PRO C 27 -3.51 23.21 -0.51
CA PRO C 27 -4.00 23.97 0.64
C PRO C 27 -5.18 23.37 1.41
N GLN C 28 -6.32 23.12 0.77
CA GLN C 28 -7.48 22.62 1.53
C GLN C 28 -7.52 21.10 1.68
N GLN C 29 -6.77 20.41 0.82
CA GLN C 29 -6.62 18.96 0.90
C GLN C 29 -5.82 18.54 2.14
N GLN C 30 -4.80 19.31 2.47
CA GLN C 30 -3.83 18.96 3.50
C GLN C 30 -4.36 18.88 4.94
N ASN C 31 -5.50 19.52 5.19
CA ASN C 31 -6.11 19.53 6.53
C ASN C 31 -6.70 18.19 6.96
N SER C 32 -6.72 17.23 6.05
CA SER C 32 -7.22 15.89 6.34
C SER C 32 -6.15 15.05 7.03
N ASP C 33 -6.57 14.26 8.03
CA ASP C 33 -5.67 13.37 8.76
C ASP C 33 -5.10 12.24 7.89
N GLN C 34 -5.57 12.18 6.64
CA GLN C 34 -5.05 11.27 5.63
C GLN C 34 -3.62 11.63 5.22
N PHE C 35 -3.26 12.89 5.44
CA PHE C 35 -1.97 13.44 4.98
C PHE C 35 -1.13 14.01 6.11
N LYS C 36 -1.74 14.23 7.27
CA LYS C 36 -1.06 14.85 8.41
C LYS C 36 -0.06 13.91 9.07
N VAL C 37 1.15 14.44 9.30
CA VAL C 37 2.16 13.73 10.08
C VAL C 37 1.65 13.60 11.53
N PRO C 38 1.59 12.36 12.05
CA PRO C 38 0.98 12.09 13.36
C PRO C 38 1.61 12.88 14.49
N ALA C 39 0.79 13.25 15.48
CA ALA C 39 1.27 13.90 16.70
C ALA C 39 2.19 12.94 17.46
N PHE C 40 3.34 13.45 17.88
CA PHE C 40 4.32 12.63 18.60
C PHE C 40 4.32 12.92 20.10
N ASP C 41 4.65 11.90 20.88
CA ASP C 41 4.67 11.96 22.33
C ASP C 41 5.97 12.60 22.83
N GLU C 42 5.85 13.75 23.49
CA GLU C 42 7.01 14.51 23.96
C GLU C 42 7.71 13.91 25.17
N SER C 43 6.97 13.12 25.95
CA SER C 43 7.48 12.59 27.22
C SER C 43 8.41 11.39 27.08
N THR C 44 8.45 10.79 25.88
CA THR C 44 9.27 9.60 25.64
C THR C 44 10.42 9.81 24.65
N ILE C 45 10.54 11.02 24.12
CA ILE C 45 11.59 11.36 23.14
C ILE C 45 12.98 11.28 23.76
N LYS C 46 13.84 10.46 23.16
CA LYS C 46 15.19 10.23 23.68
C LYS C 46 16.25 10.56 22.64
N ASN C 47 17.38 11.10 23.12
CA ASN C 47 18.56 11.26 22.29
C ASN C 47 19.14 9.90 21.92
N ILE C 48 19.87 9.86 20.81
CA ILE C 48 20.62 8.66 20.46
C ILE C 48 21.81 8.59 21.40
N ALA C 49 21.76 7.62 22.32
CA ALA C 49 22.75 7.50 23.40
C ALA C 49 24.18 7.29 22.90
N SER C 50 24.32 6.54 21.82
CA SER C 50 25.64 6.22 21.25
C SER C 50 26.19 7.35 20.39
N ALA C 51 25.34 8.31 20.03
CA ALA C 51 25.73 9.44 19.18
C ALA C 51 26.62 10.44 19.92
N LYS C 52 27.87 10.02 20.17
CA LYS C 52 28.87 10.88 20.79
C LYS C 52 30.12 10.89 19.93
N GLY C 53 30.73 12.06 19.81
CA GLY C 53 31.94 12.22 18.99
C GLY C 53 32.64 13.54 19.27
N LYS C 54 33.90 13.64 18.85
CA LYS C 54 34.70 14.84 19.05
C LYS C 54 34.35 15.89 18.00
N ASN C 55 34.03 17.09 18.46
CA ASN C 55 33.74 18.22 17.57
C ASN C 55 35.02 18.84 17.01
N ALA C 56 34.96 20.11 16.62
CA ALA C 56 36.12 20.82 16.07
C ALA C 56 37.30 20.82 17.04
N SER C 57 37.06 21.22 18.28
CA SER C 57 38.11 21.34 19.30
C SER C 57 38.66 19.99 19.77
N GLY C 58 38.02 18.89 19.34
CA GLY C 58 38.41 17.55 19.74
C GLY C 58 37.87 17.18 21.11
N ASN C 59 36.75 17.78 21.48
CA ASN C 59 36.07 17.50 22.74
C ASN C 59 34.84 16.63 22.55
N THR C 60 34.68 15.64 23.43
CA THR C 60 33.60 14.65 23.33
C THR C 60 32.23 15.21 23.71
N ILE C 61 31.46 15.59 22.69
CA ILE C 61 30.14 16.18 22.88
C ILE C 61 29.00 15.30 22.34
N ASP C 62 27.78 15.55 22.81
CA ASP C 62 26.59 14.92 22.26
C ASP C 62 26.24 15.53 20.90
N LEU C 63 26.13 14.67 19.90
CA LEU C 63 25.90 15.12 18.52
C LEU C 63 24.41 15.30 18.22
N ASP C 64 24.11 16.25 17.35
CA ASP C 64 22.79 16.37 16.74
C ASP C 64 22.78 15.49 15.50
N VAL C 65 21.80 14.60 15.43
CA VAL C 65 21.71 13.66 14.30
C VAL C 65 20.55 14.04 13.38
N TRP C 66 20.87 14.24 12.10
CA TRP C 66 19.90 14.71 11.12
C TRP C 66 19.55 13.63 10.09
N ASP C 67 19.73 13.95 8.81
CA ASP C 67 19.37 13.06 7.70
C ASP C 67 19.92 11.64 7.90
N SER C 68 19.03 10.66 7.88
CA SER C 68 19.43 9.27 8.02
C SER C 68 18.83 8.37 6.94
N TRP C 69 19.59 7.35 6.55
CA TRP C 69 19.14 6.37 5.57
C TRP C 69 19.65 4.98 5.93
N PRO C 70 18.76 3.97 5.82
CA PRO C 70 19.14 2.60 6.16
C PRO C 70 19.92 1.92 5.03
N LEU C 71 20.76 0.95 5.39
CA LEU C 71 21.39 0.06 4.42
C LEU C 71 20.29 -0.79 3.80
N GLN C 72 20.20 -0.75 2.48
CA GLN C 72 19.09 -1.38 1.76
C GLN C 72 19.52 -2.46 0.79
N ASN C 73 18.61 -3.40 0.54
CA ASN C 73 18.76 -4.31 -0.59
C ASN C 73 18.44 -3.57 -1.88
N ALA C 74 18.67 -4.21 -3.02
CA ALA C 74 18.42 -3.61 -4.34
C ALA C 74 16.99 -3.07 -4.50
N ASP C 75 16.01 -3.81 -3.98
CA ASP C 75 14.60 -3.45 -4.12
C ASP C 75 14.10 -2.37 -3.15
N GLY C 76 14.95 -1.99 -2.19
CA GLY C 76 14.61 -0.93 -1.25
C GLY C 76 14.33 -1.40 0.17
N THR C 77 14.11 -2.70 0.35
CA THR C 77 13.88 -3.28 1.67
C THR C 77 15.14 -3.18 2.54
N VAL C 78 14.96 -3.17 3.85
CA VAL C 78 16.07 -3.01 4.80
C VAL C 78 16.98 -4.23 4.78
N ALA C 79 18.27 -3.99 4.52
CA ALA C 79 19.25 -5.06 4.43
C ALA C 79 19.72 -5.53 5.80
N THR C 80 20.02 -6.81 5.90
CA THR C 80 20.60 -7.40 7.11
C THR C 80 22.08 -7.72 6.85
N TYR C 81 22.95 -7.09 7.64
CA TYR C 81 24.39 -7.29 7.53
C TYR C 81 24.92 -7.98 8.78
N HIS C 82 25.22 -9.28 8.64
CA HIS C 82 25.71 -10.12 9.73
C HIS C 82 24.83 -10.04 10.99
N GLY C 83 23.52 -10.04 10.79
CA GLY C 83 22.55 -9.93 11.88
C GLY C 83 22.32 -8.51 12.37
N TYR C 84 22.80 -7.53 11.62
CA TYR C 84 22.65 -6.12 11.99
C TYR C 84 21.81 -5.34 10.98
N GLN C 85 21.13 -4.31 11.48
CA GLN C 85 20.53 -3.28 10.63
C GLN C 85 21.42 -2.05 10.70
N ILE C 86 21.83 -1.55 9.54
CA ILE C 86 22.75 -0.41 9.47
C ILE C 86 22.04 0.85 8.98
N VAL C 87 22.21 1.93 9.74
CA VAL C 87 21.71 3.25 9.35
C VAL C 87 22.86 4.26 9.26
N PHE C 88 23.01 4.86 8.08
CA PHE C 88 23.92 5.98 7.89
C PHE C 88 23.19 7.26 8.24
N ALA C 89 23.86 8.15 8.96
CA ALA C 89 23.24 9.40 9.39
C ALA C 89 24.22 10.58 9.37
N LEU C 90 23.71 11.74 8.97
CA LEU C 90 24.47 12.98 9.05
C LEU C 90 24.40 13.51 10.48
N ALA C 91 25.55 13.87 11.03
CA ALA C 91 25.63 14.39 12.39
C ALA C 91 26.74 15.43 12.54
N GLY C 92 26.57 16.33 13.50
CA GLY C 92 27.54 17.39 13.75
C GLY C 92 27.30 18.17 15.03
N ASP C 93 28.02 19.28 15.16
CA ASP C 93 27.97 20.13 16.35
C ASP C 93 27.67 21.56 15.92
N PRO C 94 26.56 22.15 16.44
CA PRO C 94 26.14 23.52 16.10
C PRO C 94 27.09 24.63 16.59
N LYS C 95 28.14 24.25 17.32
CA LYS C 95 29.21 25.18 17.66
C LYS C 95 30.13 25.33 16.45
N ASP C 96 30.02 24.37 15.53
CA ASP C 96 30.68 24.41 14.23
C ASP C 96 29.57 24.32 13.18
N SER C 97 28.85 25.42 13.03
CA SER C 97 27.56 25.45 12.32
C SER C 97 27.55 24.81 10.92
N ASN C 98 28.57 25.07 10.10
CA ASN C 98 28.68 24.44 8.79
C ASN C 98 29.77 23.36 8.81
N ASP C 99 29.35 22.20 9.24
CA ASP C 99 30.22 21.03 9.30
C ASP C 99 29.40 19.77 9.55
N THR C 100 29.21 18.98 8.50
CA THR C 100 28.45 17.73 8.59
C THR C 100 29.24 16.55 8.04
N SER C 101 29.16 15.40 8.74
CA SER C 101 29.83 14.18 8.33
C SER C 101 28.90 12.96 8.47
N VAL C 102 29.20 11.91 7.71
CA VAL C 102 28.40 10.68 7.72
C VAL C 102 28.86 9.71 8.81
N TYR C 103 27.93 9.30 9.66
CA TYR C 103 28.19 8.34 10.74
C TYR C 103 27.49 7.02 10.45
N LEU C 104 28.09 5.92 10.91
CA LEU C 104 27.51 4.59 10.70
C LEU C 104 26.94 4.04 12.01
N PHE C 105 25.61 3.91 12.05
CA PHE C 105 24.91 3.37 13.20
C PHE C 105 24.43 1.95 12.93
N TYR C 106 24.44 1.11 13.96
CA TYR C 106 24.05 -0.30 13.81
C TYR C 106 23.33 -0.85 15.05
N LYS C 107 22.45 -1.83 14.81
CA LYS C 107 21.64 -2.44 15.85
C LYS C 107 21.24 -3.84 15.42
N LYS C 108 21.29 -4.79 16.35
CA LYS C 108 20.81 -6.15 16.10
C LYS C 108 19.32 -6.08 15.70
N ALA C 109 18.97 -6.78 14.62
CA ALA C 109 17.63 -6.72 14.04
C ALA C 109 16.49 -6.96 15.03
N GLY C 110 16.73 -7.87 15.98
CA GLY C 110 15.74 -8.22 17.01
C GLY C 110 15.54 -7.14 18.06
N ASP C 111 16.61 -6.41 18.35
CA ASP C 111 16.56 -5.29 19.31
C ASP C 111 15.68 -4.16 18.76
N LYS C 112 14.96 -3.52 19.67
CA LYS C 112 13.92 -2.56 19.29
C LYS C 112 14.20 -1.11 19.70
N SER C 113 14.72 -0.92 20.91
CA SER C 113 14.90 0.41 21.49
C SER C 113 15.96 1.27 20.79
N ILE C 114 15.81 2.58 20.90
CA ILE C 114 16.79 3.54 20.38
C ILE C 114 18.11 3.43 21.15
N ASP C 115 18.04 2.96 22.39
CA ASP C 115 19.23 2.74 23.22
C ASP C 115 20.09 1.58 22.71
N SER C 116 19.50 0.74 21.85
CA SER C 116 20.20 -0.40 21.27
C SER C 116 21.01 -0.04 20.02
N TRP C 117 20.74 1.14 19.47
CA TRP C 117 21.51 1.65 18.32
C TRP C 117 22.93 2.00 18.76
N LYS C 118 23.90 1.26 18.23
CA LYS C 118 25.31 1.49 18.54
C LYS C 118 25.96 2.37 17.48
N ASN C 119 27.10 2.95 17.82
CA ASN C 119 27.80 3.88 16.92
C ASN C 119 29.18 3.39 16.52
N ALA C 120 29.33 3.03 15.25
CA ALA C 120 30.60 2.59 14.68
C ALA C 120 31.52 3.78 14.39
N GLY C 121 30.99 4.99 14.53
CA GLY C 121 31.75 6.22 14.31
C GLY C 121 31.59 6.75 12.89
N ARG C 122 32.52 7.62 12.50
CA ARG C 122 32.52 8.21 11.16
C ARG C 122 32.89 7.18 10.10
N VAL C 123 32.24 7.29 8.94
CA VAL C 123 32.53 6.45 7.79
C VAL C 123 33.90 6.80 7.21
N PHE C 124 34.14 8.10 7.02
CA PHE C 124 35.38 8.58 6.43
C PHE C 124 36.28 9.30 7.45
N LYS C 125 37.58 9.04 7.35
CA LYS C 125 38.58 9.84 8.05
C LYS C 125 38.77 11.12 7.25
N ASP C 126 39.20 12.18 7.93
CA ASP C 126 39.52 13.46 7.25
C ASP C 126 40.53 13.25 6.13
N SER C 127 41.36 12.22 6.27
CA SER C 127 42.41 11.90 5.32
C SER C 127 41.95 11.08 4.11
N ASP C 128 40.76 10.48 4.21
CA ASP C 128 40.24 9.58 3.17
C ASP C 128 40.01 10.24 1.80
N LYS C 129 39.60 11.51 1.82
CA LYS C 129 39.28 12.25 0.59
C LYS C 129 40.50 12.62 -0.27
N PHE C 130 41.68 12.60 0.33
CA PHE C 130 42.92 12.96 -0.36
C PHE C 130 43.67 11.75 -0.93
N VAL C 131 43.21 10.55 -0.59
CA VAL C 131 43.86 9.31 -1.02
C VAL C 131 43.75 9.03 -2.54
N PRO C 132 42.51 8.99 -3.08
CA PRO C 132 42.37 8.54 -4.46
C PRO C 132 42.68 9.62 -5.51
N ASN C 133 43.02 9.18 -6.72
CA ASN C 133 43.16 10.08 -7.86
C ASN C 133 41.76 10.48 -8.34
N ASP C 134 41.27 11.61 -7.83
CA ASP C 134 39.92 12.07 -8.08
C ASP C 134 39.94 13.57 -8.39
N PRO C 135 39.11 14.01 -9.37
CA PRO C 135 39.07 15.42 -9.74
C PRO C 135 38.37 16.33 -8.73
N HIS C 136 37.58 15.76 -7.82
CA HIS C 136 36.72 16.56 -6.95
C HIS C 136 36.92 16.37 -5.44
N LEU C 137 37.24 15.15 -5.03
CA LEU C 137 37.25 14.77 -3.61
C LEU C 137 38.17 15.58 -2.68
N LYS C 138 39.31 16.04 -3.20
CA LYS C 138 40.25 16.81 -2.39
C LYS C 138 39.75 18.21 -2.03
N ASN C 139 38.69 18.66 -2.72
CA ASN C 139 38.07 19.96 -2.46
C ASN C 139 36.83 19.90 -1.55
N GLN C 140 36.62 18.75 -0.93
CA GLN C 140 35.43 18.52 -0.10
C GLN C 140 35.53 19.22 1.26
N THR C 141 34.41 19.81 1.70
CA THR C 141 34.31 20.47 3.00
C THR C 141 33.21 19.86 3.87
N GLN C 142 32.14 19.39 3.23
CA GLN C 142 31.01 18.76 3.93
C GLN C 142 30.56 17.47 3.25
N GLU C 143 30.00 16.56 4.05
CA GLU C 143 29.40 15.34 3.56
C GLU C 143 27.89 15.43 3.73
N TRP C 144 27.17 15.34 2.61
CA TRP C 144 25.72 15.40 2.63
C TRP C 144 25.05 14.05 2.34
N SER C 145 23.72 14.06 2.26
CA SER C 145 22.92 12.82 2.20
C SER C 145 23.09 11.98 0.95
N GLY C 146 22.68 10.72 1.06
CA GLY C 146 22.69 9.77 -0.05
C GLY C 146 21.92 8.50 0.28
N SER C 147 22.47 7.37 -0.15
CA SER C 147 21.87 6.06 0.10
C SER C 147 22.94 4.99 0.35
N GLY C 148 22.51 3.83 0.85
CA GLY C 148 23.41 2.71 1.10
C GLY C 148 22.80 1.38 0.65
N THR C 149 23.59 0.58 -0.05
CA THR C 149 23.13 -0.70 -0.57
C THR C 149 24.05 -1.89 -0.21
N LEU C 150 23.45 -3.05 0.00
CA LEU C 150 24.18 -4.29 0.21
C LEU C 150 24.27 -5.06 -1.11
N THR C 151 25.49 -5.18 -1.63
CA THR C 151 25.73 -5.81 -2.93
C THR C 151 25.53 -7.32 -2.89
N LYS C 152 25.45 -7.93 -4.07
CA LYS C 152 25.36 -9.39 -4.20
C LYS C 152 26.61 -10.08 -3.66
N ASP C 153 27.73 -9.35 -3.67
CA ASP C 153 28.99 -9.81 -3.10
C ASP C 153 29.00 -9.60 -1.58
N GLY C 154 27.94 -9.03 -1.04
CA GLY C 154 27.80 -8.80 0.39
C GLY C 154 28.61 -7.63 0.92
N LYS C 155 28.88 -6.66 0.04
CA LYS C 155 29.67 -5.48 0.41
C LYS C 155 28.79 -4.27 0.71
N VAL C 156 29.25 -3.43 1.63
CA VAL C 156 28.55 -2.18 1.97
C VAL C 156 28.96 -1.09 0.99
N ARG C 157 28.00 -0.70 0.14
CA ARG C 157 28.24 0.29 -0.90
C ARG C 157 27.48 1.58 -0.60
N LEU C 158 28.23 2.62 -0.26
CA LEU C 158 27.67 3.91 0.16
C LEU C 158 27.66 4.93 -0.98
N PHE C 159 26.54 5.64 -1.11
CA PHE C 159 26.42 6.78 -2.00
C PHE C 159 26.12 8.02 -1.16
N TYR C 160 26.80 9.13 -1.45
CA TYR C 160 26.58 10.38 -0.70
C TYR C 160 26.91 11.61 -1.55
N THR C 161 26.77 12.79 -0.95
CA THR C 161 27.03 14.05 -1.64
C THR C 161 28.30 14.73 -1.12
N ASP C 162 29.26 14.92 -2.02
CA ASP C 162 30.46 15.70 -1.75
C ASP C 162 30.11 17.18 -1.91
N TYR C 163 30.05 17.89 -0.79
CA TYR C 163 29.81 19.33 -0.81
C TYR C 163 31.12 20.09 -0.68
N SER C 164 31.34 21.05 -1.58
CA SER C 164 32.55 21.86 -1.59
C SER C 164 32.23 23.33 -1.28
N GLY C 165 32.62 23.76 -0.08
CA GLY C 165 32.42 25.14 0.35
C GLY C 165 33.37 26.12 -0.34
N LYS C 166 34.48 25.59 -0.84
CA LYS C 166 35.49 26.40 -1.53
C LYS C 166 35.25 26.50 -3.04
N GLN C 167 34.27 25.74 -3.54
CA GLN C 167 33.89 25.79 -4.95
C GLN C 167 32.44 26.24 -5.14
N TYR C 168 32.09 27.33 -4.46
CA TYR C 168 30.80 28.02 -4.62
C TYR C 168 29.56 27.15 -4.33
N GLY C 169 29.75 26.11 -3.53
CA GLY C 169 28.65 25.20 -3.18
C GLY C 169 28.48 24.03 -4.13
N LYS C 170 29.58 23.58 -4.73
CA LYS C 170 29.56 22.46 -5.66
C LYS C 170 29.13 21.16 -4.96
N GLN C 171 28.24 20.45 -5.62
CA GLN C 171 27.73 19.17 -5.12
C GLN C 171 27.96 18.08 -6.15
N THR C 172 28.65 17.03 -5.72
CA THR C 172 29.03 15.92 -6.60
C THR C 172 28.57 14.59 -6.02
N LEU C 173 27.87 13.80 -6.84
CA LEU C 173 27.45 12.46 -6.46
C LEU C 173 28.69 11.57 -6.33
N THR C 174 28.84 10.95 -5.16
CA THR C 174 30.07 10.26 -4.81
C THR C 174 29.78 8.87 -4.25
N THR C 175 30.72 7.95 -4.45
CA THR C 175 30.58 6.59 -3.93
C THR C 175 31.85 6.06 -3.25
N ALA C 176 31.66 5.11 -2.33
CA ALA C 176 32.74 4.39 -1.68
C ALA C 176 32.25 3.06 -1.13
N GLN C 177 33.13 2.06 -1.13
CA GLN C 177 32.87 0.81 -0.43
C GLN C 177 33.36 0.95 1.00
N VAL C 178 32.48 0.64 1.96
CA VAL C 178 32.83 0.70 3.37
C VAL C 178 33.20 -0.71 3.86
N ASN C 179 34.48 -0.89 4.17
CA ASN C 179 34.99 -2.18 4.65
C ASN C 179 34.71 -2.36 6.14
N MET C 180 34.07 -3.47 6.48
CA MET C 180 33.63 -3.73 7.85
C MET C 180 34.30 -4.95 8.47
N SER C 181 34.48 -4.91 9.79
CA SER C 181 34.95 -6.06 10.56
C SER C 181 34.20 -6.16 11.88
N GLN C 182 34.26 -7.33 12.51
CA GLN C 182 33.63 -7.56 13.80
C GLN C 182 34.67 -7.91 14.85
N PRO C 183 35.09 -6.90 15.67
CA PRO C 183 36.05 -7.14 16.76
C PRO C 183 35.50 -8.10 17.81
N ASN C 184 34.20 -8.01 18.10
CA ASN C 184 33.52 -8.96 18.97
C ASN C 184 32.07 -9.22 18.50
N ASP C 185 31.33 -10.00 19.29
CA ASP C 185 29.98 -10.45 18.93
C ASP C 185 28.94 -9.34 18.79
N ASN C 186 29.16 -8.20 19.45
CA ASN C 186 28.18 -7.11 19.48
C ASN C 186 28.67 -5.79 18.86
N THR C 187 29.87 -5.80 18.28
CA THR C 187 30.46 -4.59 17.72
C THR C 187 30.79 -4.73 16.23
N LEU C 188 30.46 -3.69 15.47
CA LEU C 188 30.89 -3.54 14.09
C LEU C 188 31.93 -2.43 14.00
N LYS C 189 32.96 -2.65 13.19
CA LYS C 189 34.05 -1.68 13.05
C LYS C 189 34.27 -1.26 11.60
N VAL C 190 34.45 0.04 11.40
CA VAL C 190 34.83 0.57 10.09
C VAL C 190 36.35 0.53 9.97
N ASP C 191 36.84 -0.39 9.14
CA ASP C 191 38.28 -0.55 8.92
C ASP C 191 38.83 0.58 8.06
N GLY C 192 38.09 0.92 7.01
CA GLY C 192 38.47 1.96 6.06
C GLY C 192 37.60 1.88 4.83
N VAL C 193 37.97 2.62 3.80
CA VAL C 193 37.21 2.65 2.55
C VAL C 193 38.07 2.28 1.34
N GLU C 194 37.40 1.83 0.28
CA GLU C 194 38.03 1.59 -1.02
C GLU C 194 37.04 1.93 -2.14
N ASP C 195 37.55 2.04 -3.36
CA ASP C 195 36.76 2.43 -4.53
C ASP C 195 36.05 3.77 -4.29
N TYR C 196 36.81 4.71 -3.72
CA TYR C 196 36.32 6.02 -3.33
C TYR C 196 36.50 6.99 -4.50
N LYS C 197 35.40 7.42 -5.09
CA LYS C 197 35.43 8.21 -6.33
C LYS C 197 34.16 9.03 -6.59
N SER C 198 34.34 10.16 -7.26
CA SER C 198 33.23 10.98 -7.75
C SER C 198 32.55 10.28 -8.93
N ILE C 199 31.24 10.48 -9.06
CA ILE C 199 30.48 9.88 -10.16
C ILE C 199 29.99 10.94 -11.16
N PHE C 200 29.29 11.95 -10.65
CA PHE C 200 28.60 12.93 -11.51
C PHE C 200 28.44 14.27 -10.80
N ASP C 201 28.77 15.35 -11.52
CA ASP C 201 28.69 16.71 -10.97
C ASP C 201 27.91 17.65 -11.89
N GLY C 202 27.12 17.10 -12.80
CA GLY C 202 26.33 17.89 -13.73
C GLY C 202 26.93 17.98 -15.10
N ASP C 203 26.06 18.10 -16.12
CA ASP C 203 26.50 18.15 -17.52
C ASP C 203 26.29 19.54 -18.15
N GLY C 204 25.23 20.23 -17.75
CA GLY C 204 24.93 21.57 -18.26
C GLY C 204 23.70 21.65 -19.14
N LYS C 205 23.42 20.58 -19.89
CA LYS C 205 22.28 20.52 -20.80
C LYS C 205 21.06 19.85 -20.18
N ILE C 206 21.30 18.79 -19.41
CA ILE C 206 20.22 18.01 -18.79
C ILE C 206 20.11 18.36 -17.30
N TYR C 207 21.26 18.59 -16.67
CA TYR C 207 21.31 19.00 -15.27
C TYR C 207 22.27 20.16 -15.09
N GLN C 208 21.85 21.13 -14.27
CA GLN C 208 22.64 22.33 -14.02
C GLN C 208 23.98 22.01 -13.35
N THR C 209 25.02 22.74 -13.75
CA THR C 209 26.34 22.63 -13.14
C THR C 209 26.54 23.78 -12.15
N VAL C 210 27.51 23.62 -11.25
CA VAL C 210 27.89 24.70 -10.33
C VAL C 210 28.54 25.86 -11.08
N GLN C 211 29.12 25.57 -12.25
CA GLN C 211 29.76 26.61 -13.08
C GLN C 211 28.73 27.57 -13.68
N GLN C 212 27.57 27.04 -14.08
CA GLN C 212 26.45 27.85 -14.52
C GLN C 212 25.91 28.70 -13.36
N PHE C 213 26.04 28.15 -12.15
CA PHE C 213 25.68 28.85 -10.92
C PHE C 213 26.67 29.98 -10.62
N ILE C 214 27.96 29.73 -10.83
CA ILE C 214 29.00 30.74 -10.62
C ILE C 214 28.87 31.88 -11.63
N ASP C 215 28.79 31.53 -12.91
CA ASP C 215 28.78 32.51 -14.00
C ASP C 215 27.59 33.49 -13.97
N GLU C 216 26.43 33.01 -13.51
CA GLU C 216 25.22 33.82 -13.44
C GLU C 216 25.29 34.92 -12.37
N GLY C 217 26.10 34.68 -11.34
CA GLY C 217 26.25 35.62 -10.24
C GLY C 217 26.26 34.99 -8.86
N GLY C 218 26.19 33.66 -8.81
CA GLY C 218 26.25 32.91 -7.55
C GLY C 218 25.01 33.05 -6.68
N ALA C 219 25.24 33.04 -5.37
CA ALA C 219 24.17 33.11 -4.36
C ALA C 219 23.45 34.46 -4.33
N ASP C 220 24.09 35.49 -4.88
CA ASP C 220 23.54 36.84 -4.93
C ASP C 220 22.27 36.94 -5.77
N THR C 221 22.16 36.08 -6.78
CA THR C 221 20.99 36.06 -7.67
C THR C 221 19.74 35.53 -6.97
N GLY C 222 19.94 34.69 -5.96
CA GLY C 222 18.83 34.02 -5.28
C GLY C 222 18.59 32.63 -5.83
N ASP C 223 19.39 32.25 -6.83
CA ASP C 223 19.33 30.91 -7.42
C ASP C 223 19.85 29.88 -6.42
N ASN C 224 19.30 28.67 -6.51
CA ASN C 224 19.68 27.57 -5.63
C ASN C 224 20.16 26.37 -6.44
N HIS C 225 21.48 26.19 -6.50
CA HIS C 225 22.07 25.06 -7.19
C HIS C 225 22.12 23.83 -6.29
N THR C 226 21.49 22.76 -6.75
CA THR C 226 21.48 21.49 -6.04
C THR C 226 21.94 20.37 -6.97
N LEU C 227 22.60 19.36 -6.39
CA LEU C 227 22.97 18.14 -7.10
C LEU C 227 23.37 17.11 -6.05
N ARG C 228 22.37 16.67 -5.29
CA ARG C 228 22.62 15.90 -4.07
C ARG C 228 21.60 14.78 -3.82
N ASP C 229 21.81 14.07 -2.71
CA ASP C 229 20.92 13.04 -2.23
C ASP C 229 20.66 11.88 -3.21
N PRO C 230 21.71 11.18 -3.64
CA PRO C 230 21.55 10.07 -4.59
C PRO C 230 20.94 8.82 -3.96
N HIS C 231 19.90 8.29 -4.59
CA HIS C 231 19.25 7.05 -4.14
C HIS C 231 19.47 5.93 -5.14
N TYR C 232 20.02 4.82 -4.66
CA TYR C 232 20.35 3.68 -5.50
C TYR C 232 19.13 2.77 -5.73
N ILE C 233 18.95 2.35 -6.98
CA ILE C 233 17.88 1.44 -7.38
C ILE C 233 18.30 0.61 -8.59
N GLU C 234 17.77 -0.61 -8.68
CA GLU C 234 18.01 -1.50 -9.81
C GLU C 234 16.72 -1.81 -10.57
N ASP C 235 16.85 -2.04 -11.87
CA ASP C 235 15.73 -2.45 -12.72
C ASP C 235 16.26 -3.12 -13.99
N ASN C 236 15.75 -4.32 -14.26
CA ASN C 236 16.15 -5.11 -15.44
C ASN C 236 17.67 -5.31 -15.56
N GLY C 237 18.33 -5.48 -14.42
CA GLY C 237 19.78 -5.69 -14.37
C GLY C 237 20.62 -4.45 -14.64
N HIS C 238 19.99 -3.28 -14.54
CA HIS C 238 20.68 -2.00 -14.72
C HIS C 238 20.75 -1.23 -13.40
N LYS C 239 21.86 -0.54 -13.19
CA LYS C 239 22.09 0.21 -11.95
C LYS C 239 21.87 1.71 -12.18
N TYR C 240 21.09 2.34 -11.30
CA TYR C 240 20.78 3.76 -11.40
C TYR C 240 20.98 4.51 -10.09
N LEU C 241 21.09 5.84 -10.20
CA LEU C 241 20.99 6.72 -9.05
C LEU C 241 19.95 7.81 -9.32
N VAL C 242 18.97 7.90 -8.44
CA VAL C 242 17.94 8.95 -8.51
C VAL C 242 18.30 10.04 -7.49
N PHE C 243 18.40 11.28 -7.95
CA PHE C 243 18.97 12.36 -7.16
C PHE C 243 18.21 13.70 -7.28
N GLU C 244 18.42 14.58 -6.31
CA GLU C 244 17.93 15.96 -6.38
C GLU C 244 18.85 16.77 -7.28
N ALA C 245 18.27 17.49 -8.24
CA ALA C 245 19.04 18.34 -9.15
C ALA C 245 18.22 19.52 -9.65
N ASN C 246 18.83 20.28 -10.57
CA ASN C 246 18.12 21.33 -11.30
C ASN C 246 18.32 21.10 -12.79
N THR C 247 17.32 21.44 -13.59
CA THR C 247 17.37 21.25 -15.04
C THR C 247 18.53 22.02 -15.67
N GLY C 248 19.02 21.51 -16.80
CA GLY C 248 20.02 22.21 -17.61
C GLY C 248 19.38 22.99 -18.74
N THR C 249 20.21 23.47 -19.65
CA THR C 249 19.79 24.36 -20.74
C THR C 249 18.82 23.74 -21.75
N GLU C 250 18.83 22.41 -21.86
CA GLU C 250 18.10 21.73 -22.94
C GLU C 250 16.86 20.92 -22.51
N ASP C 251 16.42 21.06 -21.26
CA ASP C 251 15.21 20.37 -20.80
C ASP C 251 14.34 21.22 -19.86
N GLY C 252 14.10 22.46 -20.26
CA GLY C 252 13.29 23.39 -19.49
C GLY C 252 14.10 24.07 -18.41
N TYR C 253 14.94 25.02 -18.84
CA TYR C 253 15.82 25.74 -17.92
C TYR C 253 15.06 26.83 -17.18
N GLN C 254 15.70 27.37 -16.14
CA GLN C 254 15.20 28.54 -15.44
C GLN C 254 15.18 29.75 -16.39
N GLY C 255 14.49 30.81 -15.98
CA GLY C 255 14.44 32.04 -16.78
C GLY C 255 13.03 32.56 -16.99
N GLU C 256 12.95 33.73 -17.63
CA GLU C 256 11.68 34.44 -17.83
C GLU C 256 10.69 33.70 -18.73
N ASP C 257 11.20 33.04 -19.76
CA ASP C 257 10.36 32.33 -20.73
C ASP C 257 9.67 31.10 -20.14
N SER C 258 10.25 30.53 -19.08
CA SER C 258 9.71 29.35 -18.42
C SER C 258 8.33 29.60 -17.79
N LEU C 259 8.04 30.87 -17.48
CA LEU C 259 6.75 31.26 -16.91
C LEU C 259 5.63 31.28 -17.97
N TYR C 260 5.99 30.99 -19.21
CA TYR C 260 5.02 30.97 -20.32
C TYR C 260 4.73 29.56 -20.83
N ASN C 261 5.46 28.58 -20.29
CA ASN C 261 5.29 27.17 -20.66
C ASN C 261 4.09 26.53 -19.96
N ARG C 262 3.11 26.12 -20.76
CA ARG C 262 1.86 25.51 -20.26
C ARG C 262 2.09 24.21 -19.49
N ALA C 263 3.17 23.50 -19.83
CA ALA C 263 3.49 22.20 -19.21
C ALA C 263 3.78 22.28 -17.71
N TYR C 264 4.16 23.47 -17.24
CA TYR C 264 4.45 23.68 -15.81
C TYR C 264 3.20 24.10 -15.04
N TYR C 265 2.15 24.47 -15.77
CA TYR C 265 0.91 24.94 -15.16
C TYR C 265 -0.13 23.83 -15.06
N GLY C 266 -0.27 23.05 -16.12
CA GLY C 266 -1.30 22.02 -16.20
C GLY C 266 -2.69 22.63 -16.28
N GLY C 267 -3.71 21.80 -16.08
CA GLY C 267 -5.11 22.24 -16.12
C GLY C 267 -5.53 22.81 -17.46
N ASN C 268 -6.54 23.68 -17.43
CA ASN C 268 -7.09 24.29 -18.64
C ASN C 268 -6.43 25.63 -18.99
N ASN C 269 -6.91 26.26 -20.07
CA ASN C 269 -6.44 27.59 -20.47
C ASN C 269 -6.82 28.71 -19.49
N PRO C 270 -8.08 28.74 -19.00
CA PRO C 270 -8.45 29.74 -17.99
C PRO C 270 -7.53 29.75 -16.76
N PHE C 271 -7.13 28.58 -16.28
CA PHE C 271 -6.19 28.49 -15.16
C PHE C 271 -4.81 28.97 -15.57
N PHE C 272 -4.33 28.49 -16.72
CA PHE C 272 -3.02 28.88 -17.25
C PHE C 272 -2.89 30.40 -17.34
N GLN C 273 -3.88 31.05 -17.93
CA GLN C 273 -3.87 32.51 -18.12
C GLN C 273 -3.92 33.29 -16.80
N SER C 274 -4.82 32.90 -15.90
CA SER C 274 -5.01 33.62 -14.64
C SER C 274 -3.87 33.40 -13.64
N GLU C 275 -3.34 32.18 -13.61
CA GLU C 275 -2.20 31.85 -12.74
C GLU C 275 -0.92 32.52 -13.26
N LYS C 276 -0.73 32.47 -14.58
CA LYS C 276 0.40 33.14 -15.24
C LYS C 276 0.38 34.65 -14.98
N LYS C 277 -0.79 35.27 -15.15
CA LYS C 277 -0.96 36.70 -14.93
C LYS C 277 -0.60 37.12 -13.50
N LYS C 278 -1.06 36.34 -12.52
CA LYS C 278 -0.74 36.59 -11.12
C LYS C 278 0.74 36.41 -10.82
N LEU C 279 1.34 35.40 -11.43
CA LEU C 279 2.75 35.08 -11.25
C LEU C 279 3.67 36.10 -11.91
N LEU C 280 3.24 36.62 -13.06
CA LEU C 280 3.99 37.66 -13.78
C LEU C 280 3.88 39.03 -13.13
N GLU C 281 2.84 39.23 -12.32
CA GLU C 281 2.59 40.52 -11.67
C GLU C 281 3.03 40.58 -10.20
N GLY C 282 2.88 39.46 -9.50
CA GLY C 282 3.11 39.41 -8.05
C GLY C 282 4.55 39.49 -7.59
N SER C 283 4.76 39.18 -6.32
CA SER C 283 6.08 39.29 -5.68
C SER C 283 6.98 38.08 -5.92
N ASN C 284 6.42 37.05 -6.54
CA ASN C 284 7.12 35.78 -6.75
C ASN C 284 7.57 35.54 -8.19
N LYS C 285 7.65 36.61 -8.98
CA LYS C 285 8.02 36.51 -10.39
C LYS C 285 9.46 36.01 -10.57
N GLU C 286 10.40 36.67 -9.91
CA GLU C 286 11.82 36.32 -10.01
C GLU C 286 12.09 34.96 -9.38
N LYS C 287 11.42 34.68 -8.26
CA LYS C 287 11.55 33.41 -7.55
C LYS C 287 11.11 32.23 -8.41
N ALA C 288 9.99 32.38 -9.10
CA ALA C 288 9.46 31.35 -9.99
C ALA C 288 10.34 31.17 -11.23
N SER C 289 10.90 32.29 -11.73
CA SER C 289 11.82 32.25 -12.87
C SER C 289 13.05 31.38 -12.57
N LEU C 290 13.61 31.54 -11.38
CA LEU C 290 14.82 30.81 -10.99
C LEU C 290 14.52 29.36 -10.58
N ALA C 291 13.27 29.08 -10.23
CA ALA C 291 12.86 27.76 -9.77
C ALA C 291 12.84 26.73 -10.90
N ASN C 292 13.77 25.78 -10.83
CA ASN C 292 13.82 24.66 -11.78
C ASN C 292 14.33 23.37 -11.14
N GLY C 293 13.74 23.00 -10.01
CA GLY C 293 14.07 21.75 -9.32
C GLY C 293 13.79 20.54 -10.20
N ALA C 294 14.61 19.49 -10.03
CA ALA C 294 14.48 18.29 -10.84
C ALA C 294 14.84 17.04 -10.06
N LEU C 295 14.05 15.98 -10.26
CA LEU C 295 14.41 14.67 -9.76
C LEU C 295 15.04 13.89 -10.91
N GLY C 296 16.36 13.86 -10.90
CA GLY C 296 17.13 13.31 -12.00
C GLY C 296 17.47 11.84 -11.85
N ILE C 297 17.95 11.26 -12.95
CA ILE C 297 18.37 9.86 -12.97
C ILE C 297 19.55 9.68 -13.91
N ILE C 298 20.56 8.94 -13.45
CA ILE C 298 21.70 8.55 -14.27
C ILE C 298 21.90 7.04 -14.17
N GLU C 299 22.34 6.43 -15.27
CA GLU C 299 22.66 5.01 -15.25
C GLU C 299 24.13 4.80 -14.89
N LEU C 300 24.39 3.79 -14.07
CA LEU C 300 25.75 3.45 -13.66
C LEU C 300 26.25 2.20 -14.35
N ASN C 301 27.58 2.09 -14.42
CA ASN C 301 28.23 0.83 -14.76
C ASN C 301 28.29 -0.06 -13.52
N ASP C 302 28.71 -1.31 -13.70
CA ASP C 302 28.80 -2.25 -12.58
C ASP C 302 29.91 -1.92 -11.59
N ASP C 303 30.88 -1.11 -12.03
CA ASP C 303 31.92 -0.58 -11.14
C ASP C 303 31.49 0.76 -10.51
N TYR C 304 30.24 1.13 -10.74
CA TYR C 304 29.61 2.34 -10.18
C TYR C 304 30.09 3.66 -10.79
N THR C 305 30.69 3.58 -11.98
CA THR C 305 31.04 4.78 -12.76
C THR C 305 29.83 5.20 -13.60
N LEU C 306 29.81 6.47 -14.01
CA LEU C 306 28.72 7.00 -14.84
C LEU C 306 28.68 6.32 -16.21
N LYS C 307 27.51 5.78 -16.57
CA LYS C 307 27.32 5.18 -17.88
C LYS C 307 26.54 6.09 -18.82
N LYS C 308 25.40 6.59 -18.35
CA LYS C 308 24.58 7.49 -19.16
C LYS C 308 23.88 8.55 -18.31
N VAL C 309 23.93 9.79 -18.80
CA VAL C 309 23.13 10.87 -18.23
C VAL C 309 21.77 10.83 -18.91
N MET C 310 20.73 10.59 -18.11
CA MET C 310 19.37 10.45 -18.62
C MET C 310 18.54 11.67 -18.25
N LYS C 311 17.50 11.93 -19.05
CA LYS C 311 16.57 13.01 -18.76
C LYS C 311 15.86 12.78 -17.42
N PRO C 312 15.48 13.87 -16.72
CA PRO C 312 14.84 13.77 -15.41
C PRO C 312 13.56 12.94 -15.42
N LEU C 313 13.20 12.40 -14.26
CA LEU C 313 11.92 11.69 -14.12
C LEU C 313 10.78 12.70 -13.99
N ILE C 314 11.04 13.76 -13.23
CA ILE C 314 10.06 14.83 -12.99
C ILE C 314 10.77 16.13 -12.59
N THR C 315 10.23 17.25 -13.03
CA THR C 315 10.76 18.56 -12.65
C THR C 315 9.71 19.43 -11.97
N SER C 316 10.14 20.54 -11.39
CA SER C 316 9.25 21.44 -10.67
C SER C 316 9.50 22.90 -11.04
N ASN C 317 9.56 23.17 -12.35
CA ASN C 317 9.73 24.53 -12.85
C ASN C 317 8.64 25.47 -12.34
N THR C 318 9.03 26.71 -12.05
CA THR C 318 8.15 27.75 -11.48
C THR C 318 7.70 27.48 -10.04
N VAL C 319 7.60 26.20 -9.68
CA VAL C 319 7.10 25.80 -8.36
C VAL C 319 8.17 25.96 -7.27
N THR C 320 9.27 25.22 -7.41
CA THR C 320 10.37 25.27 -6.45
C THR C 320 11.72 24.93 -7.08
N ASP C 321 12.78 25.42 -6.44
CA ASP C 321 14.14 25.18 -6.88
C ASP C 321 14.74 24.04 -6.09
N GLU C 322 13.98 23.56 -5.10
CA GLU C 322 14.49 22.59 -4.13
C GLU C 322 13.50 21.46 -3.85
N ILE C 323 13.70 20.33 -4.52
CA ILE C 323 12.97 19.10 -4.22
C ILE C 323 13.95 18.04 -3.72
N GLU C 324 13.89 17.75 -2.42
CA GLU C 324 14.97 17.06 -1.69
C GLU C 324 14.67 15.59 -1.39
N ARG C 325 15.68 14.91 -0.84
CA ARG C 325 15.63 13.48 -0.48
C ARG C 325 14.92 12.63 -1.52
N ALA C 326 15.51 12.57 -2.71
CA ALA C 326 14.99 11.74 -3.78
C ALA C 326 14.85 10.29 -3.32
N ASN C 327 13.68 9.71 -3.58
CA ASN C 327 13.39 8.35 -3.16
C ASN C 327 12.54 7.61 -4.19
N ILE C 328 12.89 6.36 -4.45
CA ILE C 328 12.20 5.53 -5.43
C ILE C 328 12.26 4.05 -5.08
N PHE C 329 11.13 3.36 -5.28
CA PHE C 329 11.05 1.90 -5.14
C PHE C 329 9.87 1.33 -5.93
N LYS C 330 9.87 0.01 -6.10
CA LYS C 330 8.82 -0.68 -6.84
C LYS C 330 7.86 -1.38 -5.90
N LYS C 331 6.56 -1.19 -6.14
CA LYS C 331 5.51 -1.86 -5.37
C LYS C 331 4.33 -2.18 -6.27
N ASP C 332 3.85 -3.42 -6.19
CA ASP C 332 2.72 -3.92 -7.00
C ASP C 332 2.92 -3.69 -8.50
N GLY C 333 4.17 -3.83 -8.96
CA GLY C 333 4.52 -3.63 -10.36
C GLY C 333 4.58 -2.17 -10.80
N LYS C 334 4.44 -1.26 -9.83
CA LYS C 334 4.42 0.17 -10.11
C LYS C 334 5.61 0.86 -9.44
N TRP C 335 6.11 1.92 -10.08
CA TRP C 335 7.22 2.69 -9.55
C TRP C 335 6.72 3.90 -8.76
N TYR C 336 7.21 4.03 -7.53
CA TYR C 336 6.81 5.12 -6.65
C TYR C 336 7.96 6.07 -6.37
N LEU C 337 7.79 7.33 -6.76
CA LEU C 337 8.83 8.35 -6.63
C LEU C 337 8.41 9.42 -5.61
N PHE C 338 9.29 9.68 -4.64
CA PHE C 338 9.00 10.61 -3.56
C PHE C 338 10.04 11.72 -3.44
N THR C 339 9.62 12.86 -2.89
CA THR C 339 10.49 14.00 -2.64
C THR C 339 10.01 14.87 -1.48
N ASP C 340 10.95 15.45 -0.75
CA ASP C 340 10.65 16.38 0.35
C ASP C 340 10.82 17.82 -0.12
N SER C 341 9.88 18.68 0.25
CA SER C 341 9.89 20.06 -0.20
C SER C 341 9.42 21.03 0.89
N ARG C 342 10.11 22.17 1.00
CA ARG C 342 9.76 23.22 1.96
C ARG C 342 8.81 24.24 1.33
N GLY C 343 7.75 24.58 2.07
CA GLY C 343 6.80 25.60 1.64
C GLY C 343 7.43 26.97 1.47
N SER C 344 8.40 27.28 2.32
CA SER C 344 9.13 28.56 2.26
C SER C 344 9.87 28.76 0.94
N LYS C 345 10.26 27.65 0.30
CA LYS C 345 10.97 27.71 -0.97
C LYS C 345 10.02 27.62 -2.18
N MET C 346 8.73 27.45 -1.90
CA MET C 346 7.71 27.33 -2.95
C MET C 346 7.08 28.68 -3.29
N THR C 347 6.46 28.75 -4.49
CA THR C 347 5.84 29.97 -4.98
C THR C 347 4.31 29.83 -5.09
N ILE C 348 3.75 28.91 -4.31
CA ILE C 348 2.33 28.58 -4.42
C ILE C 348 1.50 29.33 -3.36
N ASP C 349 0.47 30.04 -3.83
CA ASP C 349 -0.47 30.71 -2.95
C ASP C 349 -1.15 29.69 -2.03
N GLY C 350 -1.25 30.02 -0.75
CA GLY C 350 -1.86 29.13 0.24
C GLY C 350 -0.86 28.26 0.99
N ILE C 351 0.37 28.20 0.48
CA ILE C 351 1.43 27.42 1.11
C ILE C 351 2.46 28.37 1.74
N GLY C 352 2.72 28.18 3.03
CA GLY C 352 3.51 29.13 3.82
C GLY C 352 4.87 28.65 4.31
N GLN C 353 5.49 29.46 5.16
CA GLN C 353 6.85 29.23 5.67
C GLN C 353 7.01 27.97 6.50
N ASP C 354 6.04 27.67 7.36
CA ASP C 354 6.15 26.53 8.28
C ASP C 354 5.60 25.21 7.72
N ASP C 355 5.14 25.25 6.46
CA ASP C 355 4.66 24.05 5.78
C ASP C 355 5.82 23.24 5.19
N VAL C 356 5.94 21.98 5.60
CA VAL C 356 6.86 21.05 4.94
C VAL C 356 6.10 19.84 4.40
N TYR C 357 6.58 19.31 3.28
CA TYR C 357 5.85 18.28 2.55
C TYR C 357 6.71 17.09 2.16
N MET C 358 6.05 15.94 2.03
CA MET C 358 6.58 14.84 1.24
C MET C 358 5.62 14.62 0.07
N LEU C 359 6.13 14.85 -1.14
CA LEU C 359 5.36 14.70 -2.37
C LEU C 359 5.64 13.35 -3.01
N GLY C 360 4.61 12.75 -3.61
CA GLY C 360 4.73 11.41 -4.19
C GLY C 360 4.07 11.28 -5.55
N TYR C 361 4.63 10.39 -6.38
CA TYR C 361 4.18 10.19 -7.76
C TYR C 361 4.31 8.73 -8.18
N VAL C 362 3.48 8.30 -9.13
CA VAL C 362 3.46 6.90 -9.57
C VAL C 362 3.53 6.75 -11.09
N SER C 363 4.31 5.76 -11.54
CA SER C 363 4.44 5.43 -12.95
C SER C 363 4.43 3.92 -13.17
N ASN C 364 4.06 3.50 -14.37
CA ASN C 364 4.05 2.08 -14.73
C ASN C 364 5.45 1.58 -15.11
N THR C 365 6.31 2.49 -15.56
CA THR C 365 7.70 2.19 -15.88
C THR C 365 8.63 3.14 -15.12
N LEU C 366 9.91 2.78 -15.08
CA LEU C 366 10.91 3.56 -14.36
C LEU C 366 11.07 4.99 -14.91
N THR C 367 11.04 5.11 -16.23
CA THR C 367 11.29 6.41 -16.88
C THR C 367 10.04 6.98 -17.57
N GLY C 368 8.89 6.37 -17.34
CA GLY C 368 7.63 6.79 -17.95
C GLY C 368 6.98 7.99 -17.28
N LYS C 369 5.69 8.17 -17.57
CA LYS C 369 4.92 9.30 -17.03
C LYS C 369 4.56 9.10 -15.56
N TYR C 370 5.07 9.99 -14.71
CA TYR C 370 4.77 9.99 -13.28
C TYR C 370 3.55 10.86 -12.97
N LYS C 371 2.50 10.21 -12.50
CA LYS C 371 1.25 10.89 -12.16
C LYS C 371 1.15 11.12 -10.65
N PRO C 372 0.54 12.25 -10.23
CA PRO C 372 0.52 12.59 -8.81
C PRO C 372 -0.31 11.64 -7.95
N LEU C 373 0.27 11.22 -6.83
CA LEU C 373 -0.45 10.44 -5.83
C LEU C 373 -1.49 11.34 -5.17
N ASN C 374 -2.67 10.78 -4.89
CA ASN C 374 -3.79 11.53 -4.32
C ASN C 374 -4.18 12.77 -5.15
N ASP C 375 -4.00 12.65 -6.46
CA ASP C 375 -4.40 13.67 -7.45
C ASP C 375 -3.64 15.00 -7.43
N THR C 376 -3.00 15.31 -6.30
CA THR C 376 -2.21 16.54 -6.16
C THR C 376 -0.72 16.28 -6.05
N GLY C 377 -0.37 15.12 -5.49
CA GLY C 377 1.03 14.78 -5.23
C GLY C 377 1.36 14.78 -3.75
N LEU C 378 0.44 15.32 -2.95
CA LEU C 378 0.61 15.37 -1.49
C LEU C 378 0.51 13.97 -0.88
N VAL C 379 1.49 13.64 -0.04
CA VAL C 379 1.45 12.41 0.75
C VAL C 379 1.52 12.75 2.24
N LEU C 380 2.47 13.63 2.60
CA LEU C 380 2.66 14.04 3.98
C LEU C 380 2.74 15.56 4.15
N HIS C 381 2.14 16.05 5.23
CA HIS C 381 2.21 17.47 5.58
C HIS C 381 2.53 17.65 7.06
N MET C 382 3.54 18.46 7.32
CA MET C 382 4.02 18.76 8.67
C MET C 382 4.17 20.28 8.78
N ASP C 383 3.51 20.89 9.76
CA ASP C 383 3.52 22.35 9.88
C ASP C 383 3.82 22.90 11.28
N LEU C 384 4.45 22.07 12.12
CA LEU C 384 4.87 22.49 13.45
C LEU C 384 5.98 23.54 13.36
N ASP C 385 5.98 24.46 14.32
CA ASP C 385 7.03 25.48 14.45
C ASP C 385 8.38 24.80 14.70
N PRO C 386 9.47 25.30 14.07
CA PRO C 386 10.81 24.73 14.24
C PRO C 386 11.32 24.67 15.67
N ASN C 387 10.76 25.51 16.55
CA ASN C 387 11.13 25.53 17.95
C ASN C 387 10.34 24.53 18.80
N ASP C 388 9.28 23.96 18.23
CA ASP C 388 8.53 22.87 18.87
C ASP C 388 9.41 21.65 19.02
N LYS C 389 9.28 20.98 20.17
CA LYS C 389 10.08 19.80 20.48
C LYS C 389 9.94 18.68 19.44
N THR C 390 8.72 18.48 18.92
CA THR C 390 8.45 17.35 18.02
C THR C 390 8.44 17.67 16.51
N PHE C 391 9.05 18.80 16.15
CA PHE C 391 9.28 19.15 14.74
C PHE C 391 10.06 18.02 14.06
N THR C 392 9.57 17.56 12.92
CA THR C 392 10.25 16.50 12.15
C THR C 392 10.57 16.93 10.73
N TYR C 393 11.68 16.42 10.19
CA TYR C 393 12.17 16.82 8.89
C TYR C 393 12.83 15.65 8.17
N SER C 394 12.89 15.73 6.83
CA SER C 394 13.53 14.73 5.98
C SER C 394 12.82 13.38 6.07
N HIS C 395 11.51 13.40 5.78
CA HIS C 395 10.68 12.20 5.80
C HIS C 395 11.03 11.25 4.66
N PHE C 396 11.26 9.98 5.01
CA PHE C 396 11.75 8.98 4.06
C PHE C 396 10.92 7.70 4.10
N ALA C 397 10.32 7.35 2.97
CA ALA C 397 9.50 6.14 2.86
C ALA C 397 10.36 4.90 2.62
N VAL C 398 10.32 3.97 3.59
CA VAL C 398 11.04 2.71 3.47
C VAL C 398 10.05 1.59 3.17
N PRO C 399 10.19 0.94 1.99
CA PRO C 399 9.29 -0.15 1.61
C PRO C 399 9.55 -1.41 2.42
N GLN C 400 8.52 -2.25 2.55
CA GLN C 400 8.60 -3.46 3.37
C GLN C 400 8.48 -4.73 2.52
N THR C 401 8.94 -5.85 3.08
CA THR C 401 8.97 -7.14 2.38
C THR C 401 7.57 -7.63 2.00
N LYS C 402 6.60 -7.37 2.87
CA LYS C 402 5.21 -7.75 2.61
C LYS C 402 4.21 -6.73 3.18
N GLY C 403 3.00 -6.73 2.63
CA GLY C 403 1.97 -5.80 3.07
C GLY C 403 1.93 -4.54 2.22
N ASP C 404 0.96 -3.68 2.49
CA ASP C 404 0.73 -2.47 1.71
C ASP C 404 1.18 -1.20 2.43
N ASN C 405 1.87 -1.37 3.56
CA ASN C 405 2.35 -0.23 4.36
C ASN C 405 3.85 0.01 4.21
N VAL C 406 4.24 1.28 4.23
CA VAL C 406 5.65 1.67 4.25
C VAL C 406 5.99 2.39 5.56
N VAL C 407 7.22 2.23 6.01
CA VAL C 407 7.68 2.88 7.24
C VAL C 407 8.30 4.23 6.92
N ILE C 408 7.76 5.28 7.52
CA ILE C 408 8.26 6.64 7.32
C ILE C 408 9.24 7.02 8.43
N THR C 409 10.49 7.19 8.05
CA THR C 409 11.52 7.66 8.96
C THR C 409 11.73 9.16 8.76
N SER C 410 12.16 9.84 9.82
CA SER C 410 12.54 11.26 9.77
C SER C 410 13.40 11.57 10.98
N TYR C 411 13.99 12.76 11.00
CA TYR C 411 14.72 13.21 12.19
C TYR C 411 13.94 14.27 12.95
N MET C 412 14.03 14.22 14.27
CA MET C 412 13.37 15.16 15.16
C MET C 412 14.40 16.13 15.74
N THR C 413 14.31 17.41 15.36
CA THR C 413 15.26 18.44 15.78
C THR C 413 15.36 18.56 17.30
N ASN C 414 14.24 18.37 17.99
CA ASN C 414 14.20 18.19 19.44
C ASN C 414 14.79 19.39 20.22
N ARG C 415 14.32 20.59 19.91
CA ARG C 415 14.83 21.80 20.55
C ARG C 415 14.02 22.18 21.81
N GLY C 416 13.93 21.24 22.74
CA GLY C 416 13.24 21.48 24.01
C GLY C 416 14.12 22.15 25.04
N PHE C 417 13.50 22.64 26.12
CA PHE C 417 14.23 23.30 27.20
C PHE C 417 14.94 22.30 28.11
N TYR C 418 14.23 21.24 28.49
CA TYR C 418 14.81 20.17 29.30
C TYR C 418 15.48 19.11 28.42
N GLU C 419 16.20 18.19 29.06
CA GLU C 419 16.78 17.04 28.39
C GLU C 419 15.69 15.98 28.23
N ASP C 420 15.68 15.20 27.15
CA ASP C 420 16.69 15.22 26.08
C ASP C 420 16.39 16.27 25.01
N ASN C 421 17.43 16.97 24.56
CA ASN C 421 17.26 18.08 23.62
C ASN C 421 18.29 18.17 22.48
N HIS C 422 18.68 17.01 21.94
CA HIS C 422 19.51 16.97 20.74
C HIS C 422 18.75 16.33 19.60
N SER C 423 19.08 16.73 18.37
CA SER C 423 18.46 16.13 17.18
C SER C 423 18.66 14.63 17.18
N THR C 424 17.58 13.90 16.93
CA THR C 424 17.56 12.44 17.13
C THR C 424 16.66 11.76 16.11
N PHE C 425 16.61 10.43 16.13
CA PHE C 425 15.65 9.67 15.34
C PHE C 425 14.25 10.01 15.84
N ALA C 426 13.37 10.35 14.91
CA ALA C 426 11.96 10.57 15.23
C ALA C 426 11.22 9.23 15.30
N PRO C 427 10.14 9.16 16.09
CA PRO C 427 9.29 7.97 16.04
C PRO C 427 8.81 7.71 14.62
N SER C 428 8.99 6.49 14.14
CA SER C 428 8.57 6.10 12.81
C SER C 428 7.08 5.83 12.77
N PHE C 429 6.47 6.02 11.60
CA PHE C 429 5.04 5.76 11.42
C PHE C 429 4.73 5.10 10.07
N LEU C 430 3.46 4.73 9.88
CA LEU C 430 3.06 3.96 8.71
C LEU C 430 2.21 4.75 7.72
N VAL C 431 2.49 4.55 6.44
CA VAL C 431 1.67 5.08 5.35
C VAL C 431 1.22 3.93 4.45
N ASN C 432 -0.10 3.82 4.26
CA ASN C 432 -0.68 2.81 3.39
C ASN C 432 -0.58 3.22 1.92
N ILE C 433 -0.04 2.32 1.09
CA ILE C 433 0.06 2.55 -0.34
C ILE C 433 -0.88 1.60 -1.07
N ASP C 434 -1.72 2.19 -1.92
CA ASP C 434 -2.69 1.42 -2.69
C ASP C 434 -3.04 2.10 -4.02
N GLY C 435 -2.36 1.68 -5.08
CA GLY C 435 -2.52 2.28 -6.39
C GLY C 435 -1.92 3.68 -6.43
N SER C 436 -2.77 4.66 -6.71
CA SER C 436 -2.35 6.07 -6.67
C SER C 436 -2.83 6.76 -5.39
N LYS C 437 -3.32 5.96 -4.45
CA LYS C 437 -3.83 6.46 -3.19
C LYS C 437 -2.91 6.16 -2.00
N THR C 438 -2.69 7.17 -1.16
CA THR C 438 -1.91 7.00 0.06
C THR C 438 -2.68 7.52 1.27
N SER C 439 -2.47 6.88 2.42
CA SER C 439 -3.12 7.29 3.66
C SER C 439 -2.25 6.95 4.87
N VAL C 440 -2.04 7.94 5.74
CA VAL C 440 -1.36 7.72 7.02
C VAL C 440 -2.21 6.75 7.83
N VAL C 441 -1.59 5.68 8.33
CA VAL C 441 -2.29 4.69 9.15
C VAL C 441 -2.54 5.27 10.54
N LYS C 442 -3.82 5.33 10.92
CA LYS C 442 -4.25 5.94 12.17
C LYS C 442 -3.75 5.18 13.40
N ASP C 443 -3.38 5.95 14.42
CA ASP C 443 -3.04 5.43 15.75
C ASP C 443 -2.01 4.30 15.75
N ARG C 444 -1.01 4.42 14.87
CA ARG C 444 0.06 3.43 14.76
C ARG C 444 1.45 4.06 14.67
N VAL C 445 1.97 4.46 15.83
CA VAL C 445 3.30 5.04 15.94
C VAL C 445 4.30 3.97 16.37
N LEU C 446 5.51 4.03 15.82
CA LEU C 446 6.56 3.05 16.15
C LEU C 446 7.69 3.70 16.93
N GLU C 447 8.70 2.91 17.29
CA GLU C 447 9.86 3.40 18.03
C GLU C 447 10.71 4.38 17.20
N GLN C 448 11.40 5.27 17.91
CA GLN C 448 12.33 6.21 17.30
C GLN C 448 13.36 5.47 16.45
N GLY C 449 13.36 5.73 15.15
CA GLY C 449 14.33 5.15 14.23
C GLY C 449 14.05 3.74 13.72
N GLN C 450 12.91 3.19 14.12
CA GLN C 450 12.50 1.86 13.66
C GLN C 450 12.35 1.84 12.14
N LEU C 451 12.88 0.78 11.51
CA LEU C 451 12.95 0.69 10.06
C LEU C 451 11.93 -0.28 9.45
N THR C 452 11.54 -1.28 10.23
CA THR C 452 10.64 -2.34 9.74
C THR C 452 9.52 -2.69 10.73
N VAL C 453 8.44 -3.26 10.21
CA VAL C 453 7.36 -3.76 11.04
C VAL C 453 7.35 -5.27 11.10
N SER D 6 45.31 -46.94 -4.51
CA SER D 6 46.29 -46.79 -5.64
C SER D 6 46.22 -45.38 -6.25
N LYS D 7 46.91 -45.20 -7.38
CA LYS D 7 46.96 -43.90 -8.06
C LYS D 7 45.68 -43.55 -8.81
N ASP D 8 44.90 -44.57 -9.16
CA ASP D 8 43.61 -44.38 -9.85
C ASP D 8 42.60 -43.60 -9.01
N PHE D 9 41.95 -42.63 -9.64
CA PHE D 9 40.93 -41.81 -8.97
C PHE D 9 39.89 -41.27 -9.95
N ASN D 10 38.85 -40.61 -9.41
CA ASN D 10 37.79 -40.04 -10.23
C ASN D 10 37.43 -38.64 -9.78
N ASN D 11 37.77 -37.64 -10.61
CA ASN D 11 37.47 -36.25 -10.32
C ASN D 11 36.97 -35.51 -11.55
N SER D 12 35.68 -35.18 -11.55
CA SER D 12 35.05 -34.45 -12.64
C SER D 12 35.32 -32.94 -12.54
N TYR D 13 35.51 -32.47 -11.32
CA TYR D 13 35.67 -31.04 -11.00
C TYR D 13 34.40 -30.23 -11.31
N GLY D 14 33.25 -30.91 -11.26
CA GLY D 14 31.95 -30.29 -11.49
C GLY D 14 31.73 -29.75 -12.89
N ILE D 15 32.51 -30.25 -13.84
CA ILE D 15 32.46 -29.80 -15.23
C ILE D 15 32.40 -30.98 -16.21
N SER D 16 32.16 -30.69 -17.48
CA SER D 16 32.07 -31.72 -18.51
C SER D 16 33.43 -32.01 -19.15
N HIS D 17 33.54 -33.16 -19.81
CA HIS D 17 34.81 -33.59 -20.40
C HIS D 17 34.64 -34.26 -21.76
N ILE D 18 35.60 -34.01 -22.65
CA ILE D 18 35.71 -34.73 -23.91
C ILE D 18 36.45 -36.03 -23.60
N THR D 19 35.68 -37.10 -23.41
CA THR D 19 36.21 -38.37 -22.91
C THR D 19 36.94 -39.17 -23.98
N ARG D 20 37.91 -39.96 -23.56
CA ARG D 20 38.67 -40.84 -24.46
C ARG D 20 37.78 -41.91 -25.10
N ASP D 21 36.83 -42.43 -24.32
CA ASP D 21 35.89 -43.45 -24.81
C ASP D 21 35.03 -42.95 -25.97
N ASN D 22 34.67 -41.67 -25.93
CA ASN D 22 33.91 -41.05 -27.02
C ASN D 22 34.77 -40.79 -28.26
N MET D 23 36.03 -40.39 -28.03
CA MET D 23 36.95 -40.08 -29.12
C MET D 23 37.43 -41.31 -29.89
N VAL D 24 37.63 -42.42 -29.19
CA VAL D 24 38.05 -43.68 -29.83
C VAL D 24 36.93 -44.32 -30.67
N LYS D 25 35.73 -43.76 -30.57
CA LYS D 25 34.56 -44.24 -31.32
C LYS D 25 34.34 -43.46 -32.62
N ILE D 26 35.11 -42.39 -32.81
CA ILE D 26 35.03 -41.57 -34.03
C ILE D 26 35.53 -42.27 -35.31
N PRO D 27 36.69 -42.97 -35.23
CA PRO D 27 37.31 -43.59 -36.42
C PRO D 27 36.35 -44.13 -37.49
N GLN D 28 35.50 -45.09 -37.16
CA GLN D 28 34.63 -45.69 -38.17
C GLN D 28 33.36 -44.87 -38.45
N GLN D 29 32.85 -44.22 -37.41
CA GLN D 29 31.67 -43.36 -37.50
C GLN D 29 31.85 -42.23 -38.53
N GLN D 30 33.07 -41.70 -38.63
CA GLN D 30 33.37 -40.55 -39.48
C GLN D 30 33.29 -40.81 -40.99
N ASN D 31 33.32 -42.09 -41.38
CA ASN D 31 33.22 -42.47 -42.79
C ASN D 31 31.85 -42.26 -43.42
N SER D 32 30.86 -41.95 -42.59
CA SER D 32 29.50 -41.67 -43.07
C SER D 32 29.39 -40.25 -43.61
N ASP D 33 28.62 -40.09 -44.69
CA ASP D 33 28.35 -38.78 -45.30
C ASP D 33 27.53 -37.86 -44.39
N GLN D 34 27.14 -38.39 -43.23
CA GLN D 34 26.45 -37.62 -42.20
C GLN D 34 27.40 -36.61 -41.56
N PHE D 35 28.70 -36.90 -41.59
CA PHE D 35 29.71 -36.11 -40.89
C PHE D 35 30.79 -35.53 -41.80
N LYS D 36 30.83 -36.00 -43.05
CA LYS D 36 31.88 -35.60 -43.99
C LYS D 36 31.64 -34.20 -44.54
N VAL D 37 32.71 -33.38 -44.54
CA VAL D 37 32.68 -32.09 -45.21
C VAL D 37 32.50 -32.35 -46.71
N PRO D 38 31.47 -31.74 -47.33
CA PRO D 38 31.14 -31.98 -48.73
C PRO D 38 32.29 -31.63 -49.67
N ALA D 39 32.43 -32.41 -50.75
CA ALA D 39 33.44 -32.13 -51.77
C ALA D 39 33.10 -30.84 -52.51
N PHE D 40 34.10 -29.99 -52.69
CA PHE D 40 33.92 -28.70 -53.36
C PHE D 40 34.50 -28.70 -54.78
N ASP D 41 33.92 -27.88 -55.64
CA ASP D 41 34.34 -27.80 -57.05
C ASP D 41 35.55 -26.88 -57.20
N GLU D 42 36.65 -27.43 -57.71
CA GLU D 42 37.91 -26.70 -57.85
C GLU D 42 37.85 -25.60 -58.92
N SER D 43 37.10 -25.86 -59.99
CA SER D 43 37.05 -24.96 -61.15
C SER D 43 36.38 -23.62 -60.86
N THR D 44 35.52 -23.59 -59.84
CA THR D 44 34.72 -22.41 -59.52
C THR D 44 35.31 -21.53 -58.41
N ILE D 45 36.32 -22.05 -57.71
CA ILE D 45 36.92 -21.34 -56.57
C ILE D 45 37.62 -20.05 -57.01
N LYS D 46 37.24 -18.94 -56.38
CA LYS D 46 37.76 -17.62 -56.71
C LYS D 46 38.28 -16.92 -55.47
N ASN D 47 39.28 -16.06 -55.64
CA ASN D 47 39.76 -15.18 -54.57
C ASN D 47 38.72 -14.12 -54.23
N ILE D 48 38.79 -13.60 -53.01
CA ILE D 48 37.99 -12.44 -52.65
C ILE D 48 38.57 -11.24 -53.39
N ALA D 49 37.82 -10.73 -54.37
CA ALA D 49 38.29 -9.67 -55.28
C ALA D 49 38.67 -8.38 -54.55
N SER D 50 37.93 -8.06 -53.49
CA SER D 50 38.18 -6.86 -52.70
C SER D 50 39.31 -7.04 -51.68
N ALA D 51 39.77 -8.27 -51.50
CA ALA D 51 40.88 -8.56 -50.59
C ALA D 51 42.22 -8.08 -51.15
N LYS D 52 42.30 -6.77 -51.36
CA LYS D 52 43.49 -6.10 -51.85
C LYS D 52 44.06 -5.23 -50.73
N GLY D 53 45.36 -4.98 -50.78
CA GLY D 53 46.01 -4.14 -49.78
C GLY D 53 47.52 -4.09 -49.92
N LYS D 54 48.14 -3.21 -49.15
CA LYS D 54 49.59 -3.08 -49.15
C LYS D 54 50.20 -4.11 -48.22
N ASN D 55 51.27 -4.76 -48.69
CA ASN D 55 52.03 -5.70 -47.87
C ASN D 55 52.85 -4.99 -46.78
N ALA D 56 53.64 -5.75 -46.04
CA ALA D 56 54.56 -5.16 -45.07
C ALA D 56 55.81 -4.60 -45.76
N SER D 57 55.80 -4.60 -47.09
CA SER D 57 56.91 -4.12 -47.91
C SER D 57 56.59 -2.81 -48.63
N GLY D 58 55.30 -2.48 -48.73
CA GLY D 58 54.87 -1.21 -49.31
C GLY D 58 53.92 -1.28 -50.49
N ASN D 59 54.09 -2.30 -51.33
CA ASN D 59 53.33 -2.42 -52.58
C ASN D 59 51.97 -3.11 -52.40
N THR D 60 51.04 -2.82 -53.31
CA THR D 60 49.69 -3.38 -53.26
C THR D 60 49.59 -4.76 -53.91
N ILE D 61 49.13 -5.74 -53.11
CA ILE D 61 49.07 -7.14 -53.52
C ILE D 61 47.75 -7.82 -53.13
N ASP D 62 47.58 -9.08 -53.54
CA ASP D 62 46.43 -9.88 -53.14
C ASP D 62 46.67 -10.51 -51.76
N LEU D 63 45.64 -10.46 -50.91
CA LEU D 63 45.74 -10.94 -49.53
C LEU D 63 45.28 -12.39 -49.38
N ASP D 64 45.93 -13.09 -48.45
CA ASP D 64 45.47 -14.41 -48.02
C ASP D 64 44.55 -14.22 -46.82
N VAL D 65 43.29 -14.64 -46.98
CA VAL D 65 42.26 -14.42 -45.98
C VAL D 65 41.94 -15.73 -45.25
N TRP D 66 42.08 -15.72 -43.93
CA TRP D 66 41.90 -16.91 -43.11
C TRP D 66 40.64 -16.83 -42.23
N ASP D 67 40.81 -17.04 -40.92
CA ASP D 67 39.68 -17.08 -39.97
C ASP D 67 38.74 -15.90 -40.15
N SER D 68 37.46 -16.19 -40.33
CA SER D 68 36.44 -15.16 -40.51
C SER D 68 35.22 -15.38 -39.62
N TRP D 69 34.65 -14.28 -39.13
CA TRP D 69 33.43 -14.31 -38.34
C TRP D 69 32.48 -13.18 -38.71
N PRO D 70 31.19 -13.50 -38.88
CA PRO D 70 30.19 -12.48 -39.22
C PRO D 70 29.78 -11.65 -38.01
N LEU D 71 29.35 -10.42 -38.25
CA LEU D 71 28.76 -9.58 -37.22
C LEU D 71 27.43 -10.20 -36.80
N GLN D 72 27.31 -10.52 -35.52
CA GLN D 72 26.19 -11.31 -35.03
C GLN D 72 25.27 -10.54 -34.09
N ASN D 73 23.98 -10.90 -34.11
CA ASN D 73 23.05 -10.46 -33.08
C ASN D 73 23.36 -11.21 -31.79
N ALA D 74 22.79 -10.72 -30.68
CA ALA D 74 23.00 -11.32 -29.36
C ALA D 74 22.76 -12.84 -29.33
N ASP D 75 21.76 -13.30 -30.07
CA ASP D 75 21.40 -14.71 -30.11
C ASP D 75 22.22 -15.55 -31.10
N GLY D 76 23.10 -14.89 -31.86
CA GLY D 76 24.00 -15.58 -32.79
C GLY D 76 23.64 -15.48 -34.25
N THR D 77 22.41 -15.04 -34.54
CA THR D 77 21.97 -14.84 -35.93
C THR D 77 22.73 -13.68 -36.56
N VAL D 78 22.84 -13.70 -37.89
CA VAL D 78 23.61 -12.69 -38.62
C VAL D 78 22.92 -11.32 -38.56
N ALA D 79 23.65 -10.33 -38.06
CA ALA D 79 23.13 -8.98 -37.89
C ALA D 79 23.07 -8.22 -39.22
N THR D 80 22.17 -7.24 -39.28
CA THR D 80 22.11 -6.33 -40.41
C THR D 80 22.42 -4.91 -39.93
N TYR D 81 23.51 -4.35 -40.47
CA TYR D 81 23.93 -3.00 -40.12
C TYR D 81 23.76 -2.07 -41.31
N HIS D 82 22.73 -1.21 -41.24
CA HIS D 82 22.36 -0.28 -42.30
C HIS D 82 22.22 -0.93 -43.68
N GLY D 83 21.63 -2.13 -43.70
CA GLY D 83 21.41 -2.88 -44.92
C GLY D 83 22.57 -3.75 -45.35
N TYR D 84 23.57 -3.88 -44.48
CA TYR D 84 24.77 -4.67 -44.79
C TYR D 84 24.98 -5.84 -43.84
N GLN D 85 25.53 -6.93 -44.39
CA GLN D 85 26.10 -7.99 -43.59
C GLN D 85 27.59 -7.68 -43.45
N ILE D 86 28.13 -7.86 -42.25
CA ILE D 86 29.54 -7.53 -41.98
C ILE D 86 30.30 -8.76 -41.51
N VAL D 87 31.43 -9.04 -42.18
CA VAL D 87 32.31 -10.14 -41.78
C VAL D 87 33.71 -9.61 -41.45
N PHE D 88 34.17 -9.93 -40.24
CA PHE D 88 35.54 -9.66 -39.84
C PHE D 88 36.39 -10.86 -40.22
N ALA D 89 37.60 -10.62 -40.73
CA ALA D 89 38.47 -11.70 -41.18
C ALA D 89 39.95 -11.42 -40.97
N LEU D 90 40.68 -12.45 -40.55
CA LEU D 90 42.13 -12.39 -40.44
C LEU D 90 42.75 -12.51 -41.84
N ALA D 91 43.71 -11.65 -42.12
CA ALA D 91 44.41 -11.65 -43.41
C ALA D 91 45.86 -11.22 -43.28
N GLY D 92 46.67 -11.61 -44.27
CA GLY D 92 48.08 -11.25 -44.30
C GLY D 92 48.78 -11.69 -45.57
N ASP D 93 50.11 -11.80 -45.48
CA ASP D 93 50.96 -12.13 -46.61
C ASP D 93 51.96 -13.21 -46.17
N PRO D 94 52.13 -14.26 -47.00
CA PRO D 94 53.08 -15.34 -46.67
C PRO D 94 54.54 -14.91 -46.84
N LYS D 95 54.75 -13.76 -47.47
CA LYS D 95 56.07 -13.14 -47.58
C LYS D 95 56.42 -12.46 -46.25
N ASP D 96 55.37 -12.20 -45.46
CA ASP D 96 55.50 -11.75 -44.08
C ASP D 96 54.97 -12.89 -43.22
N SER D 97 55.66 -13.99 -43.25
CA SER D 97 55.18 -15.29 -42.83
C SER D 97 54.07 -15.32 -41.81
N ASN D 98 54.27 -14.62 -40.75
CA ASN D 98 53.36 -14.72 -39.65
C ASN D 98 53.06 -13.37 -39.07
N ASP D 99 52.18 -12.67 -39.75
CA ASP D 99 51.69 -11.34 -39.41
C ASP D 99 50.21 -11.24 -39.76
N THR D 100 49.38 -11.10 -38.72
CA THR D 100 47.93 -11.13 -38.88
C THR D 100 47.23 -9.86 -38.40
N SER D 101 46.25 -9.42 -39.17
CA SER D 101 45.44 -8.25 -38.83
C SER D 101 43.97 -8.54 -39.13
N VAL D 102 43.07 -7.88 -38.41
CA VAL D 102 41.64 -8.04 -38.61
C VAL D 102 41.15 -7.05 -39.67
N TYR D 103 40.51 -7.59 -40.70
CA TYR D 103 39.94 -6.78 -41.79
C TYR D 103 38.41 -6.82 -41.72
N LEU D 104 37.78 -5.76 -42.20
CA LEU D 104 36.32 -5.66 -42.20
C LEU D 104 35.76 -5.74 -43.62
N PHE D 105 35.07 -6.84 -43.90
CA PHE D 105 34.39 -7.03 -45.19
C PHE D 105 32.90 -6.81 -45.02
N TYR D 106 32.26 -6.30 -46.07
CA TYR D 106 30.82 -6.02 -46.03
C TYR D 106 30.12 -6.27 -47.36
N LYS D 107 28.85 -6.65 -47.28
CA LYS D 107 28.03 -6.99 -48.45
C LYS D 107 26.58 -6.66 -48.19
N LYS D 108 25.89 -6.17 -49.22
CA LYS D 108 24.45 -5.92 -49.15
C LYS D 108 23.72 -7.21 -48.78
N ALA D 109 22.77 -7.10 -47.84
CA ALA D 109 22.07 -8.26 -47.27
C ALA D 109 21.45 -9.18 -48.32
N GLY D 110 20.91 -8.59 -49.39
CA GLY D 110 20.26 -9.34 -50.46
C GLY D 110 21.22 -10.00 -51.45
N ASP D 111 22.44 -9.48 -51.52
CA ASP D 111 23.45 -10.00 -52.44
C ASP D 111 23.99 -11.37 -52.00
N LYS D 112 24.50 -12.14 -52.98
CA LYS D 112 24.90 -13.51 -52.73
C LYS D 112 26.36 -13.80 -53.07
N SER D 113 26.84 -13.21 -54.17
CA SER D 113 28.16 -13.54 -54.72
C SER D 113 29.33 -13.07 -53.86
N ILE D 114 30.48 -13.72 -54.03
CA ILE D 114 31.72 -13.35 -53.33
C ILE D 114 32.28 -12.03 -53.83
N ASP D 115 32.04 -11.71 -55.10
CA ASP D 115 32.49 -10.46 -55.71
C ASP D 115 31.72 -9.25 -55.18
N SER D 116 30.58 -9.51 -54.54
CA SER D 116 29.76 -8.46 -53.94
C SER D 116 30.34 -7.94 -52.63
N TRP D 117 31.22 -8.75 -52.01
CA TRP D 117 31.91 -8.35 -50.79
C TRP D 117 32.89 -7.22 -51.06
N LYS D 118 32.82 -6.17 -50.27
CA LYS D 118 33.76 -5.05 -50.34
C LYS D 118 34.65 -5.03 -49.10
N ASN D 119 35.81 -4.38 -49.22
CA ASN D 119 36.79 -4.32 -48.14
C ASN D 119 36.89 -2.92 -47.55
N ALA D 120 36.63 -2.81 -46.25
CA ALA D 120 36.74 -1.54 -45.53
C ALA D 120 38.12 -1.38 -44.90
N GLY D 121 39.05 -2.27 -45.25
CA GLY D 121 40.41 -2.25 -44.73
C GLY D 121 40.51 -2.80 -43.33
N ARG D 122 41.64 -2.51 -42.67
CA ARG D 122 41.89 -2.98 -41.31
C ARG D 122 41.00 -2.27 -40.30
N VAL D 123 40.61 -3.00 -39.25
CA VAL D 123 39.83 -2.43 -38.15
C VAL D 123 40.69 -1.45 -37.36
N PHE D 124 41.96 -1.79 -37.18
CA PHE D 124 42.89 -0.97 -36.39
C PHE D 124 44.04 -0.42 -37.23
N LYS D 125 44.45 0.80 -36.92
CA LYS D 125 45.72 1.33 -37.38
C LYS D 125 46.78 0.84 -36.40
N ASP D 126 48.04 0.79 -36.85
CA ASP D 126 49.16 0.42 -35.98
C ASP D 126 49.21 1.32 -34.74
N SER D 127 48.70 2.53 -34.90
CA SER D 127 48.66 3.55 -33.85
C SER D 127 47.67 3.26 -32.73
N ASP D 128 46.57 2.58 -33.06
CA ASP D 128 45.44 2.38 -32.15
C ASP D 128 45.77 1.70 -30.82
N LYS D 129 46.72 0.76 -30.84
CA LYS D 129 47.07 -0.03 -29.66
C LYS D 129 47.82 0.75 -28.57
N PHE D 130 48.48 1.84 -28.98
CA PHE D 130 49.29 2.65 -28.06
C PHE D 130 48.52 3.81 -27.42
N VAL D 131 47.26 3.98 -27.83
CA VAL D 131 46.43 5.09 -27.35
C VAL D 131 45.89 4.88 -25.92
N PRO D 132 45.28 3.72 -25.63
CA PRO D 132 44.61 3.60 -24.33
C PRO D 132 45.55 3.30 -23.18
N ASN D 133 45.12 3.65 -21.96
CA ASN D 133 45.76 3.19 -20.74
C ASN D 133 45.40 1.72 -20.56
N ASP D 134 46.34 0.84 -20.90
CA ASP D 134 46.09 -0.59 -20.90
C ASP D 134 47.34 -1.39 -20.52
N PRO D 135 47.17 -2.48 -19.74
CA PRO D 135 48.32 -3.26 -19.30
C PRO D 135 48.94 -4.17 -20.38
N HIS D 136 48.23 -4.38 -21.49
CA HIS D 136 48.67 -5.37 -22.48
C HIS D 136 48.83 -4.86 -23.93
N LEU D 137 47.97 -3.93 -24.33
CA LEU D 137 47.81 -3.57 -25.75
C LEU D 137 49.05 -3.07 -26.49
N LYS D 138 49.95 -2.37 -25.81
CA LYS D 138 51.16 -1.87 -26.47
C LYS D 138 52.19 -2.98 -26.75
N ASN D 139 52.00 -4.15 -26.16
CA ASN D 139 52.87 -5.30 -26.38
C ASN D 139 52.36 -6.22 -27.50
N GLN D 140 51.25 -5.84 -28.11
CA GLN D 140 50.62 -6.64 -29.18
C GLN D 140 51.46 -6.69 -30.46
N THR D 141 51.59 -7.90 -31.02
CA THR D 141 52.27 -8.11 -32.30
C THR D 141 51.33 -8.62 -33.37
N GLN D 142 50.37 -9.45 -32.97
CA GLN D 142 49.40 -10.02 -33.90
C GLN D 142 47.96 -9.90 -33.39
N GLU D 143 47.03 -9.82 -34.33
CA GLU D 143 45.60 -9.83 -34.02
C GLU D 143 45.02 -11.16 -34.47
N TRP D 144 44.58 -11.97 -33.51
CA TRP D 144 43.98 -13.26 -33.82
C TRP D 144 42.45 -13.25 -33.72
N SER D 145 41.83 -14.41 -33.87
CA SER D 145 40.39 -14.55 -34.05
C SER D 145 39.53 -14.12 -32.86
N GLY D 146 38.24 -13.95 -33.11
CA GLY D 146 37.28 -13.57 -32.07
C GLY D 146 35.84 -13.58 -32.55
N SER D 147 35.07 -12.59 -32.10
CA SER D 147 33.67 -12.44 -32.49
C SER D 147 33.25 -10.98 -32.62
N GLY D 148 32.12 -10.75 -33.26
CA GLY D 148 31.56 -9.41 -33.44
C GLY D 148 30.08 -9.39 -33.16
N THR D 149 29.65 -8.42 -32.36
CA THR D 149 28.23 -8.29 -31.99
C THR D 149 27.68 -6.89 -32.27
N LEU D 150 26.46 -6.84 -32.76
CA LEU D 150 25.79 -5.57 -32.93
C LEU D 150 24.96 -5.32 -31.67
N THR D 151 25.25 -4.23 -30.99
CA THR D 151 24.63 -3.90 -29.70
C THR D 151 23.21 -3.38 -29.87
N LYS D 152 22.49 -3.28 -28.75
CA LYS D 152 21.15 -2.70 -28.72
C LYS D 152 21.17 -1.22 -29.10
N ASP D 153 22.26 -0.55 -28.75
CA ASP D 153 22.50 0.84 -29.12
C ASP D 153 22.87 0.99 -30.60
N GLY D 154 23.08 -0.13 -31.28
CA GLY D 154 23.43 -0.14 -32.69
C GLY D 154 24.91 0.14 -32.97
N LYS D 155 25.77 -0.31 -32.06
CA LYS D 155 27.21 -0.14 -32.20
C LYS D 155 27.89 -1.45 -32.58
N VAL D 156 28.92 -1.36 -33.41
CA VAL D 156 29.73 -2.52 -33.81
C VAL D 156 30.74 -2.84 -32.71
N ARG D 157 30.51 -3.96 -32.01
CA ARG D 157 31.34 -4.34 -30.87
C ARG D 157 32.18 -5.57 -31.19
N LEU D 158 33.51 -5.36 -31.24
CA LEU D 158 34.45 -6.40 -31.63
C LEU D 158 35.11 -7.07 -30.42
N PHE D 159 35.31 -8.38 -30.55
CA PHE D 159 36.12 -9.15 -29.61
C PHE D 159 37.16 -9.93 -30.42
N TYR D 160 38.41 -9.90 -29.96
CA TYR D 160 39.50 -10.60 -30.64
C TYR D 160 40.63 -10.94 -29.65
N THR D 161 41.66 -11.61 -30.16
CA THR D 161 42.80 -12.02 -29.34
C THR D 161 44.05 -11.16 -29.57
N ASP D 162 44.50 -10.52 -28.49
CA ASP D 162 45.75 -9.78 -28.49
C ASP D 162 46.89 -10.76 -28.27
N TYR D 163 47.65 -11.03 -29.33
CA TYR D 163 48.81 -11.90 -29.26
C TYR D 163 50.12 -11.09 -29.17
N SER D 164 51.02 -11.52 -28.28
CA SER D 164 52.28 -10.84 -28.06
C SER D 164 53.49 -11.74 -28.31
N GLY D 165 54.22 -11.46 -29.39
CA GLY D 165 55.45 -12.19 -29.71
C GLY D 165 56.61 -11.77 -28.84
N LYS D 166 56.45 -10.66 -28.12
CA LYS D 166 57.49 -10.14 -27.23
C LYS D 166 57.30 -10.55 -25.76
N GLN D 167 56.18 -11.22 -25.47
CA GLN D 167 55.90 -11.69 -24.12
C GLN D 167 55.53 -13.18 -24.08
N TYR D 168 56.41 -13.99 -24.65
CA TYR D 168 56.32 -15.47 -24.59
C TYR D 168 55.02 -16.04 -25.16
N GLY D 169 54.41 -15.32 -26.09
CA GLY D 169 53.15 -15.75 -26.70
C GLY D 169 51.94 -15.51 -25.82
N LYS D 170 51.94 -14.37 -25.11
CA LYS D 170 50.82 -14.01 -24.25
C LYS D 170 49.58 -13.69 -25.08
N GLN D 171 48.46 -14.33 -24.73
CA GLN D 171 47.20 -14.13 -25.41
C GLN D 171 46.18 -13.50 -24.46
N THR D 172 45.59 -12.40 -24.89
CA THR D 172 44.65 -11.65 -24.07
C THR D 172 43.35 -11.37 -24.82
N LEU D 173 42.23 -11.75 -24.23
CA LEU D 173 40.91 -11.45 -24.78
C LEU D 173 40.69 -9.94 -24.75
N THR D 174 40.35 -9.37 -25.91
CA THR D 174 40.38 -7.93 -26.10
C THR D 174 39.10 -7.43 -26.78
N THR D 175 38.69 -6.21 -26.43
CA THR D 175 37.49 -5.62 -27.01
C THR D 175 37.69 -4.17 -27.49
N ALA D 176 36.87 -3.76 -28.44
CA ALA D 176 36.81 -2.39 -28.92
C ALA D 176 35.48 -2.14 -29.64
N GLN D 177 35.06 -0.88 -29.64
CA GLN D 177 33.92 -0.46 -30.46
C GLN D 177 34.47 0.06 -31.79
N VAL D 178 33.87 -0.40 -32.88
CA VAL D 178 34.30 -0.01 -34.22
C VAL D 178 33.37 1.07 -34.78
N ASN D 179 33.88 2.30 -34.84
CA ASN D 179 33.09 3.44 -35.34
C ASN D 179 32.99 3.42 -36.87
N MET D 180 31.76 3.30 -37.36
CA MET D 180 31.50 3.16 -38.79
C MET D 180 30.80 4.39 -39.38
N SER D 181 31.01 4.61 -40.68
CA SER D 181 30.35 5.68 -41.41
C SER D 181 29.97 5.25 -42.83
N GLN D 182 29.07 6.00 -43.46
CA GLN D 182 28.66 5.76 -44.84
C GLN D 182 28.95 6.99 -45.70
N PRO D 183 30.12 7.03 -46.36
CA PRO D 183 30.48 8.13 -47.26
C PRO D 183 29.56 8.23 -48.48
N ASN D 184 29.11 7.08 -48.97
CA ASN D 184 28.09 7.02 -50.02
C ASN D 184 27.12 5.86 -49.76
N ASP D 185 26.18 5.64 -50.69
CA ASP D 185 25.11 4.65 -50.48
C ASP D 185 25.53 3.19 -50.71
N ASN D 186 26.77 2.98 -51.17
CA ASN D 186 27.29 1.62 -51.39
C ASN D 186 28.61 1.32 -50.68
N THR D 187 29.04 2.24 -49.81
CA THR D 187 30.33 2.11 -49.13
C THR D 187 30.20 2.25 -47.61
N LEU D 188 30.92 1.40 -46.88
CA LEU D 188 31.10 1.53 -45.44
C LEU D 188 32.55 1.89 -45.13
N LYS D 189 32.74 2.79 -44.18
CA LYS D 189 34.08 3.26 -43.82
C LYS D 189 34.37 3.12 -42.33
N VAL D 190 35.56 2.62 -42.01
CA VAL D 190 36.05 2.59 -40.64
C VAL D 190 36.63 3.95 -40.28
N ASP D 191 35.98 4.63 -39.34
CA ASP D 191 36.43 5.95 -38.88
C ASP D 191 37.55 5.81 -37.86
N GLY D 192 37.36 4.90 -36.91
CA GLY D 192 38.32 4.64 -35.84
C GLY D 192 37.74 3.74 -34.78
N VAL D 193 38.44 3.66 -33.64
CA VAL D 193 37.99 2.82 -32.52
C VAL D 193 37.97 3.57 -31.20
N GLU D 194 37.09 3.14 -30.30
CA GLU D 194 37.01 3.64 -28.93
C GLU D 194 36.67 2.51 -27.97
N ASP D 195 36.83 2.75 -26.67
CA ASP D 195 36.68 1.73 -25.63
C ASP D 195 37.54 0.49 -25.94
N TYR D 196 38.78 0.77 -26.31
CA TYR D 196 39.75 -0.25 -26.71
C TYR D 196 40.50 -0.71 -25.47
N LYS D 197 40.21 -1.95 -25.03
CA LYS D 197 40.75 -2.45 -23.77
C LYS D 197 40.88 -3.97 -23.67
N SER D 198 41.85 -4.42 -22.88
CA SER D 198 42.01 -5.83 -22.54
C SER D 198 40.90 -6.26 -21.58
N ILE D 199 40.57 -7.54 -21.61
CA ILE D 199 39.55 -8.08 -20.70
C ILE D 199 40.13 -9.13 -19.74
N PHE D 200 40.79 -10.15 -20.29
CA PHE D 200 41.19 -11.33 -19.53
C PHE D 200 42.36 -12.05 -20.21
N ASP D 201 43.38 -12.38 -19.41
CA ASP D 201 44.54 -13.12 -19.91
C ASP D 201 44.84 -14.38 -19.08
N GLY D 202 43.84 -14.85 -18.34
CA GLY D 202 44.00 -16.04 -17.50
C GLY D 202 44.12 -15.70 -16.02
N ASP D 203 43.74 -16.65 -15.17
CA ASP D 203 43.74 -16.42 -13.72
C ASP D 203 44.74 -17.31 -12.97
N GLY D 204 44.99 -18.51 -13.48
CA GLY D 204 45.91 -19.45 -12.85
C GLY D 204 45.22 -20.63 -12.19
N LYS D 205 44.07 -20.36 -11.56
CA LYS D 205 43.32 -21.38 -10.82
C LYS D 205 42.37 -22.14 -11.75
N ILE D 206 41.65 -21.39 -12.58
CA ILE D 206 40.63 -21.94 -13.46
C ILE D 206 41.16 -22.06 -14.89
N TYR D 207 41.90 -21.03 -15.32
CA TYR D 207 42.52 -21.04 -16.65
C TYR D 207 44.00 -20.72 -16.57
N GLN D 208 44.79 -21.46 -17.35
CA GLN D 208 46.24 -21.32 -17.37
C GLN D 208 46.66 -19.93 -17.86
N THR D 209 47.69 -19.39 -17.23
CA THR D 209 48.28 -18.12 -17.64
C THR D 209 49.57 -18.39 -18.40
N VAL D 210 50.04 -17.39 -19.15
CA VAL D 210 51.30 -17.52 -19.86
C VAL D 210 52.50 -17.62 -18.91
N GLN D 211 52.37 -17.04 -17.71
CA GLN D 211 53.42 -17.12 -16.69
C GLN D 211 53.60 -18.55 -16.17
N GLN D 212 52.49 -19.25 -15.96
CA GLN D 212 52.54 -20.67 -15.60
C GLN D 212 53.18 -21.48 -16.71
N PHE D 213 52.85 -21.12 -17.95
CA PHE D 213 53.45 -21.71 -19.15
C PHE D 213 54.97 -21.62 -19.13
N ILE D 214 55.49 -20.44 -18.77
CA ILE D 214 56.93 -20.22 -18.64
C ILE D 214 57.50 -20.97 -17.42
N ASP D 215 56.82 -20.87 -16.29
CA ASP D 215 57.28 -21.47 -15.03
C ASP D 215 57.33 -23.01 -15.06
N GLU D 216 56.59 -23.60 -15.98
CA GLU D 216 56.65 -25.05 -16.23
C GLU D 216 57.70 -25.42 -17.28
N GLY D 217 58.30 -24.40 -17.90
CA GLY D 217 59.26 -24.58 -18.98
C GLY D 217 58.59 -24.98 -20.28
N GLY D 218 57.53 -24.25 -20.63
CA GLY D 218 56.65 -24.60 -21.75
C GLY D 218 57.26 -24.52 -23.14
N ALA D 219 58.28 -23.68 -23.29
CA ALA D 219 58.94 -23.46 -24.58
C ALA D 219 59.72 -24.68 -25.09
N ASP D 220 59.97 -25.64 -24.20
CA ASP D 220 60.74 -26.83 -24.55
C ASP D 220 60.09 -28.16 -24.18
N THR D 221 59.05 -28.12 -23.34
CA THR D 221 58.36 -29.34 -22.91
C THR D 221 57.37 -29.87 -23.96
N GLY D 222 57.01 -29.01 -24.91
CA GLY D 222 56.02 -29.36 -25.93
C GLY D 222 54.62 -28.90 -25.54
N ASP D 223 54.54 -28.13 -24.46
CA ASP D 223 53.27 -27.59 -23.96
C ASP D 223 52.77 -26.48 -24.87
N ASN D 224 51.44 -26.39 -25.00
CA ASN D 224 50.81 -25.37 -25.82
C ASN D 224 49.80 -24.53 -25.02
N HIS D 225 50.14 -23.27 -24.80
CA HIS D 225 49.28 -22.34 -24.06
C HIS D 225 48.35 -21.57 -24.99
N THR D 226 47.06 -21.64 -24.69
CA THR D 226 46.05 -20.95 -25.48
C THR D 226 45.15 -20.12 -24.58
N LEU D 227 44.75 -18.95 -25.07
CA LEU D 227 43.76 -18.11 -24.41
C LEU D 227 43.17 -17.17 -25.45
N ARG D 228 42.35 -17.73 -26.35
CA ARG D 228 41.96 -17.03 -27.57
C ARG D 228 40.55 -17.36 -28.04
N ASP D 229 40.19 -16.74 -29.17
CA ASP D 229 38.94 -16.98 -29.89
C ASP D 229 37.68 -16.68 -29.08
N PRO D 230 37.57 -15.44 -28.56
CA PRO D 230 36.40 -15.09 -27.73
C PRO D 230 35.10 -15.03 -28.53
N HIS D 231 34.12 -15.83 -28.12
CA HIS D 231 32.79 -15.80 -28.73
C HIS D 231 31.76 -15.19 -27.78
N TYR D 232 31.16 -14.09 -28.20
CA TYR D 232 30.18 -13.36 -27.39
C TYR D 232 28.81 -14.03 -27.41
N ILE D 233 28.18 -14.08 -26.24
CA ILE D 233 26.82 -14.61 -26.10
C ILE D 233 26.09 -13.94 -24.93
N GLU D 234 24.76 -13.93 -25.01
CA GLU D 234 23.92 -13.39 -23.95
C GLU D 234 22.94 -14.45 -23.44
N ASP D 235 22.61 -14.38 -22.15
CA ASP D 235 21.62 -15.25 -21.53
C ASP D 235 21.07 -14.61 -20.27
N ASN D 236 19.73 -14.48 -20.22
CA ASN D 236 19.02 -13.92 -19.06
C ASN D 236 19.57 -12.56 -18.59
N GLY D 237 19.84 -11.68 -19.55
CA GLY D 237 20.37 -10.34 -19.28
C GLY D 237 21.89 -10.25 -19.29
N HIS D 238 22.55 -11.29 -18.79
CA HIS D 238 24.00 -11.28 -18.58
C HIS D 238 24.81 -11.45 -19.86
N LYS D 239 26.01 -10.90 -19.87
CA LYS D 239 26.91 -10.96 -21.02
C LYS D 239 28.06 -11.93 -20.76
N TYR D 240 28.38 -12.75 -21.77
CA TYR D 240 29.41 -13.78 -21.62
C TYR D 240 30.38 -13.83 -22.81
N LEU D 241 31.59 -14.30 -22.55
CA LEU D 241 32.53 -14.70 -23.58
C LEU D 241 32.90 -16.16 -23.40
N VAL D 242 32.80 -16.92 -24.49
CA VAL D 242 33.24 -18.31 -24.50
C VAL D 242 34.48 -18.42 -25.40
N PHE D 243 35.54 -18.98 -24.85
CA PHE D 243 36.87 -18.91 -25.47
C PHE D 243 37.66 -20.22 -25.41
N GLU D 244 38.63 -20.35 -26.30
CA GLU D 244 39.62 -21.43 -26.22
C GLU D 244 40.59 -21.11 -25.09
N ALA D 245 40.81 -22.08 -24.21
CA ALA D 245 41.75 -21.94 -23.10
C ALA D 245 42.37 -23.27 -22.69
N ASN D 246 43.07 -23.26 -21.57
CA ASN D 246 43.57 -24.47 -20.93
C ASN D 246 43.19 -24.42 -19.46
N THR D 247 43.11 -25.59 -18.82
CA THR D 247 42.75 -25.66 -17.41
C THR D 247 43.84 -25.07 -16.50
N GLY D 248 43.42 -24.60 -15.33
CA GLY D 248 44.34 -24.09 -14.31
C GLY D 248 44.62 -25.11 -13.22
N THR D 249 45.21 -24.64 -12.13
CA THR D 249 45.70 -25.51 -11.04
C THR D 249 44.63 -26.33 -10.32
N GLU D 250 43.40 -25.83 -10.29
CA GLU D 250 42.37 -26.40 -9.41
C GLU D 250 41.19 -27.08 -10.11
N ASP D 251 41.18 -27.06 -11.44
CA ASP D 251 40.10 -27.70 -12.20
C ASP D 251 40.60 -28.79 -13.15
N GLY D 252 41.59 -29.56 -12.69
CA GLY D 252 42.18 -30.63 -13.48
C GLY D 252 43.32 -30.13 -14.33
N TYR D 253 44.44 -29.82 -13.68
CA TYR D 253 45.63 -29.32 -14.36
C TYR D 253 46.34 -30.45 -15.10
N GLN D 254 47.24 -30.05 -16.02
CA GLN D 254 48.07 -30.98 -16.76
C GLN D 254 49.07 -31.69 -15.84
N GLY D 255 49.69 -32.75 -16.36
CA GLY D 255 50.66 -33.53 -15.59
C GLY D 255 50.37 -35.02 -15.65
N GLU D 256 51.33 -35.79 -15.16
CA GLU D 256 51.24 -37.25 -15.19
C GLU D 256 50.03 -37.78 -14.42
N ASP D 257 49.68 -37.09 -13.33
CA ASP D 257 48.56 -37.46 -12.47
CA ASP D 257 48.56 -37.47 -12.47
C ASP D 257 47.24 -37.58 -13.23
N SER D 258 47.07 -36.74 -14.26
CA SER D 258 45.84 -36.68 -15.06
C SER D 258 45.49 -37.99 -15.77
N LEU D 259 46.51 -38.81 -16.05
CA LEU D 259 46.34 -40.09 -16.74
C LEU D 259 45.69 -41.16 -15.85
N TYR D 260 45.53 -40.83 -14.57
CA TYR D 260 44.92 -41.72 -13.60
C TYR D 260 43.49 -41.28 -13.23
N ASN D 261 43.02 -40.21 -13.87
CA ASN D 261 41.68 -39.68 -13.62
C ASN D 261 40.63 -40.32 -14.53
N ARG D 262 39.73 -41.08 -13.90
CA ARG D 262 38.68 -41.81 -14.61
CA ARG D 262 38.67 -41.81 -14.60
C ARG D 262 37.77 -40.91 -15.44
N ALA D 263 37.55 -39.69 -14.96
CA ALA D 263 36.67 -38.71 -15.61
C ALA D 263 37.04 -38.37 -17.05
N TYR D 264 38.32 -38.47 -17.40
CA TYR D 264 38.78 -38.12 -18.74
C TYR D 264 38.68 -39.29 -19.71
N TYR D 265 38.49 -40.50 -19.17
CA TYR D 265 38.41 -41.71 -19.97
C TYR D 265 36.98 -42.07 -20.33
N GLY D 266 36.09 -42.08 -19.33
CA GLY D 266 34.71 -42.53 -19.51
C GLY D 266 34.67 -44.04 -19.70
N GLY D 267 33.59 -44.52 -20.31
CA GLY D 267 33.42 -45.95 -20.61
C GLY D 267 33.43 -46.86 -19.39
N ASN D 268 33.87 -48.10 -19.60
CA ASN D 268 33.94 -49.11 -18.53
C ASN D 268 35.31 -49.18 -17.87
N ASN D 269 35.44 -50.01 -16.84
CA ASN D 269 36.70 -50.19 -16.11
C ASN D 269 37.82 -50.84 -16.92
N PRO D 270 37.53 -51.91 -17.68
CA PRO D 270 38.58 -52.52 -18.51
C PRO D 270 39.11 -51.61 -19.61
N PHE D 271 38.29 -50.67 -20.08
CA PHE D 271 38.75 -49.67 -21.04
C PHE D 271 39.70 -48.67 -20.36
N PHE D 272 39.32 -48.24 -19.15
CA PHE D 272 40.13 -47.33 -18.35
C PHE D 272 41.51 -47.92 -18.06
N GLN D 273 41.57 -49.22 -17.78
CA GLN D 273 42.83 -49.90 -17.48
C GLN D 273 43.69 -50.11 -18.72
N SER D 274 43.08 -50.54 -19.82
CA SER D 274 43.79 -50.80 -21.07
C SER D 274 44.29 -49.53 -21.75
N GLU D 275 43.46 -48.48 -21.73
CA GLU D 275 43.84 -47.19 -22.31
C GLU D 275 44.92 -46.49 -21.49
N LYS D 276 44.85 -46.62 -20.17
CA LYS D 276 45.86 -46.08 -19.25
C LYS D 276 47.22 -46.74 -19.49
N LYS D 277 47.22 -48.07 -19.61
CA LYS D 277 48.43 -48.85 -19.87
C LYS D 277 49.06 -48.48 -21.22
N LYS D 278 48.20 -48.27 -22.22
CA LYS D 278 48.61 -47.89 -23.56
C LYS D 278 49.25 -46.51 -23.58
N LEU D 279 48.67 -45.59 -22.84
CA LEU D 279 49.10 -44.20 -22.79
C LEU D 279 50.44 -44.05 -22.07
N LEU D 280 50.64 -44.82 -21.00
CA LEU D 280 51.85 -44.78 -20.19
C LEU D 280 53.07 -45.42 -20.85
N GLU D 281 52.82 -46.33 -21.79
CA GLU D 281 53.89 -47.10 -22.44
C GLU D 281 54.33 -46.53 -23.79
N GLY D 282 53.40 -45.90 -24.50
CA GLY D 282 53.66 -45.39 -25.85
C GLY D 282 54.43 -44.09 -25.90
N SER D 283 54.55 -43.54 -27.11
CA SER D 283 55.24 -42.26 -27.33
C SER D 283 54.30 -41.07 -27.17
N ASN D 284 53.09 -41.32 -26.65
CA ASN D 284 52.10 -40.28 -26.39
C ASN D 284 51.93 -39.96 -24.90
N LYS D 285 52.86 -40.45 -24.08
CA LYS D 285 52.80 -40.28 -22.63
C LYS D 285 52.82 -38.81 -22.20
N GLU D 286 53.88 -38.10 -22.60
CA GLU D 286 54.04 -36.69 -22.28
CA GLU D 286 54.04 -36.69 -22.28
C GLU D 286 52.98 -35.83 -22.97
N LYS D 287 52.69 -36.17 -24.22
CA LYS D 287 51.68 -35.45 -25.02
C LYS D 287 50.32 -35.43 -24.32
N ALA D 288 49.89 -36.59 -23.84
CA ALA D 288 48.62 -36.72 -23.13
C ALA D 288 48.66 -36.03 -21.76
N SER D 289 49.80 -36.14 -21.08
CA SER D 289 50.00 -35.50 -19.78
C SER D 289 49.86 -33.98 -19.86
N LEU D 290 50.41 -33.40 -20.93
CA LEU D 290 50.38 -31.96 -21.14
C LEU D 290 49.04 -31.48 -21.69
N ALA D 291 48.30 -32.39 -22.32
CA ALA D 291 47.02 -32.08 -22.93
C ALA D 291 45.96 -31.74 -21.88
N ASN D 292 45.59 -30.46 -21.81
CA ASN D 292 44.55 -29.99 -20.90
C ASN D 292 43.71 -28.85 -21.49
N GLY D 293 43.36 -29.00 -22.77
CA GLY D 293 42.53 -28.02 -23.48
C GLY D 293 41.22 -27.74 -22.76
N ALA D 294 40.73 -26.51 -22.90
CA ALA D 294 39.50 -26.09 -22.23
C ALA D 294 38.69 -25.12 -23.07
N LEU D 295 37.37 -25.26 -23.04
CA LEU D 295 36.47 -24.24 -23.56
C LEU D 295 35.94 -23.44 -22.38
N GLY D 296 36.50 -22.26 -22.18
CA GLY D 296 36.19 -21.45 -21.02
C GLY D 296 35.04 -20.48 -21.19
N ILE D 297 34.58 -19.94 -20.07
CA ILE D 297 33.51 -18.94 -20.06
C ILE D 297 33.75 -17.91 -18.95
N ILE D 298 33.61 -16.63 -19.31
CA ILE D 298 33.69 -15.55 -18.34
C ILE D 298 32.48 -14.63 -18.46
N GLU D 299 32.00 -14.12 -17.34
CA GLU D 299 30.91 -13.16 -17.34
C GLU D 299 31.47 -11.75 -17.43
N LEU D 300 30.87 -10.94 -18.30
CA LEU D 300 31.27 -9.55 -18.46
C LEU D 300 30.32 -8.63 -17.72
N ASN D 301 30.82 -7.45 -17.34
CA ASN D 301 29.98 -6.35 -16.88
C ASN D 301 29.24 -5.74 -18.07
N ASP D 302 28.41 -4.73 -17.81
N ASP D 302 28.43 -4.73 -17.81
CA ASP D 302 27.69 -4.03 -18.88
CA ASP D 302 27.69 -4.02 -18.85
C ASP D 302 28.63 -3.30 -19.83
C ASP D 302 28.62 -3.29 -19.82
N ASP D 303 29.77 -2.85 -19.31
CA ASP D 303 30.77 -2.15 -20.11
C ASP D 303 31.85 -3.08 -20.69
N TYR D 304 31.55 -4.38 -20.69
CA TYR D 304 32.40 -5.43 -21.30
C TYR D 304 33.71 -5.71 -20.54
N THR D 305 33.83 -5.18 -19.33
CA THR D 305 34.94 -5.52 -18.44
C THR D 305 34.65 -6.85 -17.74
N LEU D 306 35.68 -7.48 -17.19
CA LEU D 306 35.54 -8.77 -16.50
C LEU D 306 34.69 -8.64 -15.22
N LYS D 307 33.68 -9.50 -15.10
CA LYS D 307 32.83 -9.55 -13.91
C LYS D 307 33.15 -10.76 -13.04
N LYS D 308 33.19 -11.93 -13.66
CA LYS D 308 33.42 -13.19 -12.95
C LYS D 308 34.10 -14.23 -13.84
N VAL D 309 35.16 -14.83 -13.30
CA VAL D 309 35.82 -15.97 -13.95
C VAL D 309 35.08 -17.23 -13.52
N MET D 310 34.51 -17.93 -14.49
CA MET D 310 33.71 -19.12 -14.24
C MET D 310 34.45 -20.38 -14.64
N LYS D 311 34.00 -21.52 -14.13
CA LYS D 311 34.57 -22.82 -14.46
C LYS D 311 34.34 -23.18 -15.95
N PRO D 312 35.22 -24.02 -16.52
CA PRO D 312 35.08 -24.37 -17.93
C PRO D 312 33.79 -25.11 -18.23
N LEU D 313 33.24 -24.90 -19.43
CA LEU D 313 32.07 -25.64 -19.88
C LEU D 313 32.46 -27.09 -20.14
N ILE D 314 33.61 -27.29 -20.79
CA ILE D 314 34.13 -28.61 -21.11
C ILE D 314 35.66 -28.58 -21.21
N THR D 315 36.30 -29.69 -20.84
CA THR D 315 37.75 -29.84 -21.01
C THR D 315 38.09 -31.05 -21.87
N SER D 316 39.32 -31.09 -22.38
CA SER D 316 39.78 -32.20 -23.20
C SER D 316 41.09 -32.81 -22.67
N ASN D 317 41.18 -32.96 -21.34
CA ASN D 317 42.36 -33.55 -20.70
C ASN D 317 42.74 -34.90 -21.30
N THR D 318 44.05 -35.11 -21.44
CA THR D 318 44.66 -36.30 -22.08
C THR D 318 44.41 -36.39 -23.59
N VAL D 319 43.29 -35.83 -24.05
CA VAL D 319 42.88 -35.91 -25.45
C VAL D 319 43.67 -34.96 -26.34
N THR D 320 43.56 -33.65 -26.06
CA THR D 320 44.27 -32.63 -26.82
C THR D 320 44.49 -31.36 -25.99
N ASP D 321 45.47 -30.57 -26.42
CA ASP D 321 45.81 -29.32 -25.76
C ASP D 321 45.22 -28.13 -26.53
N GLU D 322 44.62 -28.42 -27.68
CA GLU D 322 44.14 -27.39 -28.58
C GLU D 322 42.72 -27.66 -29.09
N ILE D 323 41.74 -27.04 -28.43
CA ILE D 323 40.35 -27.05 -28.90
C ILE D 323 39.94 -25.63 -29.31
N GLU D 324 39.87 -25.40 -30.62
CA GLU D 324 39.85 -24.06 -31.20
C GLU D 324 38.46 -23.55 -31.63
N ARG D 325 38.44 -22.30 -32.12
CA ARG D 325 37.24 -21.63 -32.62
C ARG D 325 35.98 -21.88 -31.79
N ALA D 326 36.08 -21.62 -30.49
CA ALA D 326 34.95 -21.80 -29.57
C ALA D 326 33.67 -21.15 -30.11
N ASN D 327 32.59 -21.93 -30.15
CA ASN D 327 31.31 -21.47 -30.65
C ASN D 327 30.16 -21.97 -29.79
N ILE D 328 29.18 -21.09 -29.55
CA ILE D 328 28.04 -21.40 -28.71
C ILE D 328 26.82 -20.55 -29.09
N PHE D 329 25.66 -21.21 -29.16
CA PHE D 329 24.38 -20.55 -29.41
C PHE D 329 23.23 -21.39 -28.86
N LYS D 330 22.09 -20.74 -28.61
CA LYS D 330 20.90 -21.42 -28.13
C LYS D 330 19.98 -21.77 -29.31
N LYS D 331 19.46 -23.00 -29.30
CA LYS D 331 18.53 -23.47 -30.32
C LYS D 331 17.54 -24.46 -29.71
N ASP D 332 16.26 -24.23 -29.95
CA ASP D 332 15.16 -25.06 -29.45
C ASP D 332 15.22 -25.25 -27.93
N GLY D 333 15.56 -24.18 -27.21
CA GLY D 333 15.67 -24.20 -25.76
C GLY D 333 16.93 -24.87 -25.23
N LYS D 334 17.81 -25.29 -26.14
CA LYS D 334 19.02 -26.01 -25.76
C LYS D 334 20.30 -25.29 -26.20
N TRP D 335 21.34 -25.45 -25.41
CA TRP D 335 22.62 -24.80 -25.68
C TRP D 335 23.58 -25.73 -26.42
N TYR D 336 24.05 -25.27 -27.57
CA TYR D 336 24.95 -26.06 -28.41
C TYR D 336 26.36 -25.48 -28.41
N LEU D 337 27.34 -26.33 -28.08
CA LEU D 337 28.73 -25.91 -27.97
C LEU D 337 29.59 -26.62 -29.00
N PHE D 338 30.40 -25.84 -29.72
CA PHE D 338 31.25 -26.38 -30.79
C PHE D 338 32.71 -25.96 -30.64
N THR D 339 33.60 -26.82 -31.14
CA THR D 339 35.04 -26.54 -31.18
C THR D 339 35.72 -27.28 -32.33
N ASP D 340 36.71 -26.62 -32.94
CA ASP D 340 37.52 -27.23 -33.99
C ASP D 340 38.79 -27.84 -33.40
N SER D 341 39.10 -29.06 -33.82
CA SER D 341 40.23 -29.81 -33.26
C SER D 341 41.03 -30.51 -34.35
N ARG D 342 42.35 -30.52 -34.19
CA ARG D 342 43.25 -31.14 -35.14
C ARG D 342 43.69 -32.52 -34.65
N GLY D 343 43.59 -33.51 -35.54
CA GLY D 343 43.99 -34.89 -35.21
C GLY D 343 45.47 -35.02 -34.91
N SER D 344 46.28 -34.12 -35.48
CA SER D 344 47.72 -34.09 -35.26
C SER D 344 48.08 -33.75 -33.81
N LYS D 345 47.20 -32.99 -33.15
CA LYS D 345 47.40 -32.59 -31.75
C LYS D 345 46.68 -33.54 -30.78
N MET D 346 46.03 -34.56 -31.33
CA MET D 346 45.30 -35.54 -30.53
C MET D 346 46.14 -36.78 -30.20
N THR D 347 45.68 -37.56 -29.24
CA THR D 347 46.40 -38.74 -28.76
C THR D 347 45.56 -40.02 -28.91
N ILE D 348 44.63 -39.99 -29.87
CA ILE D 348 43.64 -41.05 -30.03
C ILE D 348 44.01 -42.00 -31.17
N ASP D 349 43.95 -43.30 -30.90
CA ASP D 349 44.19 -44.34 -31.90
C ASP D 349 43.16 -44.25 -33.03
N GLY D 350 43.64 -44.33 -34.27
CA GLY D 350 42.78 -44.25 -35.45
C GLY D 350 42.61 -42.84 -35.98
N ILE D 351 43.16 -41.87 -35.27
CA ILE D 351 43.12 -40.47 -35.67
C ILE D 351 44.55 -39.95 -35.86
N GLY D 352 44.81 -39.30 -37.00
CA GLY D 352 46.16 -38.88 -37.35
C GLY D 352 46.30 -37.46 -37.90
N GLN D 353 47.45 -37.21 -38.54
CA GLN D 353 47.86 -35.90 -39.05
C GLN D 353 46.85 -35.18 -39.94
N ASP D 354 46.23 -35.92 -40.86
CA ASP D 354 45.36 -35.32 -41.87
C ASP D 354 43.95 -34.99 -41.36
N ASP D 355 43.59 -35.57 -40.21
CA ASP D 355 42.25 -35.42 -39.65
C ASP D 355 41.98 -34.04 -39.04
N VAL D 356 40.92 -33.41 -39.51
CA VAL D 356 40.46 -32.13 -38.96
C VAL D 356 38.97 -32.25 -38.63
N TYR D 357 38.59 -31.81 -37.43
CA TYR D 357 37.23 -32.00 -36.93
C TYR D 357 36.56 -30.72 -36.47
N MET D 358 35.23 -30.68 -36.58
CA MET D 358 34.42 -29.86 -35.71
C MET D 358 33.68 -30.79 -34.78
N LEU D 359 33.78 -30.52 -33.48
CA LEU D 359 33.12 -31.32 -32.45
C LEU D 359 32.03 -30.50 -31.77
N GLY D 360 30.95 -31.17 -31.37
CA GLY D 360 29.79 -30.50 -30.80
C GLY D 360 29.21 -31.16 -29.58
N TYR D 361 28.63 -30.35 -28.69
CA TYR D 361 28.05 -30.81 -27.43
C TYR D 361 26.79 -30.02 -27.09
N VAL D 362 25.86 -30.67 -26.40
CA VAL D 362 24.56 -30.06 -26.06
C VAL D 362 24.27 -30.08 -24.56
N SER D 363 23.73 -28.97 -24.07
CA SER D 363 23.31 -28.86 -22.66
C SER D 363 21.97 -28.15 -22.55
N ASN D 364 21.25 -28.44 -21.48
CA ASN D 364 19.95 -27.82 -21.21
C ASN D 364 20.09 -26.43 -20.59
N THR D 365 21.25 -26.17 -19.98
CA THR D 365 21.58 -24.83 -19.46
C THR D 365 22.95 -24.41 -19.95
N LEU D 366 23.25 -23.11 -19.79
CA LEU D 366 24.50 -22.54 -20.26
C LEU D 366 25.72 -23.19 -19.60
N THR D 367 25.65 -23.38 -18.28
CA THR D 367 26.79 -23.88 -17.50
C THR D 367 26.59 -25.32 -17.01
N GLY D 368 25.55 -25.99 -17.51
CA GLY D 368 25.24 -27.37 -17.12
C GLY D 368 26.12 -28.42 -17.77
N LYS D 369 25.70 -29.67 -17.68
CA LYS D 369 26.43 -30.79 -18.25
C LYS D 369 26.28 -30.84 -19.77
N TYR D 370 27.40 -30.83 -20.48
CA TYR D 370 27.41 -30.91 -21.94
C TYR D 370 27.65 -32.34 -22.40
N LYS D 371 26.69 -32.87 -23.15
CA LYS D 371 26.73 -34.25 -23.63
C LYS D 371 27.10 -34.27 -25.13
N PRO D 372 27.86 -35.30 -25.56
CA PRO D 372 28.36 -35.36 -26.94
C PRO D 372 27.24 -35.49 -27.99
N LEU D 373 27.32 -34.66 -29.03
CA LEU D 373 26.41 -34.76 -30.17
C LEU D 373 26.77 -36.01 -30.97
N ASN D 374 25.75 -36.71 -31.45
CA ASN D 374 25.92 -37.97 -32.18
C ASN D 374 26.65 -39.04 -31.34
N ASP D 375 26.47 -38.93 -30.02
CA ASP D 375 27.03 -39.84 -29.01
C ASP D 375 28.54 -39.79 -28.81
N THR D 376 29.27 -39.28 -29.80
CA THR D 376 30.74 -39.23 -29.75
C THR D 376 31.27 -37.81 -29.62
N GLY D 377 30.50 -36.84 -30.12
CA GLY D 377 30.93 -35.45 -30.17
C GLY D 377 31.19 -34.99 -31.59
N LEU D 378 31.40 -35.96 -32.48
CA LEU D 378 31.69 -35.70 -33.89
C LEU D 378 30.54 -35.00 -34.62
N VAL D 379 30.87 -33.93 -35.33
CA VAL D 379 29.92 -33.22 -36.20
C VAL D 379 30.46 -33.19 -37.62
N LEU D 380 31.71 -32.74 -37.78
CA LEU D 380 32.34 -32.62 -39.08
C LEU D 380 33.71 -33.28 -39.13
N HIS D 381 34.02 -33.89 -40.27
CA HIS D 381 35.32 -34.51 -40.51
C HIS D 381 35.84 -34.14 -41.90
N MET D 382 37.08 -33.66 -41.93
CA MET D 382 37.74 -33.23 -43.16
C MET D 382 39.17 -33.76 -43.12
N ASP D 383 39.60 -34.44 -44.18
CA ASP D 383 40.93 -35.05 -44.20
C ASP D 383 41.73 -34.87 -45.50
N LEU D 384 41.44 -33.78 -46.23
CA LEU D 384 42.18 -33.44 -47.44
C LEU D 384 43.59 -33.00 -47.06
N ASP D 385 44.56 -33.28 -47.95
CA ASP D 385 45.93 -32.83 -47.74
C ASP D 385 45.97 -31.29 -47.77
N PRO D 386 46.73 -30.67 -46.84
CA PRO D 386 46.87 -29.21 -46.77
C PRO D 386 47.31 -28.55 -48.07
N ASN D 387 47.90 -29.32 -48.99
CA ASN D 387 48.29 -28.82 -50.29
C ASN D 387 47.20 -28.94 -51.36
N ASP D 388 46.12 -29.63 -51.03
CA ASP D 388 44.95 -29.72 -51.92
C ASP D 388 44.26 -28.38 -52.01
N LYS D 389 43.82 -28.03 -53.22
CA LYS D 389 43.17 -26.76 -53.50
C LYS D 389 41.95 -26.50 -52.61
N THR D 390 41.15 -27.54 -52.37
CA THR D 390 39.90 -27.39 -51.61
C THR D 390 40.00 -27.78 -50.14
N PHE D 391 41.20 -27.71 -49.58
CA PHE D 391 41.42 -27.88 -48.14
C PHE D 391 40.69 -26.76 -47.39
N THR D 392 39.89 -27.14 -46.39
CA THR D 392 39.15 -26.15 -45.59
C THR D 392 39.48 -26.24 -44.09
N TYR D 393 39.44 -25.09 -43.42
CA TYR D 393 39.80 -25.01 -42.01
C TYR D 393 38.97 -23.94 -41.28
N SER D 394 38.94 -24.03 -39.95
CA SER D 394 38.25 -23.05 -39.09
C SER D 394 36.73 -23.08 -39.28
N HIS D 395 36.19 -24.30 -39.37
CA HIS D 395 34.76 -24.53 -39.59
C HIS D 395 33.92 -23.95 -38.44
N PHE D 396 32.88 -23.21 -38.81
CA PHE D 396 32.10 -22.43 -37.84
C PHE D 396 30.61 -22.52 -38.13
N ALA D 397 29.82 -22.86 -37.11
CA ALA D 397 28.38 -22.98 -37.25
C ALA D 397 27.67 -21.65 -36.99
N VAL D 398 26.99 -21.13 -38.02
CA VAL D 398 26.24 -19.88 -37.93
C VAL D 398 24.74 -20.19 -37.82
N PRO D 399 24.13 -19.90 -36.66
CA PRO D 399 22.70 -20.15 -36.47
C PRO D 399 21.82 -19.25 -37.34
N GLN D 400 20.64 -19.74 -37.67
CA GLN D 400 19.74 -19.06 -38.60
C GLN D 400 18.44 -18.60 -37.92
N THR D 401 17.77 -17.64 -38.56
CA THR D 401 16.53 -17.04 -38.03
C THR D 401 15.36 -18.03 -38.01
N LYS D 402 15.38 -19.00 -38.93
CA LYS D 402 14.35 -20.03 -39.00
C LYS D 402 14.90 -21.34 -39.54
N GLY D 403 14.24 -22.45 -39.20
CA GLY D 403 14.63 -23.78 -39.66
C GLY D 403 15.58 -24.48 -38.72
N ASP D 404 15.91 -25.72 -39.04
CA ASP D 404 16.78 -26.56 -38.22
C ASP D 404 18.21 -26.63 -38.76
N ASN D 405 18.45 -25.96 -39.88
CA ASN D 405 19.76 -25.95 -40.51
C ASN D 405 20.62 -24.76 -40.07
N VAL D 406 21.91 -25.03 -39.87
CA VAL D 406 22.88 -23.97 -39.62
C VAL D 406 23.84 -23.88 -40.81
N VAL D 407 24.40 -22.69 -41.03
CA VAL D 407 25.34 -22.47 -42.12
C VAL D 407 26.77 -22.67 -41.61
N ILE D 408 27.52 -23.54 -42.28
CA ILE D 408 28.91 -23.76 -41.90
C ILE D 408 29.85 -22.93 -42.77
N THR D 409 30.53 -21.99 -42.13
CA THR D 409 31.55 -21.18 -42.78
C THR D 409 32.93 -21.73 -42.45
N SER D 410 33.86 -21.60 -43.38
CA SER D 410 35.26 -21.96 -43.18
C SER D 410 36.10 -21.25 -44.23
N TYR D 411 37.41 -21.25 -44.07
CA TYR D 411 38.29 -20.72 -45.11
C TYR D 411 38.97 -21.82 -45.91
N MET D 412 39.19 -21.54 -47.19
CA MET D 412 39.83 -22.47 -48.10
C MET D 412 41.21 -21.94 -48.47
N THR D 413 42.25 -22.68 -48.10
CA THR D 413 43.64 -22.27 -48.33
C THR D 413 43.99 -22.04 -49.80
N ASN D 414 43.30 -22.79 -50.67
CA ASN D 414 43.33 -22.55 -52.13
C ASN D 414 44.74 -22.51 -52.73
N ARG D 415 45.63 -23.36 -52.21
CA ARG D 415 47.04 -23.37 -52.65
C ARG D 415 47.25 -24.10 -53.97
N GLY D 416 46.50 -23.72 -55.00
CA GLY D 416 46.61 -24.31 -56.33
C GLY D 416 47.81 -23.79 -57.10
N PHE D 417 48.14 -24.46 -58.20
CA PHE D 417 49.24 -24.05 -59.07
C PHE D 417 48.84 -22.85 -59.93
N TYR D 418 47.65 -22.92 -60.51
CA TYR D 418 47.10 -21.83 -61.33
C TYR D 418 46.30 -20.85 -60.48
N GLU D 419 46.00 -19.70 -61.06
CA GLU D 419 45.12 -18.69 -60.45
C GLU D 419 43.66 -19.12 -60.64
N ASP D 420 42.76 -18.87 -59.67
CA ASP D 420 43.05 -18.20 -58.39
C ASP D 420 43.72 -19.13 -57.38
N ASN D 421 44.68 -18.61 -56.62
CA ASN D 421 45.42 -19.41 -55.65
C ASN D 421 45.77 -18.74 -54.32
N HIS D 422 44.88 -17.86 -53.86
CA HIS D 422 45.03 -17.22 -52.55
C HIS D 422 43.93 -17.67 -51.59
N SER D 423 44.25 -17.65 -50.30
CA SER D 423 43.30 -18.05 -49.25
C SER D 423 42.03 -17.20 -49.29
N THR D 424 40.88 -17.86 -49.28
CA THR D 424 39.60 -17.22 -49.58
C THR D 424 38.45 -17.85 -48.78
N PHE D 425 37.26 -17.24 -48.87
CA PHE D 425 36.06 -17.81 -48.28
C PHE D 425 35.73 -19.12 -48.97
N ALA D 426 35.62 -20.20 -48.19
CA ALA D 426 35.20 -21.49 -48.73
C ALA D 426 33.71 -21.46 -49.05
N PRO D 427 33.26 -22.29 -50.02
CA PRO D 427 31.83 -22.43 -50.24
C PRO D 427 31.16 -22.90 -48.95
N SER D 428 30.12 -22.17 -48.54
CA SER D 428 29.37 -22.52 -47.33
C SER D 428 28.49 -23.74 -47.57
N PHE D 429 28.14 -24.43 -46.50
CA PHE D 429 27.23 -25.58 -46.56
C PHE D 429 26.37 -25.69 -45.31
N LEU D 430 25.44 -26.64 -45.30
CA LEU D 430 24.45 -26.74 -44.24
C LEU D 430 24.60 -27.97 -43.37
N VAL D 431 24.31 -27.80 -42.08
CA VAL D 431 24.22 -28.91 -41.13
C VAL D 431 22.89 -28.84 -40.40
N ASN D 432 22.14 -29.93 -40.45
CA ASN D 432 20.87 -30.07 -39.76
C ASN D 432 21.07 -30.38 -38.28
N ILE D 433 20.38 -29.65 -37.42
CA ILE D 433 20.44 -29.87 -35.98
C ILE D 433 19.09 -30.35 -35.46
N ASP D 434 19.06 -31.55 -34.87
CA ASP D 434 17.84 -32.13 -34.32
C ASP D 434 18.14 -32.88 -33.03
N GLY D 435 17.86 -32.24 -31.90
CA GLY D 435 18.14 -32.80 -30.58
C GLY D 435 19.64 -32.91 -30.36
N SER D 436 20.11 -34.13 -30.10
CA SER D 436 21.54 -34.38 -29.95
C SER D 436 22.13 -35.02 -31.21
N LYS D 437 21.41 -34.89 -32.33
CA LYS D 437 21.83 -35.47 -33.61
C LYS D 437 22.09 -34.37 -34.64
N THR D 438 23.23 -34.46 -35.31
CA THR D 438 23.56 -33.56 -36.41
C THR D 438 23.81 -34.34 -37.71
N SER D 439 23.51 -33.70 -38.83
CA SER D 439 23.75 -34.30 -40.15
C SER D 439 24.05 -33.24 -41.20
N VAL D 440 25.04 -33.52 -42.04
CA VAL D 440 25.35 -32.66 -43.18
C VAL D 440 24.25 -32.78 -44.22
N VAL D 441 23.65 -31.63 -44.57
CA VAL D 441 22.60 -31.59 -45.58
C VAL D 441 23.22 -31.88 -46.95
N LYS D 442 22.79 -32.98 -47.56
CA LYS D 442 23.42 -33.47 -48.79
C LYS D 442 23.05 -32.66 -50.04
N ASP D 443 24.02 -32.53 -50.93
CA ASP D 443 23.91 -31.75 -52.16
C ASP D 443 23.32 -30.36 -51.98
N ARG D 444 23.80 -29.65 -50.96
CA ARG D 444 23.44 -28.25 -50.74
C ARG D 444 24.68 -27.40 -50.47
N VAL D 445 25.51 -27.26 -51.50
CA VAL D 445 26.68 -26.41 -51.45
C VAL D 445 26.29 -24.97 -51.82
N LEU D 446 26.52 -24.05 -50.89
CA LEU D 446 26.17 -22.64 -51.08
C LEU D 446 27.33 -21.88 -51.73
N GLU D 447 27.20 -20.56 -51.79
CA GLU D 447 28.25 -19.72 -52.38
C GLU D 447 29.42 -19.52 -51.42
N GLN D 448 30.57 -19.12 -51.97
CA GLN D 448 31.76 -18.82 -51.17
C GLN D 448 31.47 -17.69 -50.18
N GLY D 449 31.50 -18.03 -48.90
CA GLY D 449 31.31 -17.05 -47.83
C GLY D 449 29.89 -16.64 -47.54
N GLN D 450 28.91 -17.42 -48.02
CA GLN D 450 27.50 -17.16 -47.73
C GLN D 450 27.23 -17.39 -46.24
N LEU D 451 26.44 -16.49 -45.65
CA LEU D 451 26.16 -16.52 -44.21
C LEU D 451 24.75 -17.01 -43.89
N THR D 452 23.80 -16.66 -44.77
CA THR D 452 22.38 -16.93 -44.52
C THR D 452 21.69 -17.61 -45.70
N VAL D 453 20.69 -18.42 -45.38
CA VAL D 453 19.87 -19.09 -46.39
C VAL D 453 18.44 -18.58 -46.42
CA CA E . -18.14 19.96 8.04
S SO4 F . -34.68 48.29 9.34
O1 SO4 F . -34.14 49.28 8.41
O2 SO4 F . -36.10 48.10 9.14
O3 SO4 F . -33.99 47.05 9.08
O4 SO4 F . -34.48 48.73 10.70
CA CA G . -10.32 2.15 28.21
S SO4 H . -26.54 9.41 31.88
O1 SO4 H . -26.66 10.85 31.93
O2 SO4 H . -27.39 8.94 30.80
O3 SO4 H . -25.20 8.97 31.58
O4 SO4 H . -26.90 8.82 33.17
S SO4 I . -24.05 -37.17 32.11
O1 SO4 I . -24.40 -36.59 30.80
O2 SO4 I . -24.52 -38.55 32.15
O3 SO4 I . -22.61 -37.18 32.28
O4 SO4 I . -24.61 -36.42 33.22
S SO4 J . -30.52 -4.81 52.81
O1 SO4 J . -31.17 -3.62 52.29
O2 SO4 J . -31.52 -5.86 52.93
O3 SO4 J . -29.44 -5.21 51.94
O4 SO4 J . -29.98 -4.54 54.13
CA CA K . 17.38 27.34 -10.19
C1 PGE L . 21.75 20.65 9.04
O1 PGE L . 20.49 21.33 9.02
C2 PGE L . 21.57 19.34 8.31
O2 PGE L . 22.60 19.24 7.36
C3 PGE L . 22.14 18.51 6.24
C4 PGE L . 22.66 19.18 4.98
O4 PGE L . 21.45 22.79 3.00
C6 PGE L . 20.87 21.51 3.29
C5 PGE L . 21.89 20.41 3.16
O3 PGE L . 21.61 19.35 4.05
CA CA M . 48.81 -27.87 -21.56
S SO4 N . 37.48 -40.94 -45.41
O1 SO4 N . 37.89 -39.71 -46.10
O2 SO4 N . 36.13 -40.72 -44.91
O3 SO4 N . 37.48 -42.07 -46.31
O4 SO4 N . 38.42 -41.21 -44.35
#